data_9NS6
#
_entry.id   9NS6
#
_cell.length_a   95.593
_cell.length_b   95.593
_cell.length_c   193.400
_cell.angle_alpha   90.000
_cell.angle_beta   90.000
_cell.angle_gamma   120.000
#
_symmetry.space_group_name_H-M   'P 32'
#
_entity_poly.entity_id   1
_entity_poly.type   'polypeptide(L)'
_entity_poly.pdbx_seq_one_letter_code
;MSALPELRELIASFVSEEPPEIRRIRTGTVPDLPGSYGQYFTAWDFSNSIVRDYAMNLYQLTRLATDESVSVENLLTVFR
TLDPIYSTFLGYNGFPVLAEYAQRVGQPAESRAELLDRLTTFTEYVNRLTAWSHHYFPWDLGGERYRYAAEEVAAQAAEA
AAASPSVDSVDSLGDPSQRIPVRLTWQPLGVQVDAEIYADLNPQLATDVLKALPFTVLQDHAVVSGESMYAWAPLVSVAP
TPVRERICDAPVGRLRFSQATGNKVIVQYGPTTETLSSPVLGKVVDSHADRLAEVGKAVWESTFSSKEPVWLTVERL
;
_entity_poly.pdbx_strand_id   A,B,C,D,E,F
#
# COMPACT_ATOMS: atom_id res chain seq x y z
N MET A 1 -52.12 -33.81 1.81
CA MET A 1 -52.53 -33.30 3.15
C MET A 1 -51.62 -32.13 3.55
N SER A 2 -51.25 -32.05 4.82
CA SER A 2 -50.32 -31.00 5.28
C SER A 2 -49.04 -31.66 5.78
N ALA A 3 -47.89 -31.21 5.29
CA ALA A 3 -46.60 -31.81 5.70
C ALA A 3 -46.44 -31.68 7.21
N LEU A 4 -46.26 -30.44 7.68
CA LEU A 4 -46.11 -30.19 9.13
C LEU A 4 -47.23 -29.24 9.53
N PRO A 5 -48.38 -29.76 9.96
CA PRO A 5 -49.56 -28.90 10.24
C PRO A 5 -49.25 -27.86 11.31
N GLU A 6 -48.42 -28.20 12.27
CA GLU A 6 -48.14 -27.24 13.36
C GLU A 6 -47.37 -26.05 12.80
N LEU A 7 -46.64 -26.26 11.72
CA LEU A 7 -45.90 -25.14 11.08
C LEU A 7 -46.86 -24.20 10.35
N ARG A 8 -47.88 -24.75 9.68
CA ARG A 8 -48.77 -23.87 8.89
C ARG A 8 -49.47 -22.87 9.83
N GLU A 9 -49.85 -23.29 11.03
CA GLU A 9 -50.45 -22.29 11.95
C GLU A 9 -49.38 -21.30 12.39
N LEU A 10 -48.12 -21.72 12.45
CA LEU A 10 -47.05 -20.75 12.80
C LEU A 10 -46.81 -19.78 11.62
N ILE A 11 -46.86 -20.27 10.39
CA ILE A 11 -46.70 -19.33 9.26
C ILE A 11 -47.88 -18.34 9.28
N ALA A 12 -49.08 -18.83 9.59
CA ALA A 12 -50.26 -17.94 9.65
C ALA A 12 -50.12 -16.96 10.81
N SER A 13 -49.60 -17.43 11.94
CA SER A 13 -49.46 -16.54 13.11
C SER A 13 -48.40 -15.46 12.84
N PHE A 14 -47.36 -15.81 12.09
CA PHE A 14 -46.21 -14.87 11.96
C PHE A 14 -46.32 -13.93 10.77
N VAL A 15 -47.34 -14.06 9.92
CA VAL A 15 -47.49 -13.04 8.85
C VAL A 15 -47.92 -11.72 9.51
N SER A 16 -48.64 -11.81 10.63
CA SER A 16 -49.15 -10.59 11.32
C SER A 16 -48.46 -10.38 12.68
N GLU A 17 -48.08 -11.45 13.38
CA GLU A 17 -47.53 -11.25 14.76
C GLU A 17 -46.03 -11.55 14.77
N GLU A 18 -45.31 -10.86 15.65
CA GLU A 18 -43.84 -11.06 15.74
C GLU A 18 -43.53 -12.41 16.40
N PRO A 19 -42.64 -13.21 15.81
CA PRO A 19 -42.23 -14.49 16.44
C PRO A 19 -41.51 -14.21 17.75
N PRO A 20 -41.65 -15.09 18.75
CA PRO A 20 -40.98 -14.90 20.06
C PRO A 20 -39.46 -14.94 19.89
N GLU A 21 -38.97 -15.62 18.87
CA GLU A 21 -37.52 -15.75 18.66
C GLU A 21 -36.89 -14.38 18.35
N ILE A 22 -37.43 -13.69 17.34
CA ILE A 22 -36.86 -12.36 16.97
C ILE A 22 -36.90 -11.44 18.19
N ARG A 23 -37.90 -11.60 19.05
CA ARG A 23 -37.98 -10.74 20.25
C ARG A 23 -36.82 -11.07 21.21
N ARG A 24 -36.65 -12.35 21.55
CA ARG A 24 -35.63 -12.71 22.56
C ARG A 24 -34.21 -12.42 22.03
N ILE A 25 -34.00 -12.55 20.72
CA ILE A 25 -32.66 -12.24 20.16
C ILE A 25 -32.42 -10.73 20.21
N ARG A 26 -33.38 -9.94 19.76
CA ARG A 26 -33.18 -8.47 19.69
C ARG A 26 -33.15 -7.85 21.09
N THR A 27 -33.67 -8.57 22.10
CA THR A 27 -33.70 -8.02 23.48
C THR A 27 -32.58 -8.63 24.30
N GLY A 28 -31.79 -9.53 23.72
CA GLY A 28 -30.65 -10.14 24.43
C GLY A 28 -31.06 -11.11 25.51
N THR A 29 -32.20 -11.78 25.34
CA THR A 29 -32.67 -12.76 26.35
C THR A 29 -32.68 -14.17 25.77
N VAL A 30 -31.83 -14.45 24.79
CA VAL A 30 -31.77 -15.86 24.30
C VAL A 30 -31.36 -16.75 25.46
N PRO A 31 -32.00 -17.91 25.66
CA PRO A 31 -31.73 -18.75 26.86
C PRO A 31 -30.25 -19.12 27.04
N ASP A 32 -29.58 -19.61 26.00
CA ASP A 32 -28.18 -20.09 26.18
C ASP A 32 -27.23 -18.91 26.36
N LEU A 33 -27.66 -17.71 25.98
CA LEU A 33 -26.82 -16.48 26.09
C LEU A 33 -25.69 -16.55 25.06
N PRO A 34 -25.97 -16.50 23.77
CA PRO A 34 -24.91 -16.46 22.75
C PRO A 34 -24.21 -15.11 22.76
N GLY A 35 -23.00 -15.10 22.21
CA GLY A 35 -22.23 -13.84 22.21
C GLY A 35 -21.00 -13.97 23.07
N SER A 36 -19.94 -13.25 22.70
CA SER A 36 -18.66 -13.33 23.43
C SER A 36 -18.43 -12.07 24.26
N TYR A 37 -18.03 -12.25 25.52
CA TYR A 37 -17.63 -11.11 26.39
C TYR A 37 -18.77 -10.14 26.66
N GLY A 38 -19.81 -10.60 27.35
CA GLY A 38 -20.87 -9.72 27.85
C GLY A 38 -21.80 -9.08 26.84
N GLN A 39 -21.60 -9.30 25.53
CA GLN A 39 -22.45 -8.57 24.55
C GLN A 39 -23.06 -9.56 23.56
N TYR A 40 -24.26 -9.25 23.07
CA TYR A 40 -24.98 -10.19 22.18
C TYR A 40 -25.22 -9.59 20.77
N PHE A 41 -24.61 -8.45 20.46
CA PHE A 41 -24.80 -7.89 19.10
C PHE A 41 -24.21 -8.82 18.04
N THR A 42 -23.07 -9.44 18.32
CA THR A 42 -22.44 -10.33 17.34
C THR A 42 -23.30 -11.57 17.12
N ALA A 43 -23.82 -12.15 18.20
CA ALA A 43 -24.75 -13.29 18.03
C ALA A 43 -25.99 -12.82 17.27
N TRP A 44 -26.40 -11.57 17.49
CA TRP A 44 -27.53 -11.01 16.73
C TRP A 44 -27.18 -10.98 15.26
N ASP A 45 -25.96 -10.53 14.94
CA ASP A 45 -25.49 -10.52 13.55
C ASP A 45 -25.52 -11.93 12.96
N PHE A 46 -25.21 -12.93 13.77
CA PHE A 46 -25.18 -14.31 13.23
C PHE A 46 -26.59 -14.87 13.12
N SER A 47 -27.50 -14.44 13.96
CA SER A 47 -28.89 -14.95 13.81
C SER A 47 -29.54 -14.29 12.59
N ASN A 48 -29.35 -12.99 12.45
CA ASN A 48 -29.92 -12.28 11.28
C ASN A 48 -29.36 -12.91 9.99
N SER A 49 -28.05 -13.14 9.95
CA SER A 49 -27.42 -13.61 8.68
C SER A 49 -27.68 -15.09 8.43
N ILE A 50 -27.50 -15.93 9.45
CA ILE A 50 -27.61 -17.39 9.20
C ILE A 50 -29.07 -17.75 8.85
N VAL A 51 -30.02 -17.11 9.51
CA VAL A 51 -31.46 -17.43 9.25
C VAL A 51 -31.80 -16.96 7.82
N ARG A 52 -31.04 -15.99 7.31
CA ARG A 52 -31.29 -15.46 5.93
C ARG A 52 -30.69 -16.43 4.91
N ASP A 53 -29.42 -16.80 5.10
CA ASP A 53 -28.74 -17.69 4.12
C ASP A 53 -29.32 -19.10 4.24
N TYR A 54 -29.70 -19.53 5.44
CA TYR A 54 -30.37 -20.84 5.59
C TYR A 54 -31.61 -20.84 4.71
N ALA A 55 -32.36 -19.74 4.74
CA ALA A 55 -33.60 -19.68 3.93
C ALA A 55 -33.27 -19.80 2.45
N MET A 56 -32.16 -19.21 2.02
CA MET A 56 -31.75 -19.35 0.59
C MET A 56 -31.38 -20.81 0.31
N ASN A 57 -30.67 -21.46 1.24
CA ASN A 57 -30.37 -22.90 1.05
C ASN A 57 -31.67 -23.68 0.95
N LEU A 58 -32.59 -23.46 1.88
CA LEU A 58 -33.85 -24.24 1.88
C LEU A 58 -34.62 -24.02 0.58
N TYR A 59 -34.64 -22.80 0.06
CA TYR A 59 -35.46 -22.56 -1.15
C TYR A 59 -34.91 -23.35 -2.34
N GLN A 60 -33.59 -23.34 -2.51
CA GLN A 60 -32.99 -24.09 -3.64
C GLN A 60 -33.15 -25.59 -3.42
N LEU A 61 -33.22 -26.03 -2.16
CA LEU A 61 -33.50 -27.45 -1.90
C LEU A 61 -34.96 -27.75 -2.28
N THR A 62 -35.85 -26.78 -2.07
CA THR A 62 -37.24 -26.96 -2.53
C THR A 62 -37.27 -27.03 -4.06
N ARG A 63 -36.51 -26.16 -4.74
CA ARG A 63 -36.47 -26.26 -6.21
C ARG A 63 -35.88 -27.61 -6.64
N LEU A 64 -34.99 -28.17 -5.83
CA LEU A 64 -34.40 -29.47 -6.21
C LEU A 64 -35.40 -30.61 -6.01
N ALA A 65 -36.36 -30.46 -5.10
CA ALA A 65 -37.37 -31.54 -4.96
C ALA A 65 -38.29 -31.59 -6.17
N THR A 66 -38.22 -30.58 -7.05
CA THR A 66 -38.98 -30.64 -8.32
C THR A 66 -38.14 -31.26 -9.42
N ASP A 67 -36.82 -31.17 -9.32
CA ASP A 67 -35.95 -31.73 -10.38
C ASP A 67 -36.04 -33.25 -10.33
N GLU A 68 -36.38 -33.85 -11.47
CA GLU A 68 -36.58 -35.32 -11.50
C GLU A 68 -35.30 -36.05 -11.94
N SER A 69 -34.29 -35.30 -12.38
CA SER A 69 -32.97 -35.92 -12.71
C SER A 69 -32.24 -36.27 -11.41
N VAL A 70 -32.45 -35.46 -10.37
CA VAL A 70 -31.80 -35.75 -9.06
C VAL A 70 -32.65 -36.80 -8.34
N SER A 71 -31.98 -37.82 -7.82
CA SER A 71 -32.76 -38.91 -7.16
C SER A 71 -33.36 -38.38 -5.84
N VAL A 72 -34.42 -39.03 -5.38
CA VAL A 72 -35.09 -38.53 -4.16
C VAL A 72 -34.19 -38.75 -2.94
N GLU A 73 -33.68 -39.96 -2.76
CA GLU A 73 -32.79 -40.21 -1.60
C GLU A 73 -31.47 -39.47 -1.78
N ASN A 74 -31.04 -39.29 -3.03
CA ASN A 74 -29.82 -38.47 -3.27
C ASN A 74 -30.06 -37.06 -2.74
N LEU A 75 -31.23 -36.49 -3.00
CA LEU A 75 -31.55 -35.14 -2.49
C LEU A 75 -31.62 -35.16 -0.96
N LEU A 76 -32.17 -36.23 -0.38
CA LEU A 76 -32.23 -36.31 1.10
C LEU A 76 -30.81 -36.33 1.66
N THR A 77 -29.88 -36.95 0.94
CA THR A 77 -28.46 -36.97 1.37
C THR A 77 -27.93 -35.55 1.35
N VAL A 78 -28.12 -34.85 0.23
CA VAL A 78 -27.60 -33.45 0.09
C VAL A 78 -28.20 -32.59 1.21
N PHE A 79 -29.49 -32.75 1.50
CA PHE A 79 -30.16 -31.94 2.55
C PHE A 79 -29.52 -32.25 3.91
N ARG A 80 -29.17 -33.51 4.14
CA ARG A 80 -28.64 -33.91 5.48
C ARG A 80 -27.15 -33.58 5.60
N THR A 81 -26.65 -32.65 4.78
CA THR A 81 -25.23 -32.21 4.91
C THR A 81 -25.19 -30.72 5.19
N LEU A 82 -25.77 -29.92 4.29
CA LEU A 82 -25.73 -28.44 4.43
C LEU A 82 -26.69 -27.97 5.54
N ASP A 83 -27.88 -28.57 5.62
CA ASP A 83 -28.90 -28.11 6.61
C ASP A 83 -28.42 -28.29 8.05
N PRO A 84 -27.91 -29.46 8.48
CA PRO A 84 -27.55 -29.71 9.91
C PRO A 84 -26.69 -28.61 10.49
N ILE A 85 -25.58 -28.27 9.83
CA ILE A 85 -24.63 -27.25 10.40
C ILE A 85 -25.42 -25.96 10.67
N TYR A 86 -26.24 -25.51 9.72
CA TYR A 86 -27.02 -24.26 9.89
C TYR A 86 -28.04 -24.44 11.00
N SER A 87 -28.72 -25.59 11.03
CA SER A 87 -29.82 -25.79 12.01
C SER A 87 -29.31 -25.74 13.45
N THR A 88 -28.43 -26.67 13.85
CA THR A 88 -28.01 -26.73 15.26
C THR A 88 -27.39 -25.41 15.70
N PHE A 89 -26.69 -24.72 14.80
CA PHE A 89 -26.16 -23.40 15.22
C PHE A 89 -27.29 -22.41 15.42
N LEU A 90 -28.31 -22.45 14.56
CA LEU A 90 -29.48 -21.57 14.77
C LEU A 90 -30.25 -22.00 16.01
N GLY A 91 -30.34 -23.32 16.25
CA GLY A 91 -30.97 -23.78 17.49
C GLY A 91 -30.25 -23.24 18.71
N TYR A 92 -28.93 -23.14 18.65
CA TYR A 92 -28.21 -22.52 19.78
C TYR A 92 -28.36 -21.01 19.77
N ASN A 93 -28.44 -20.41 18.57
CA ASN A 93 -28.49 -18.94 18.44
C ASN A 93 -29.92 -18.39 18.34
N GLY A 94 -30.84 -18.89 19.16
CA GLY A 94 -32.17 -18.26 19.25
C GLY A 94 -33.25 -18.79 18.32
N PHE A 95 -33.05 -19.96 17.72
CA PHE A 95 -34.11 -20.57 16.87
C PHE A 95 -34.24 -22.04 17.21
N PRO A 96 -34.69 -22.39 18.42
CA PRO A 96 -34.75 -23.81 18.85
C PRO A 96 -35.72 -24.63 18.01
N VAL A 97 -36.94 -24.14 17.81
CA VAL A 97 -37.94 -24.94 17.05
C VAL A 97 -37.49 -25.07 15.59
N LEU A 98 -36.81 -24.05 15.05
CA LEU A 98 -36.27 -24.18 13.68
C LEU A 98 -35.34 -25.40 13.62
N ALA A 99 -34.51 -25.60 14.64
CA ALA A 99 -33.59 -26.74 14.64
C ALA A 99 -34.37 -28.05 14.70
N GLU A 100 -35.42 -28.10 15.52
CA GLU A 100 -36.17 -29.36 15.71
C GLU A 100 -36.87 -29.79 14.40
N TYR A 101 -37.50 -28.84 13.71
CA TYR A 101 -38.23 -29.21 12.47
C TYR A 101 -37.26 -29.54 11.32
N ALA A 102 -36.01 -29.08 11.39
CA ALA A 102 -35.08 -29.37 10.29
C ALA A 102 -34.80 -30.88 10.21
N GLN A 103 -34.60 -31.52 11.37
CA GLN A 103 -34.42 -32.99 11.35
C GLN A 103 -35.68 -33.67 10.76
N ARG A 104 -36.87 -33.11 11.03
CA ARG A 104 -38.07 -33.76 10.49
C ARG A 104 -38.07 -33.68 8.96
N VAL A 105 -37.44 -32.65 8.39
CA VAL A 105 -37.33 -32.62 6.91
C VAL A 105 -36.28 -33.68 6.48
N GLY A 106 -35.23 -33.86 7.28
CA GLY A 106 -34.17 -34.80 6.90
C GLY A 106 -34.55 -36.25 7.15
N GLN A 107 -35.81 -36.60 6.88
CA GLN A 107 -36.30 -37.97 7.13
C GLN A 107 -36.58 -38.67 5.79
N PRO A 108 -36.39 -40.00 5.66
CA PRO A 108 -36.67 -40.76 4.41
C PRO A 108 -38.18 -40.99 4.28
N ALA A 109 -38.98 -40.21 4.99
CA ALA A 109 -40.46 -40.37 4.95
C ALA A 109 -40.93 -40.37 3.50
N GLU A 110 -41.54 -41.47 3.05
CA GLU A 110 -42.09 -41.55 1.66
C GLU A 110 -41.05 -41.06 0.64
N SER A 111 -41.50 -40.30 -0.36
CA SER A 111 -40.59 -39.76 -1.41
C SER A 111 -41.31 -38.63 -2.16
N ARG A 112 -40.69 -37.46 -2.25
CA ARG A 112 -41.31 -36.27 -2.93
C ARG A 112 -42.50 -35.77 -2.10
N ALA A 113 -43.39 -36.65 -1.67
CA ALA A 113 -44.51 -36.23 -0.78
C ALA A 113 -43.92 -35.50 0.42
N GLU A 114 -42.88 -36.08 1.04
CA GLU A 114 -42.24 -35.44 2.21
C GLU A 114 -40.94 -34.72 1.78
N LEU A 115 -40.81 -34.41 0.49
CA LEU A 115 -39.63 -33.63 0.04
C LEU A 115 -40.12 -32.23 -0.37
N LEU A 116 -40.94 -32.16 -1.42
CA LEU A 116 -41.45 -30.87 -1.92
C LEU A 116 -42.23 -30.16 -0.79
N ASP A 117 -43.37 -30.72 -0.38
CA ASP A 117 -44.22 -30.03 0.62
C ASP A 117 -43.42 -29.70 1.88
N ARG A 118 -42.70 -30.68 2.45
CA ARG A 118 -41.99 -30.43 3.73
C ARG A 118 -41.10 -29.18 3.58
N LEU A 119 -40.23 -29.17 2.57
CA LEU A 119 -39.35 -27.99 2.34
C LEU A 119 -40.23 -26.74 2.17
N THR A 120 -41.15 -26.75 1.20
CA THR A 120 -42.05 -25.60 0.98
C THR A 120 -42.49 -25.05 2.31
N THR A 121 -43.16 -25.87 3.14
CA THR A 121 -43.67 -25.41 4.44
C THR A 121 -42.52 -24.86 5.26
N PHE A 122 -41.45 -25.63 5.39
CA PHE A 122 -40.32 -25.20 6.26
C PHE A 122 -39.67 -23.95 5.68
N THR A 123 -39.53 -23.90 4.35
CA THR A 123 -38.91 -22.73 3.69
C THR A 123 -39.75 -21.49 3.94
N GLU A 124 -41.07 -21.61 3.80
CA GLU A 124 -41.96 -20.46 4.08
C GLU A 124 -41.84 -20.07 5.57
N TYR A 125 -41.67 -21.07 6.44
CA TYR A 125 -41.50 -20.78 7.88
C TYR A 125 -40.23 -19.97 8.11
N VAL A 126 -39.10 -20.45 7.58
CA VAL A 126 -37.81 -19.76 7.86
C VAL A 126 -37.78 -18.42 7.12
N ASN A 127 -38.45 -18.30 5.97
CA ASN A 127 -38.48 -16.98 5.31
C ASN A 127 -39.31 -15.98 6.13
N ARG A 128 -40.32 -16.45 6.85
CA ARG A 128 -41.08 -15.52 7.72
C ARG A 128 -40.23 -15.13 8.95
N LEU A 129 -39.43 -16.04 9.46
CA LEU A 129 -38.52 -15.64 10.58
C LEU A 129 -37.49 -14.63 10.04
N THR A 130 -36.97 -14.87 8.83
CA THR A 130 -35.99 -13.93 8.25
C THR A 130 -36.62 -12.57 8.00
N ALA A 131 -37.90 -12.55 7.64
CA ALA A 131 -38.59 -11.27 7.39
C ALA A 131 -38.53 -10.39 8.65
N TRP A 132 -38.84 -10.98 9.80
CA TRP A 132 -38.87 -10.17 11.03
C TRP A 132 -37.46 -9.81 11.48
N SER A 133 -36.48 -10.67 11.19
CA SER A 133 -35.08 -10.36 11.55
C SER A 133 -34.55 -9.20 10.70
N HIS A 134 -34.87 -9.20 9.40
CA HIS A 134 -34.45 -8.07 8.55
C HIS A 134 -35.11 -6.77 9.04
N HIS A 135 -36.36 -6.89 9.49
CA HIS A 135 -37.06 -5.69 9.99
C HIS A 135 -36.43 -5.21 11.30
N TYR A 136 -36.18 -6.13 12.23
CA TYR A 136 -35.71 -5.71 13.58
C TYR A 136 -34.22 -5.87 13.76
N PHE A 137 -33.42 -5.60 12.72
CA PHE A 137 -31.95 -5.64 12.92
C PHE A 137 -31.44 -4.21 12.84
N PRO A 138 -30.56 -3.78 13.74
CA PRO A 138 -30.11 -2.36 13.78
C PRO A 138 -29.14 -2.00 12.67
N TRP A 139 -29.66 -1.71 11.49
CA TRP A 139 -28.76 -1.27 10.39
C TRP A 139 -28.27 0.15 10.65
N ASP A 140 -28.83 0.83 11.64
CA ASP A 140 -28.48 2.25 11.92
C ASP A 140 -27.11 2.40 12.60
N LEU A 141 -26.53 1.34 13.15
CA LEU A 141 -25.24 1.51 13.86
C LEU A 141 -24.13 1.88 12.85
N GLY A 142 -24.18 1.31 11.65
CA GLY A 142 -23.17 1.67 10.64
C GLY A 142 -23.68 2.76 9.73
N VAL A 167 -32.57 0.75 -23.64
CA VAL A 167 -32.92 -0.70 -23.81
C VAL A 167 -34.38 -0.80 -24.24
N ASP A 168 -34.78 -1.95 -24.76
CA ASP A 168 -36.20 -2.15 -25.14
C ASP A 168 -37.07 -2.26 -23.89
N SER A 169 -38.38 -2.17 -24.08
CA SER A 169 -39.30 -2.18 -22.91
C SER A 169 -39.95 -3.54 -22.71
N VAL A 170 -39.97 -4.01 -21.46
CA VAL A 170 -40.73 -5.26 -21.18
C VAL A 170 -42.19 -4.84 -20.87
N ASP A 171 -42.39 -3.64 -20.34
CA ASP A 171 -43.76 -3.16 -20.02
C ASP A 171 -44.63 -3.13 -21.29
N SER A 172 -44.04 -2.77 -22.42
CA SER A 172 -44.81 -2.77 -23.69
C SER A 172 -44.96 -4.20 -24.22
N LEU A 173 -43.90 -5.00 -24.14
CA LEU A 173 -43.97 -6.40 -24.62
C LEU A 173 -45.04 -7.15 -23.82
N GLY A 174 -46.00 -7.73 -24.53
CA GLY A 174 -47.02 -8.53 -23.81
C GLY A 174 -48.45 -8.13 -24.10
N ASP A 175 -49.35 -9.12 -24.09
CA ASP A 175 -50.78 -8.88 -24.33
C ASP A 175 -51.34 -7.89 -23.31
N PRO A 176 -51.95 -6.78 -23.75
CA PRO A 176 -52.61 -5.85 -22.79
C PRO A 176 -53.79 -6.49 -22.07
N SER A 177 -54.29 -7.63 -22.55
CA SER A 177 -55.43 -8.29 -21.88
C SER A 177 -54.94 -9.13 -20.70
N GLN A 178 -53.63 -9.37 -20.63
CA GLN A 178 -53.08 -10.21 -19.55
C GLN A 178 -52.63 -9.34 -18.38
N ARG A 179 -53.07 -8.09 -18.34
CA ARG A 179 -52.71 -7.22 -17.19
C ARG A 179 -53.80 -7.37 -16.14
N ILE A 180 -53.40 -7.78 -14.94
CA ILE A 180 -54.38 -7.97 -13.83
C ILE A 180 -54.22 -6.78 -12.89
N PRO A 181 -55.26 -5.96 -12.72
CA PRO A 181 -55.11 -4.76 -11.90
C PRO A 181 -55.04 -5.14 -10.44
N VAL A 182 -54.15 -4.46 -9.71
CA VAL A 182 -54.05 -4.66 -8.25
C VAL A 182 -53.80 -3.28 -7.63
N ARG A 183 -54.00 -3.19 -6.33
CA ARG A 183 -53.79 -1.90 -5.63
C ARG A 183 -52.88 -2.17 -4.44
N LEU A 184 -51.88 -1.31 -4.26
CA LEU A 184 -50.97 -1.48 -3.10
C LEU A 184 -51.37 -0.44 -2.05
N THR A 185 -51.49 -0.89 -0.80
CA THR A 185 -51.92 0.00 0.30
C THR A 185 -50.95 -0.10 1.46
N TRP A 186 -50.38 1.04 1.87
CA TRP A 186 -49.44 1.06 3.00
C TRP A 186 -50.11 1.66 4.22
N GLN A 187 -50.24 0.89 5.29
CA GLN A 187 -50.77 1.48 6.55
C GLN A 187 -49.67 1.49 7.60
N PRO A 188 -49.62 2.48 8.51
CA PRO A 188 -50.61 3.59 8.64
C PRO A 188 -50.24 4.77 7.75
N LEU A 189 -49.69 4.49 6.58
CA LEU A 189 -49.36 5.60 5.65
C LEU A 189 -50.63 6.17 5.01
N GLY A 190 -51.58 5.30 4.66
CA GLY A 190 -52.79 5.78 3.98
C GLY A 190 -52.59 6.00 2.50
N VAL A 191 -51.54 5.41 1.91
CA VAL A 191 -51.24 5.63 0.47
C VAL A 191 -51.69 4.41 -0.36
N GLN A 192 -52.25 4.66 -1.53
CA GLN A 192 -52.71 3.56 -2.41
C GLN A 192 -52.22 3.83 -3.83
N VAL A 193 -51.37 2.93 -4.32
CA VAL A 193 -50.97 3.04 -5.75
C VAL A 193 -51.71 1.94 -6.50
N ASP A 194 -51.86 2.14 -7.80
CA ASP A 194 -52.52 1.13 -8.65
C ASP A 194 -51.46 0.50 -9.55
N ALA A 195 -51.40 -0.83 -9.56
CA ALA A 195 -50.36 -1.53 -10.36
C ALA A 195 -51.01 -2.43 -11.40
N GLU A 196 -50.17 -3.11 -12.17
CA GLU A 196 -50.68 -4.01 -13.22
C GLU A 196 -49.81 -5.29 -13.19
N ILE A 197 -50.45 -6.43 -12.96
CA ILE A 197 -49.70 -7.70 -12.91
C ILE A 197 -49.52 -8.22 -14.35
N TYR A 198 -48.29 -8.59 -14.70
CA TYR A 198 -48.01 -9.11 -16.06
C TYR A 198 -48.16 -10.62 -15.99
N ALA A 199 -49.34 -11.13 -16.35
CA ALA A 199 -49.63 -12.57 -16.17
C ALA A 199 -49.20 -13.44 -17.37
N ASP A 200 -48.86 -12.82 -18.50
CA ASP A 200 -48.48 -13.63 -19.68
C ASP A 200 -46.96 -13.74 -19.77
N LEU A 201 -46.24 -12.87 -19.07
CA LEU A 201 -44.76 -12.89 -19.10
C LEU A 201 -44.29 -14.09 -18.27
N ASN A 202 -44.62 -14.12 -16.98
CA ASN A 202 -44.30 -15.29 -16.13
C ASN A 202 -45.65 -15.88 -15.73
N PRO A 203 -46.24 -16.75 -16.54
CA PRO A 203 -47.62 -17.26 -16.26
C PRO A 203 -47.73 -17.92 -14.89
N GLN A 204 -46.97 -18.98 -14.64
CA GLN A 204 -47.14 -19.69 -13.35
C GLN A 204 -46.69 -18.79 -12.18
N LEU A 205 -45.68 -17.96 -12.40
CA LEU A 205 -45.24 -17.05 -11.32
C LEU A 205 -46.38 -16.08 -10.97
N ALA A 206 -46.99 -15.48 -11.99
CA ALA A 206 -48.12 -14.55 -11.73
C ALA A 206 -49.29 -15.32 -11.11
N THR A 207 -49.56 -16.52 -11.61
CA THR A 207 -50.63 -17.34 -11.02
C THR A 207 -50.32 -17.62 -9.55
N ASP A 208 -49.06 -17.91 -9.24
CA ASP A 208 -48.68 -18.21 -7.84
C ASP A 208 -48.90 -16.99 -6.95
N VAL A 209 -48.68 -15.80 -7.49
CA VAL A 209 -48.84 -14.58 -6.65
C VAL A 209 -50.33 -14.22 -6.53
N LEU A 210 -51.07 -14.33 -7.64
CA LEU A 210 -52.50 -13.96 -7.61
C LEU A 210 -53.28 -14.94 -6.72
N LYS A 211 -52.89 -16.23 -6.69
CA LYS A 211 -53.62 -17.15 -5.80
C LYS A 211 -53.30 -16.84 -4.33
N ALA A 212 -52.18 -16.17 -4.05
CA ALA A 212 -51.86 -15.78 -2.67
C ALA A 212 -52.56 -14.47 -2.29
N LEU A 213 -53.09 -13.76 -3.29
CA LEU A 213 -53.76 -12.47 -3.01
C LEU A 213 -55.13 -12.73 -2.36
N PRO A 214 -55.58 -11.87 -1.45
CA PRO A 214 -54.82 -10.69 -0.93
C PRO A 214 -53.99 -11.04 0.30
N PHE A 215 -52.94 -10.26 0.55
CA PHE A 215 -52.17 -10.50 1.80
C PHE A 215 -51.71 -9.18 2.38
N THR A 216 -51.62 -9.13 3.71
CA THR A 216 -51.07 -7.94 4.39
C THR A 216 -49.83 -8.42 5.14
N VAL A 217 -48.66 -7.95 4.71
CA VAL A 217 -47.40 -8.39 5.36
C VAL A 217 -46.57 -7.15 5.72
N LEU A 218 -45.60 -7.35 6.60
CA LEU A 218 -44.78 -6.22 7.05
C LEU A 218 -43.93 -5.69 5.88
N GLN A 219 -43.83 -4.37 5.79
CA GLN A 219 -43.06 -3.77 4.69
C GLN A 219 -41.68 -3.35 5.19
N ASP A 220 -40.65 -3.76 4.45
CA ASP A 220 -39.25 -3.39 4.81
C ASP A 220 -38.55 -2.84 3.57
N HIS A 221 -37.46 -2.13 3.81
CA HIS A 221 -36.74 -1.48 2.68
C HIS A 221 -35.52 -2.32 2.33
N ALA A 222 -35.07 -2.20 1.08
CA ALA A 222 -33.81 -2.85 0.69
C ALA A 222 -32.67 -2.14 1.42
N VAL A 223 -31.65 -2.91 1.82
CA VAL A 223 -30.56 -2.30 2.62
C VAL A 223 -29.27 -2.17 1.78
N VAL A 224 -29.17 -2.92 0.70
CA VAL A 224 -27.96 -2.83 -0.16
C VAL A 224 -28.37 -2.37 -1.56
N SER A 225 -29.62 -2.61 -1.94
CA SER A 225 -29.98 -2.31 -3.35
C SER A 225 -30.20 -0.82 -3.60
N GLY A 226 -30.46 -0.03 -2.56
CA GLY A 226 -30.75 1.39 -2.82
C GLY A 226 -32.21 1.71 -2.58
N GLU A 227 -32.81 2.57 -3.40
CA GLU A 227 -34.21 3.01 -3.16
C GLU A 227 -35.15 1.92 -3.68
N SER A 228 -35.38 0.92 -2.83
CA SER A 228 -36.29 -0.19 -3.17
C SER A 228 -36.92 -0.71 -1.89
N MET A 229 -38.11 -1.32 -2.03
CA MET A 229 -38.80 -1.89 -0.86
C MET A 229 -39.22 -3.33 -1.17
N TYR A 230 -39.03 -4.24 -0.20
CA TYR A 230 -39.53 -5.63 -0.41
C TYR A 230 -40.29 -6.10 0.81
N ALA A 231 -41.27 -6.98 0.58
CA ALA A 231 -42.07 -7.58 1.67
C ALA A 231 -42.22 -9.08 1.39
N TRP A 232 -41.96 -9.89 2.41
CA TRP A 232 -42.07 -11.36 2.24
C TRP A 232 -43.54 -11.73 2.04
N ALA A 233 -43.84 -12.27 0.86
CA ALA A 233 -45.23 -12.68 0.58
C ALA A 233 -45.46 -14.09 1.10
N PRO A 234 -46.68 -14.42 1.54
CA PRO A 234 -47.00 -15.74 2.15
C PRO A 234 -47.16 -16.85 1.11
N LEU A 235 -46.09 -17.13 0.36
CA LEU A 235 -46.15 -18.26 -0.60
C LEU A 235 -44.74 -18.74 -0.89
N VAL A 236 -44.64 -19.89 -1.56
CA VAL A 236 -43.32 -20.42 -2.00
C VAL A 236 -43.44 -20.76 -3.48
N SER A 237 -43.45 -19.73 -4.32
CA SER A 237 -43.57 -19.95 -5.77
C SER A 237 -42.36 -20.72 -6.28
N VAL A 238 -42.60 -21.85 -6.94
CA VAL A 238 -41.49 -22.60 -7.60
C VAL A 238 -41.68 -22.48 -9.12
N ALA A 239 -42.41 -21.44 -9.56
CA ALA A 239 -42.72 -21.27 -10.99
C ALA A 239 -41.51 -20.85 -11.79
N PRO A 240 -41.43 -21.27 -13.06
CA PRO A 240 -40.34 -20.80 -13.96
C PRO A 240 -40.46 -19.31 -14.18
N THR A 241 -39.32 -18.66 -14.45
CA THR A 241 -39.30 -17.21 -14.75
C THR A 241 -38.60 -16.98 -16.07
N PRO A 242 -39.30 -17.08 -17.19
CA PRO A 242 -38.70 -16.79 -18.52
C PRO A 242 -38.31 -15.33 -18.67
N VAL A 243 -39.08 -14.42 -18.09
CA VAL A 243 -38.79 -12.96 -18.24
C VAL A 243 -38.19 -12.42 -16.93
N ARG A 244 -36.93 -12.01 -16.99
CA ARG A 244 -36.25 -11.38 -15.81
C ARG A 244 -35.63 -10.05 -16.24
N GLU A 245 -35.70 -9.06 -15.36
CA GLU A 245 -35.14 -7.72 -15.68
C GLU A 245 -34.00 -7.38 -14.71
N ARG A 246 -32.94 -6.79 -15.23
CA ARG A 246 -31.84 -6.33 -14.35
C ARG A 246 -32.40 -5.28 -13.37
N ILE A 247 -32.05 -5.43 -12.10
CA ILE A 247 -32.61 -4.51 -11.05
C ILE A 247 -32.22 -3.05 -11.34
N CYS A 248 -30.92 -2.76 -11.40
CA CYS A 248 -30.48 -1.37 -11.67
C CYS A 248 -31.20 -0.80 -12.91
N ASP A 249 -31.62 -1.66 -13.84
CA ASP A 249 -32.28 -1.19 -15.09
C ASP A 249 -33.80 -1.18 -14.94
N ALA A 250 -34.30 -1.21 -13.71
CA ALA A 250 -35.76 -1.32 -13.53
C ALA A 250 -36.36 0.08 -13.46
N PRO A 251 -37.50 0.30 -14.13
CA PRO A 251 -38.14 1.63 -14.14
C PRO A 251 -38.72 1.95 -12.77
N VAL A 252 -39.10 3.21 -12.59
CA VAL A 252 -39.72 3.59 -11.31
C VAL A 252 -41.11 2.96 -11.22
N GLY A 253 -41.36 2.25 -10.13
CA GLY A 253 -42.64 1.53 -10.01
C GLY A 253 -42.52 0.06 -10.39
N ARG A 254 -41.31 -0.46 -10.54
CA ARG A 254 -41.18 -1.84 -11.03
C ARG A 254 -41.60 -2.85 -9.95
N LEU A 255 -42.40 -3.83 -10.38
CA LEU A 255 -42.81 -4.91 -9.45
C LEU A 255 -41.94 -6.14 -9.75
N ARG A 256 -41.18 -6.57 -8.77
CA ARG A 256 -40.37 -7.81 -8.94
C ARG A 256 -40.74 -8.81 -7.85
N PHE A 257 -40.77 -10.08 -8.21
CA PHE A 257 -40.99 -11.14 -7.20
C PHE A 257 -39.72 -11.98 -7.12
N SER A 258 -38.89 -11.68 -6.13
CA SER A 258 -37.63 -12.43 -5.97
C SER A 258 -37.92 -13.73 -5.19
N GLN A 259 -37.85 -14.85 -5.89
CA GLN A 259 -38.08 -16.16 -5.26
C GLN A 259 -36.86 -16.58 -4.45
N ALA A 260 -35.66 -16.25 -4.95
CA ALA A 260 -34.42 -16.71 -4.29
C ALA A 260 -34.21 -16.03 -2.95
N THR A 261 -34.62 -14.76 -2.82
CA THR A 261 -34.35 -14.04 -1.56
C THR A 261 -35.53 -14.12 -0.61
N GLY A 262 -36.42 -15.11 -0.78
CA GLY A 262 -37.51 -15.27 0.20
C GLY A 262 -38.90 -14.93 -0.29
N ASN A 263 -39.17 -15.13 -1.59
CA ASN A 263 -40.54 -14.93 -2.13
C ASN A 263 -41.05 -13.54 -1.75
N LYS A 264 -40.30 -12.52 -2.14
CA LYS A 264 -40.69 -11.16 -1.74
C LYS A 264 -41.29 -10.39 -2.90
N VAL A 265 -42.28 -9.56 -2.60
CA VAL A 265 -42.81 -8.64 -3.64
C VAL A 265 -42.00 -7.35 -3.48
N ILE A 266 -41.29 -6.98 -4.55
CA ILE A 266 -40.35 -5.82 -4.45
C ILE A 266 -40.90 -4.66 -5.28
N VAL A 267 -40.95 -3.48 -4.66
CA VAL A 267 -41.43 -2.27 -5.38
C VAL A 267 -40.25 -1.29 -5.43
N GLN A 268 -39.71 -1.07 -6.63
CA GLN A 268 -38.59 -0.11 -6.78
C GLN A 268 -39.15 1.29 -7.06
N TYR A 269 -38.74 2.27 -6.26
CA TYR A 269 -39.23 3.65 -6.47
C TYR A 269 -38.10 4.62 -6.84
N GLY A 270 -36.87 4.14 -7.05
CA GLY A 270 -35.81 5.07 -7.45
C GLY A 270 -34.59 4.35 -7.97
N PRO A 271 -33.46 5.05 -8.12
CA PRO A 271 -32.24 4.43 -8.67
C PRO A 271 -31.69 3.37 -7.73
N THR A 272 -31.31 2.22 -8.32
CA THR A 272 -30.72 1.11 -7.55
C THR A 272 -29.46 0.65 -8.28
N THR A 273 -28.54 0.02 -7.54
CA THR A 273 -27.25 -0.38 -8.15
C THR A 273 -27.14 -1.88 -8.39
N GLU A 274 -27.99 -2.69 -7.76
CA GLU A 274 -27.82 -4.16 -7.91
C GLU A 274 -27.97 -4.54 -9.38
N THR A 275 -27.00 -5.29 -9.89
CA THR A 275 -26.96 -5.63 -11.34
C THR A 275 -27.52 -7.01 -11.62
N LEU A 276 -28.32 -7.56 -10.72
CA LEU A 276 -28.79 -8.96 -10.94
C LEU A 276 -30.16 -8.97 -11.63
N SER A 277 -30.50 -10.11 -12.21
CA SER A 277 -31.81 -10.24 -12.90
C SER A 277 -32.83 -10.84 -11.93
N SER A 278 -33.90 -10.10 -11.65
CA SER A 278 -35.00 -10.60 -10.78
C SER A 278 -36.25 -10.75 -11.65
N PRO A 279 -37.15 -11.69 -11.33
CA PRO A 279 -38.36 -11.90 -12.12
C PRO A 279 -39.21 -10.65 -12.22
N VAL A 280 -39.89 -10.49 -13.35
CA VAL A 280 -40.75 -9.29 -13.58
C VAL A 280 -42.18 -9.65 -13.21
N LEU A 281 -42.78 -8.84 -12.33
CA LEU A 281 -44.18 -9.10 -11.91
C LEU A 281 -45.14 -8.09 -12.55
N GLY A 282 -44.73 -6.83 -12.69
CA GLY A 282 -45.61 -5.81 -13.26
C GLY A 282 -45.07 -4.42 -13.01
N LYS A 283 -45.96 -3.44 -12.95
CA LYS A 283 -45.50 -2.07 -12.67
C LYS A 283 -46.66 -1.21 -12.21
N VAL A 284 -46.37 -0.26 -11.33
CA VAL A 284 -47.40 0.71 -10.86
C VAL A 284 -47.70 1.73 -11.96
N VAL A 285 -48.97 2.07 -12.11
CA VAL A 285 -49.38 3.07 -13.14
C VAL A 285 -48.65 4.40 -12.91
N ASP A 286 -48.32 5.08 -14.00
CA ASP A 286 -47.50 6.32 -13.92
C ASP A 286 -48.18 7.38 -13.06
N SER A 287 -49.50 7.48 -13.13
CA SER A 287 -50.23 8.52 -12.36
C SER A 287 -49.98 8.34 -10.86
N HIS A 288 -49.62 7.12 -10.44
CA HIS A 288 -49.46 6.84 -9.00
C HIS A 288 -47.98 6.61 -8.67
N ALA A 289 -47.10 6.76 -9.66
CA ALA A 289 -45.66 6.53 -9.43
C ALA A 289 -45.03 7.64 -8.59
N ASP A 290 -45.65 8.82 -8.57
CA ASP A 290 -45.08 9.92 -7.75
C ASP A 290 -45.23 9.62 -6.27
N ARG A 291 -46.22 8.81 -5.89
CA ARG A 291 -46.47 8.59 -4.44
C ARG A 291 -45.57 7.49 -3.87
N LEU A 292 -44.64 6.96 -4.65
CA LEU A 292 -43.83 5.83 -4.12
C LEU A 292 -42.64 6.37 -3.32
N ALA A 293 -42.09 7.52 -3.72
CA ALA A 293 -40.92 8.09 -3.04
C ALA A 293 -41.21 8.36 -1.56
N GLU A 294 -42.37 8.94 -1.27
CA GLU A 294 -42.72 9.24 0.14
C GLU A 294 -42.82 7.92 0.92
N VAL A 295 -43.50 6.93 0.35
CA VAL A 295 -43.66 5.64 1.06
C VAL A 295 -42.27 5.03 1.32
N GLY A 296 -41.38 5.11 0.32
CA GLY A 296 -40.04 4.54 0.49
C GLY A 296 -39.24 5.26 1.55
N LYS A 297 -39.43 6.58 1.66
CA LYS A 297 -38.76 7.33 2.74
C LYS A 297 -39.26 6.84 4.10
N ALA A 298 -40.57 6.62 4.21
CA ALA A 298 -41.15 6.17 5.49
C ALA A 298 -40.75 4.72 5.77
N VAL A 299 -40.76 3.87 4.74
CA VAL A 299 -40.40 2.44 4.95
C VAL A 299 -38.89 2.32 5.20
N TRP A 300 -38.08 3.18 4.59
CA TRP A 300 -36.64 3.13 4.95
C TRP A 300 -36.49 3.58 6.40
N GLU A 301 -37.28 4.57 6.80
CA GLU A 301 -37.29 4.99 8.23
C GLU A 301 -37.76 3.82 9.10
N SER A 302 -38.61 2.96 8.55
CA SER A 302 -39.14 1.81 9.32
C SER A 302 -38.08 0.71 9.49
N THR A 303 -37.17 0.54 8.52
CA THR A 303 -36.15 -0.52 8.60
C THR A 303 -34.85 0.01 9.17
N PHE A 304 -34.54 1.29 8.94
CA PHE A 304 -33.21 1.78 9.36
C PHE A 304 -33.19 2.17 10.83
N SER A 305 -34.19 2.90 11.30
CA SER A 305 -34.07 3.45 12.68
C SER A 305 -35.34 3.26 13.51
N SER A 306 -36.47 3.75 13.01
CA SER A 306 -37.71 3.79 13.83
C SER A 306 -38.19 2.39 14.21
N LYS A 307 -38.12 1.43 13.29
CA LYS A 307 -38.67 0.07 13.56
C LYS A 307 -40.19 0.16 13.80
N GLU A 308 -40.83 1.17 13.21
CA GLU A 308 -42.29 1.28 13.35
C GLU A 308 -42.93 0.44 12.25
N PRO A 309 -43.87 -0.45 12.59
CA PRO A 309 -44.43 -1.39 11.60
C PRO A 309 -45.27 -0.70 10.52
N VAL A 310 -44.79 -0.78 9.28
CA VAL A 310 -45.56 -0.28 8.12
C VAL A 310 -46.07 -1.52 7.37
N TRP A 311 -47.39 -1.67 7.29
CA TRP A 311 -47.97 -2.87 6.65
C TRP A 311 -48.30 -2.61 5.20
N LEU A 312 -48.18 -3.66 4.39
CA LEU A 312 -48.49 -3.54 2.94
C LEU A 312 -49.61 -4.53 2.58
N THR A 313 -50.60 -4.04 1.85
CA THR A 313 -51.68 -4.94 1.37
C THR A 313 -51.68 -4.97 -0.15
N VAL A 314 -51.49 -6.17 -0.71
CA VAL A 314 -51.63 -6.31 -2.19
C VAL A 314 -52.97 -7.02 -2.43
N GLU A 315 -53.78 -6.44 -3.30
CA GLU A 315 -55.14 -7.00 -3.50
C GLU A 315 -55.52 -6.86 -4.98
N ARG A 316 -56.43 -7.69 -5.44
CA ARG A 316 -56.85 -7.60 -6.86
C ARG A 316 -58.04 -6.65 -7.00
N LEU A 317 -57.99 -5.79 -8.01
CA LEU A 317 -59.13 -4.88 -8.27
C LEU A 317 -60.05 -5.59 -9.28
N MET B 1 -2.57 -33.23 -11.42
CA MET B 1 -2.59 -31.77 -11.73
C MET B 1 -3.71 -31.10 -10.94
N SER B 2 -3.48 -29.88 -10.50
CA SER B 2 -4.53 -29.15 -9.76
C SER B 2 -5.61 -28.66 -10.73
N ALA B 3 -6.81 -28.44 -10.22
CA ALA B 3 -7.94 -28.02 -11.07
C ALA B 3 -7.80 -26.55 -11.48
N LEU B 4 -7.40 -25.70 -10.54
CA LEU B 4 -7.23 -24.26 -10.84
C LEU B 4 -5.95 -23.79 -10.15
N PRO B 5 -4.79 -23.92 -10.80
CA PRO B 5 -3.51 -23.56 -10.15
C PRO B 5 -3.44 -22.06 -9.85
N GLU B 6 -4.11 -21.23 -10.65
CA GLU B 6 -4.00 -19.77 -10.41
C GLU B 6 -4.73 -19.43 -9.10
N LEU B 7 -5.78 -20.20 -8.79
CA LEU B 7 -6.47 -20.02 -7.50
C LEU B 7 -5.56 -20.46 -6.37
N ARG B 8 -4.85 -21.57 -6.56
CA ARG B 8 -3.89 -22.07 -5.53
C ARG B 8 -2.83 -21.00 -5.28
N GLU B 9 -2.47 -20.23 -6.30
CA GLU B 9 -1.51 -19.13 -6.09
C GLU B 9 -2.15 -18.02 -5.25
N LEU B 10 -3.47 -17.81 -5.41
CA LEU B 10 -4.16 -16.76 -4.63
C LEU B 10 -4.30 -17.22 -3.17
N ILE B 11 -4.58 -18.51 -2.98
CA ILE B 11 -4.71 -19.06 -1.61
C ILE B 11 -3.37 -18.93 -0.87
N ALA B 12 -2.26 -19.18 -1.57
CA ALA B 12 -0.95 -19.08 -0.91
C ALA B 12 -0.64 -17.62 -0.55
N SER B 13 -0.96 -16.69 -1.44
CA SER B 13 -0.63 -15.27 -1.17
C SER B 13 -1.50 -14.70 -0.04
N PHE B 14 -2.72 -15.22 0.14
CA PHE B 14 -3.63 -14.58 1.12
C PHE B 14 -3.37 -15.05 2.55
N VAL B 15 -2.47 -16.01 2.74
CA VAL B 15 -2.16 -16.43 4.14
C VAL B 15 -1.48 -15.29 4.90
N SER B 16 -0.66 -14.50 4.21
CA SER B 16 0.08 -13.42 4.90
C SER B 16 -0.51 -12.07 4.51
N GLU B 17 -1.06 -11.97 3.30
CA GLU B 17 -1.53 -10.67 2.81
C GLU B 17 -3.06 -10.63 2.75
N GLU B 18 -3.60 -9.43 2.92
CA GLU B 18 -5.06 -9.25 2.85
C GLU B 18 -5.50 -9.27 1.39
N PRO B 19 -6.60 -9.96 1.06
CA PRO B 19 -7.10 -9.96 -0.31
C PRO B 19 -7.52 -8.56 -0.71
N PRO B 20 -7.37 -8.20 -2.00
CA PRO B 20 -7.73 -6.84 -2.45
C PRO B 20 -9.21 -6.57 -2.26
N GLU B 21 -10.05 -7.61 -2.28
CA GLU B 21 -11.49 -7.40 -2.03
C GLU B 21 -11.70 -6.91 -0.59
N ILE B 22 -11.17 -7.66 0.38
CA ILE B 22 -11.40 -7.32 1.81
C ILE B 22 -10.95 -5.89 2.09
N ARG B 23 -9.95 -5.40 1.37
CA ARG B 23 -9.54 -4.00 1.59
C ARG B 23 -10.65 -3.03 1.14
N ARG B 24 -11.12 -3.18 -0.09
CA ARG B 24 -12.10 -2.19 -0.60
C ARG B 24 -13.44 -2.28 0.16
N ILE B 25 -13.86 -3.47 0.57
CA ILE B 25 -15.17 -3.51 1.27
C ILE B 25 -15.06 -2.77 2.62
N ARG B 26 -13.96 -2.99 3.34
CA ARG B 26 -13.81 -2.34 4.66
C ARG B 26 -13.67 -0.82 4.51
N THR B 27 -13.27 -0.35 3.33
CA THR B 27 -13.09 1.10 3.10
C THR B 27 -14.20 1.68 2.24
N GLY B 28 -15.16 0.88 1.78
CA GLY B 28 -16.23 1.47 0.97
C GLY B 28 -15.77 1.85 -0.44
N THR B 29 -14.84 1.09 -1.00
CA THR B 29 -14.36 1.38 -2.37
C THR B 29 -14.94 0.37 -3.35
N VAL B 30 -16.09 -0.21 -3.01
CA VAL B 30 -16.76 -1.12 -3.98
C VAL B 30 -17.15 -0.28 -5.21
N PRO B 31 -16.91 -0.75 -6.42
CA PRO B 31 -17.13 0.08 -7.64
C PRO B 31 -18.53 0.67 -7.77
N ASP B 32 -19.59 -0.14 -7.72
CA ASP B 32 -20.95 0.39 -7.95
C ASP B 32 -21.55 0.99 -6.68
N LEU B 33 -20.74 1.12 -5.62
CA LEU B 33 -21.19 1.69 -4.32
C LEU B 33 -22.47 1.01 -3.84
N PRO B 34 -22.45 -0.25 -3.42
CA PRO B 34 -23.65 -0.89 -2.85
C PRO B 34 -23.94 -0.39 -1.45
N GLY B 35 -25.18 -0.61 -1.01
CA GLY B 35 -25.63 -0.12 0.32
C GLY B 35 -26.69 0.93 0.08
N SER B 36 -27.70 0.96 0.94
CA SER B 36 -28.80 1.95 0.76
C SER B 36 -28.41 3.29 1.36
N TYR B 37 -29.13 4.34 0.97
CA TYR B 37 -28.84 5.72 1.46
C TYR B 37 -27.41 6.08 1.04
N GLY B 38 -26.62 6.63 1.95
CA GLY B 38 -25.22 6.93 1.61
C GLY B 38 -24.28 6.06 2.42
N GLN B 39 -24.84 5.16 3.21
CA GLN B 39 -24.00 4.29 4.07
C GLN B 39 -23.68 2.98 3.35
N TYR B 40 -22.53 2.40 3.67
CA TYR B 40 -22.12 1.13 3.03
C TYR B 40 -21.94 0.01 4.07
N PHE B 41 -22.29 0.27 5.32
CA PHE B 41 -22.09 -0.77 6.36
C PHE B 41 -22.99 -1.97 6.07
N THR B 42 -24.18 -1.72 5.52
CA THR B 42 -25.08 -2.83 5.17
C THR B 42 -24.46 -3.70 4.09
N ALA B 43 -23.83 -3.08 3.10
CA ALA B 43 -23.12 -3.89 2.08
C ALA B 43 -21.96 -4.63 2.76
N TRP B 44 -21.31 -3.99 3.72
CA TRP B 44 -20.22 -4.66 4.47
C TRP B 44 -20.80 -5.82 5.28
N ASP B 45 -21.90 -5.55 5.99
CA ASP B 45 -22.55 -6.61 6.81
C ASP B 45 -22.98 -7.78 5.93
N PHE B 46 -23.41 -7.49 4.71
CA PHE B 46 -23.84 -8.57 3.80
C PHE B 46 -22.63 -9.31 3.21
N SER B 47 -21.53 -8.60 2.97
CA SER B 47 -20.38 -9.28 2.33
C SER B 47 -19.74 -10.23 3.35
N ASN B 48 -19.53 -9.75 4.57
CA ASN B 48 -18.95 -10.62 5.61
C ASN B 48 -19.84 -11.83 5.84
N SER B 49 -21.15 -11.60 5.95
CA SER B 49 -22.06 -12.72 6.29
C SER B 49 -22.24 -13.66 5.08
N ILE B 50 -22.44 -13.09 3.89
CA ILE B 50 -22.74 -13.98 2.73
C ILE B 50 -21.51 -14.82 2.39
N VAL B 51 -20.32 -14.24 2.49
CA VAL B 51 -19.10 -15.03 2.15
C VAL B 51 -18.81 -16.03 3.28
N ARG B 52 -19.22 -15.72 4.52
CA ARG B 52 -19.05 -16.72 5.60
C ARG B 52 -20.03 -17.87 5.40
N ASP B 53 -21.30 -17.54 5.13
CA ASP B 53 -22.33 -18.59 4.96
C ASP B 53 -22.14 -19.33 3.62
N TYR B 54 -21.51 -18.68 2.64
CA TYR B 54 -21.26 -19.36 1.35
C TYR B 54 -20.17 -20.42 1.51
N ALA B 55 -19.14 -20.11 2.30
CA ALA B 55 -18.05 -21.08 2.50
C ALA B 55 -18.57 -22.35 3.17
N MET B 56 -19.54 -22.22 4.07
CA MET B 56 -20.13 -23.42 4.70
C MET B 56 -20.85 -24.25 3.63
N ASN B 57 -21.56 -23.60 2.72
CA ASN B 57 -22.21 -24.32 1.60
C ASN B 57 -21.13 -25.04 0.79
N LEU B 58 -20.06 -24.33 0.44
CA LEU B 58 -18.98 -24.93 -0.37
C LEU B 58 -18.36 -26.12 0.36
N TYR B 59 -18.21 -26.03 1.68
CA TYR B 59 -17.56 -27.13 2.40
C TYR B 59 -18.43 -28.39 2.38
N GLN B 60 -19.73 -28.22 2.61
CA GLN B 60 -20.63 -29.41 2.62
C GLN B 60 -20.74 -29.97 1.20
N LEU B 61 -20.59 -29.12 0.19
CA LEU B 61 -20.55 -29.66 -1.20
C LEU B 61 -19.22 -30.40 -1.39
N THR B 62 -18.15 -29.92 -0.77
CA THR B 62 -16.88 -30.67 -0.82
C THR B 62 -17.06 -32.01 -0.14
N ARG B 63 -17.74 -32.04 1.00
CA ARG B 63 -18.04 -33.35 1.63
C ARG B 63 -18.98 -34.16 0.73
N LEU B 64 -19.84 -33.51 -0.04
CA LEU B 64 -20.78 -34.30 -0.85
C LEU B 64 -20.05 -34.98 -2.01
N ALA B 65 -18.93 -34.43 -2.46
CA ALA B 65 -18.18 -35.11 -3.52
C ALA B 65 -17.53 -36.41 -3.01
N THR B 66 -17.50 -36.62 -1.69
CA THR B 66 -17.01 -37.93 -1.19
C THR B 66 -18.15 -38.93 -1.17
N ASP B 67 -19.40 -38.45 -1.11
CA ASP B 67 -20.54 -39.38 -1.20
C ASP B 67 -20.57 -39.97 -2.59
N GLU B 68 -20.47 -41.29 -2.68
CA GLU B 68 -20.45 -41.95 -4.01
C GLU B 68 -21.87 -42.34 -4.42
N SER B 69 -22.83 -42.21 -3.51
CA SER B 69 -24.25 -42.46 -3.85
C SER B 69 -24.78 -41.31 -4.71
N VAL B 70 -24.32 -40.09 -4.42
CA VAL B 70 -24.75 -38.94 -5.24
C VAL B 70 -23.88 -38.89 -6.50
N SER B 71 -24.50 -38.89 -7.66
CA SER B 71 -23.73 -38.92 -8.92
C SER B 71 -23.08 -37.56 -9.20
N VAL B 72 -22.10 -37.56 -10.10
CA VAL B 72 -21.45 -36.28 -10.47
C VAL B 72 -22.47 -35.43 -11.24
N GLU B 73 -23.35 -36.06 -12.01
CA GLU B 73 -24.42 -35.25 -12.64
C GLU B 73 -25.37 -34.70 -11.56
N ASN B 74 -25.53 -35.41 -10.44
CA ASN B 74 -26.49 -34.94 -9.42
C ASN B 74 -25.85 -33.87 -8.53
N LEU B 75 -24.58 -34.07 -8.16
CA LEU B 75 -23.90 -33.03 -7.37
C LEU B 75 -23.78 -31.74 -8.18
N LEU B 76 -23.49 -31.87 -9.48
CA LEU B 76 -23.43 -30.65 -10.31
C LEU B 76 -24.81 -29.99 -10.38
N THR B 77 -25.87 -30.79 -10.35
CA THR B 77 -27.21 -30.18 -10.34
C THR B 77 -27.44 -29.41 -9.04
N VAL B 78 -27.10 -29.99 -7.90
CA VAL B 78 -27.31 -29.20 -6.66
C VAL B 78 -26.36 -28.00 -6.65
N PHE B 79 -25.19 -28.12 -7.26
CA PHE B 79 -24.31 -26.94 -7.34
C PHE B 79 -24.92 -25.87 -8.22
N ARG B 80 -25.32 -26.25 -9.44
CA ARG B 80 -25.83 -25.24 -10.40
C ARG B 80 -27.22 -24.73 -9.98
N THR B 81 -27.73 -25.17 -8.82
CA THR B 81 -29.02 -24.68 -8.31
C THR B 81 -28.79 -23.80 -7.09
N LEU B 82 -27.91 -24.22 -6.18
CA LEU B 82 -27.70 -23.46 -4.92
C LEU B 82 -26.63 -22.37 -5.08
N ASP B 83 -25.72 -22.53 -6.03
CA ASP B 83 -24.58 -21.59 -6.11
C ASP B 83 -24.95 -20.20 -6.63
N PRO B 84 -25.66 -20.03 -7.75
CA PRO B 84 -25.83 -18.69 -8.37
C PRO B 84 -26.28 -17.59 -7.42
N ILE B 85 -27.31 -17.84 -6.60
CA ILE B 85 -27.82 -16.73 -5.77
C ILE B 85 -26.70 -16.22 -4.84
N TYR B 86 -25.80 -17.11 -4.43
CA TYR B 86 -24.70 -16.67 -3.55
C TYR B 86 -23.54 -16.08 -4.34
N SER B 87 -23.28 -16.60 -5.53
CA SER B 87 -22.05 -16.16 -6.23
C SER B 87 -22.29 -14.83 -6.95
N THR B 88 -23.44 -14.70 -7.60
CA THR B 88 -23.73 -13.46 -8.35
C THR B 88 -23.95 -12.30 -7.38
N PHE B 89 -24.53 -12.56 -6.23
CA PHE B 89 -24.68 -11.42 -5.27
C PHE B 89 -23.31 -11.02 -4.72
N LEU B 90 -22.45 -12.00 -4.46
CA LEU B 90 -21.07 -11.68 -4.00
C LEU B 90 -20.27 -10.97 -5.10
N GLY B 91 -20.45 -11.41 -6.35
CA GLY B 91 -19.77 -10.70 -7.45
C GLY B 91 -20.16 -9.24 -7.51
N TYR B 92 -21.42 -8.94 -7.21
CA TYR B 92 -21.83 -7.52 -7.19
C TYR B 92 -21.41 -6.85 -5.89
N ASN B 93 -21.34 -7.63 -4.80
CA ASN B 93 -21.04 -7.08 -3.45
C ASN B 93 -19.53 -7.10 -3.12
N GLY B 94 -18.66 -7.06 -4.13
CA GLY B 94 -17.22 -6.92 -3.84
C GLY B 94 -16.40 -8.18 -3.99
N PHE B 95 -16.96 -9.24 -4.61
CA PHE B 95 -16.19 -10.48 -4.85
C PHE B 95 -16.38 -10.93 -6.29
N PRO B 96 -15.94 -10.13 -7.27
CA PRO B 96 -16.18 -10.47 -8.70
C PRO B 96 -15.46 -11.74 -9.10
N VAL B 97 -14.19 -11.87 -8.74
CA VAL B 97 -13.42 -13.09 -9.09
C VAL B 97 -14.05 -14.31 -8.41
N LEU B 98 -14.57 -14.15 -7.19
CA LEU B 98 -15.28 -15.27 -6.54
C LEU B 98 -16.45 -15.71 -7.44
N ALA B 99 -17.14 -14.74 -8.03
CA ALA B 99 -18.24 -15.08 -8.96
C ALA B 99 -17.68 -15.79 -10.20
N GLU B 100 -16.54 -15.30 -10.71
CA GLU B 100 -15.96 -15.90 -11.92
C GLU B 100 -15.59 -17.36 -11.67
N TYR B 101 -14.86 -17.62 -10.59
CA TYR B 101 -14.40 -19.01 -10.36
C TYR B 101 -15.55 -19.92 -9.96
N ALA B 102 -16.68 -19.34 -9.54
CA ALA B 102 -17.84 -20.16 -9.13
C ALA B 102 -18.46 -20.88 -10.33
N GLN B 103 -18.62 -20.17 -11.45
CA GLN B 103 -19.14 -20.86 -12.66
C GLN B 103 -18.12 -21.92 -13.12
N ARG B 104 -16.84 -21.64 -12.99
CA ARG B 104 -15.82 -22.60 -13.49
C ARG B 104 -15.86 -23.89 -12.66
N VAL B 105 -16.31 -23.80 -11.42
CA VAL B 105 -16.47 -25.05 -10.61
C VAL B 105 -17.66 -25.86 -11.14
N GLY B 106 -18.71 -25.19 -11.63
CA GLY B 106 -19.91 -25.90 -12.08
C GLY B 106 -19.80 -26.50 -13.46
N GLN B 107 -18.61 -26.53 -14.04
CA GLN B 107 -18.45 -27.10 -15.40
C GLN B 107 -18.71 -28.61 -15.34
N PRO B 108 -18.91 -29.31 -16.48
CA PRO B 108 -19.08 -30.79 -16.47
C PRO B 108 -17.77 -31.47 -16.13
N ALA B 109 -17.36 -31.41 -14.86
CA ALA B 109 -16.13 -32.11 -14.43
C ALA B 109 -16.17 -33.55 -14.93
N GLU B 110 -15.26 -33.91 -15.83
CA GLU B 110 -15.28 -35.27 -16.43
C GLU B 110 -15.23 -36.34 -15.33
N SER B 111 -14.55 -36.06 -14.21
CA SER B 111 -14.40 -37.10 -13.16
C SER B 111 -14.74 -36.55 -11.76
N ARG B 112 -15.09 -37.44 -10.84
CA ARG B 112 -15.35 -37.02 -9.45
C ARG B 112 -14.09 -36.40 -8.83
N ALA B 113 -12.91 -36.88 -9.23
CA ALA B 113 -11.66 -36.27 -8.72
C ALA B 113 -11.52 -34.85 -9.27
N GLU B 114 -11.91 -34.65 -10.53
CA GLU B 114 -11.83 -33.31 -11.14
C GLU B 114 -12.78 -32.35 -10.42
N LEU B 115 -14.01 -32.78 -10.16
CA LEU B 115 -14.99 -31.90 -9.48
C LEU B 115 -14.54 -31.66 -8.03
N LEU B 116 -14.11 -32.71 -7.34
CA LEU B 116 -13.73 -32.56 -5.92
C LEU B 116 -12.56 -31.56 -5.79
N ASP B 117 -11.58 -31.63 -6.68
CA ASP B 117 -10.43 -30.71 -6.51
C ASP B 117 -10.88 -29.28 -6.79
N ARG B 118 -11.79 -29.11 -7.75
CA ARG B 118 -12.36 -27.76 -7.99
C ARG B 118 -13.01 -27.27 -6.67
N LEU B 119 -13.69 -28.19 -5.98
CA LEU B 119 -14.38 -27.79 -4.73
C LEU B 119 -13.34 -27.48 -3.64
N THR B 120 -12.36 -28.36 -3.48
CA THR B 120 -11.36 -28.17 -2.41
C THR B 120 -10.59 -26.87 -2.62
N THR B 121 -10.18 -26.60 -3.85
CA THR B 121 -9.40 -25.38 -4.11
C THR B 121 -10.27 -24.15 -3.87
N PHE B 122 -11.50 -24.18 -4.38
CA PHE B 122 -12.37 -22.98 -4.25
C PHE B 122 -12.79 -22.79 -2.80
N THR B 123 -13.00 -23.89 -2.07
CA THR B 123 -13.41 -23.79 -0.65
C THR B 123 -12.33 -23.09 0.16
N GLU B 124 -11.08 -23.49 -0.03
CA GLU B 124 -9.98 -22.82 0.72
C GLU B 124 -9.87 -21.35 0.28
N TYR B 125 -10.11 -21.08 -0.99
CA TYR B 125 -10.05 -19.68 -1.48
C TYR B 125 -11.08 -18.83 -0.73
N VAL B 126 -12.32 -19.30 -0.69
CA VAL B 126 -13.40 -18.52 -0.02
C VAL B 126 -13.17 -18.53 1.50
N ASN B 127 -12.54 -19.58 2.02
CA ASN B 127 -12.32 -19.67 3.48
C ASN B 127 -11.35 -18.58 3.95
N ARG B 128 -10.34 -18.26 3.12
CA ARG B 128 -9.41 -17.17 3.50
C ARG B 128 -10.06 -15.80 3.29
N LEU B 129 -10.95 -15.69 2.30
CA LEU B 129 -11.69 -14.41 2.16
C LEU B 129 -12.57 -14.21 3.40
N THR B 130 -13.17 -15.29 3.90
CA THR B 130 -13.96 -15.18 5.15
C THR B 130 -13.04 -14.86 6.31
N ALA B 131 -11.82 -15.40 6.31
CA ALA B 131 -10.88 -15.15 7.43
C ALA B 131 -10.56 -13.67 7.55
N TRP B 132 -10.19 -13.03 6.44
CA TRP B 132 -9.79 -11.61 6.52
C TRP B 132 -11.00 -10.72 6.77
N SER B 133 -12.16 -11.10 6.23
CA SER B 133 -13.40 -10.32 6.49
C SER B 133 -13.75 -10.43 7.99
N HIS B 134 -13.63 -11.62 8.54
CA HIS B 134 -13.92 -11.79 9.99
C HIS B 134 -12.93 -10.97 10.81
N HIS B 135 -11.67 -10.91 10.39
CA HIS B 135 -10.68 -10.16 11.21
C HIS B 135 -10.97 -8.67 11.17
N TYR B 136 -11.31 -8.13 9.99
CA TYR B 136 -11.49 -6.67 9.87
C TYR B 136 -12.96 -6.28 9.91
N PHE B 137 -13.78 -7.02 10.65
CA PHE B 137 -15.19 -6.57 10.67
C PHE B 137 -15.48 -5.88 11.98
N PRO B 138 -16.15 -4.73 11.96
CA PRO B 138 -16.36 -3.94 13.20
C PRO B 138 -17.41 -4.59 14.09
N TRP B 139 -17.00 -5.57 14.89
CA TRP B 139 -17.94 -6.20 15.85
C TRP B 139 -18.18 -5.28 17.06
N ASP B 140 -17.39 -4.23 17.24
CA ASP B 140 -17.50 -3.39 18.45
C ASP B 140 -18.82 -2.60 18.48
N LEU B 141 -19.56 -2.57 17.37
CA LEU B 141 -20.85 -1.87 17.35
C LEU B 141 -21.80 -2.51 18.37
N VAL B 170 -12.47 -36.60 27.43
CA VAL B 170 -12.05 -37.29 26.18
C VAL B 170 -10.51 -37.35 26.17
N ASP B 171 -9.89 -36.61 27.08
CA ASP B 171 -8.41 -36.62 27.16
C ASP B 171 -7.93 -38.02 27.55
N SER B 172 -8.65 -38.68 28.44
CA SER B 172 -8.21 -40.02 28.91
C SER B 172 -8.39 -41.08 27.82
N LEU B 173 -9.30 -40.82 26.87
CA LEU B 173 -9.57 -41.81 25.79
C LEU B 173 -8.30 -42.01 24.95
N GLY B 174 -7.98 -43.27 24.63
CA GLY B 174 -6.81 -43.56 23.80
C GLY B 174 -5.53 -43.66 24.61
N ASP B 175 -4.37 -43.42 23.99
CA ASP B 175 -3.08 -43.58 24.70
C ASP B 175 -2.26 -42.29 24.59
N PRO B 176 -1.68 -41.78 25.70
CA PRO B 176 -0.82 -40.55 25.67
C PRO B 176 0.30 -40.68 24.66
N SER B 177 0.91 -41.86 24.58
CA SER B 177 2.05 -42.08 23.64
C SER B 177 1.56 -41.95 22.19
N GLN B 178 0.25 -42.09 21.96
CA GLN B 178 -0.31 -41.98 20.60
C GLN B 178 -0.66 -40.50 20.31
N ARG B 179 0.00 -39.58 21.01
CA ARG B 179 -0.29 -38.13 20.83
C ARG B 179 1.01 -37.40 20.42
N ILE B 180 0.92 -36.47 19.47
CA ILE B 180 2.14 -35.78 18.95
C ILE B 180 2.20 -34.36 19.53
N PRO B 181 3.33 -33.92 20.09
CA PRO B 181 3.47 -32.54 20.60
C PRO B 181 3.67 -31.54 19.47
N VAL B 182 3.18 -30.33 19.69
CA VAL B 182 3.36 -29.23 18.71
C VAL B 182 3.71 -27.99 19.53
N ARG B 183 4.15 -26.93 18.87
CA ARG B 183 4.43 -25.68 19.62
C ARG B 183 3.67 -24.53 18.95
N LEU B 184 2.91 -23.79 19.75
CA LEU B 184 2.14 -22.64 19.22
C LEU B 184 2.80 -21.34 19.70
N THR B 185 3.04 -20.41 18.77
CA THR B 185 3.67 -19.11 19.11
C THR B 185 2.88 -17.96 18.50
N TRP B 186 2.48 -17.01 19.33
CA TRP B 186 1.68 -15.85 18.85
C TRP B 186 2.56 -14.60 18.75
N GLN B 187 2.62 -14.01 17.56
CA GLN B 187 3.38 -12.75 17.35
C GLN B 187 2.43 -11.58 17.11
N PRO B 188 2.77 -10.36 17.53
CA PRO B 188 4.05 -10.00 18.20
C PRO B 188 3.94 -10.16 19.72
N LEU B 189 3.07 -11.06 20.16
CA LEU B 189 2.91 -11.27 21.62
C LEU B 189 4.15 -11.99 22.16
N GLY B 190 4.70 -12.91 21.38
CA GLY B 190 5.86 -13.70 21.85
C GLY B 190 5.44 -14.79 22.80
N VAL B 191 4.15 -15.12 22.84
CA VAL B 191 3.70 -16.12 23.85
C VAL B 191 3.80 -17.50 23.22
N GLN B 192 4.32 -18.45 23.98
CA GLN B 192 4.56 -19.79 23.38
C GLN B 192 3.99 -20.88 24.29
N VAL B 193 3.01 -21.60 23.77
CA VAL B 193 2.51 -22.76 24.54
C VAL B 193 2.99 -24.06 23.87
N ASP B 194 3.00 -25.13 24.65
CA ASP B 194 3.33 -26.47 24.14
C ASP B 194 2.02 -27.25 24.12
N ALA B 195 1.67 -27.80 22.96
CA ALA B 195 0.36 -28.50 22.88
C ALA B 195 0.59 -29.98 22.57
N GLU B 196 -0.51 -30.71 22.51
CA GLU B 196 -0.41 -32.16 22.22
C GLU B 196 -1.58 -32.55 21.32
N ILE B 197 -1.28 -32.97 20.10
CA ILE B 197 -2.36 -33.42 19.19
C ILE B 197 -2.66 -34.89 19.48
N TYR B 198 -3.94 -35.22 19.61
CA TYR B 198 -4.32 -36.62 19.90
C TYR B 198 -4.51 -37.30 18.55
N ALA B 199 -3.48 -38.02 18.09
CA ALA B 199 -3.53 -38.58 16.73
C ALA B 199 -4.28 -39.91 16.66
N ASP B 200 -4.68 -40.44 17.81
CA ASP B 200 -5.38 -41.75 17.82
C ASP B 200 -6.90 -41.56 17.96
N LEU B 201 -7.35 -40.41 18.44
CA LEU B 201 -8.79 -40.20 18.62
C LEU B 201 -9.41 -39.89 17.26
N ASN B 202 -8.96 -38.82 16.59
CA ASN B 202 -9.41 -38.55 15.21
C ASN B 202 -8.17 -38.75 14.36
N PRO B 203 -7.84 -39.97 13.95
CA PRO B 203 -6.56 -40.24 13.23
C PRO B 203 -6.48 -39.45 11.94
N GLN B 204 -7.47 -39.62 11.07
CA GLN B 204 -7.40 -38.94 9.76
C GLN B 204 -7.40 -37.42 9.96
N LEU B 205 -8.20 -36.94 10.90
CA LEU B 205 -8.25 -35.47 11.14
C LEU B 205 -6.88 -34.97 11.61
N ALA B 206 -6.28 -35.68 12.56
CA ALA B 206 -4.95 -35.26 13.08
C ALA B 206 -3.90 -35.35 11.98
N THR B 207 -3.92 -36.43 11.20
CA THR B 207 -2.96 -36.57 10.10
C THR B 207 -3.12 -35.44 9.10
N ASP B 208 -4.36 -35.11 8.76
CA ASP B 208 -4.61 -34.02 7.80
C ASP B 208 -4.12 -32.68 8.36
N VAL B 209 -4.18 -32.51 9.68
CA VAL B 209 -3.78 -31.20 10.28
C VAL B 209 -2.25 -31.11 10.35
N LEU B 210 -1.59 -32.20 10.73
CA LEU B 210 -0.11 -32.17 10.87
C LEU B 210 0.57 -31.89 9.52
N LYS B 211 -0.06 -32.32 8.42
CA LYS B 211 0.57 -32.14 7.09
C LYS B 211 0.73 -30.65 6.75
N ALA B 212 -0.08 -29.79 7.38
CA ALA B 212 0.04 -28.34 7.12
C ALA B 212 1.15 -27.72 7.97
N LEU B 213 1.67 -28.46 8.94
CA LEU B 213 2.72 -27.88 9.81
C LEU B 213 4.03 -27.80 9.02
N PRO B 214 4.77 -26.70 9.13
CA PRO B 214 4.36 -25.52 9.92
C PRO B 214 3.52 -24.56 9.08
N PHE B 215 2.69 -23.75 9.74
CA PHE B 215 1.95 -22.71 8.97
C PHE B 215 1.86 -21.49 9.87
N THR B 216 1.94 -20.31 9.26
CA THR B 216 1.73 -19.07 10.01
C THR B 216 0.49 -18.40 9.46
N VAL B 217 -0.56 -18.35 10.27
CA VAL B 217 -1.86 -17.79 9.79
C VAL B 217 -2.35 -16.74 10.79
N LEU B 218 -3.28 -15.91 10.34
CA LEU B 218 -3.80 -14.86 11.22
C LEU B 218 -4.63 -15.47 12.35
N GLN B 219 -4.43 -14.94 13.56
CA GLN B 219 -5.18 -15.44 14.73
C GLN B 219 -6.34 -14.50 15.04
N ASP B 220 -7.53 -15.08 15.19
CA ASP B 220 -8.74 -14.29 15.50
C ASP B 220 -9.45 -14.89 16.70
N HIS B 221 -10.37 -14.13 17.28
CA HIS B 221 -11.11 -14.60 18.46
C HIS B 221 -12.53 -15.01 18.05
N ALA B 222 -13.13 -15.89 18.84
CA ALA B 222 -14.56 -16.23 18.61
C ALA B 222 -15.41 -15.04 19.06
N VAL B 223 -16.52 -14.82 18.36
CA VAL B 223 -17.38 -13.65 18.70
C VAL B 223 -18.71 -14.12 19.30
N VAL B 224 -19.07 -15.40 19.14
CA VAL B 224 -20.40 -15.84 19.65
C VAL B 224 -20.22 -16.89 20.76
N SER B 225 -19.13 -17.65 20.77
CA SER B 225 -19.03 -18.74 21.76
C SER B 225 -18.64 -18.22 23.14
N GLY B 226 -17.58 -17.42 23.19
CA GLY B 226 -17.08 -16.96 24.50
C GLY B 226 -15.58 -16.80 24.43
N GLU B 227 -14.88 -17.23 25.47
CA GLU B 227 -13.41 -17.07 25.50
C GLU B 227 -12.80 -18.19 24.67
N SER B 228 -12.69 -17.95 23.37
CA SER B 228 -12.10 -18.93 22.43
C SER B 228 -11.40 -18.17 21.30
N MET B 229 -10.39 -18.82 20.72
CA MET B 229 -9.64 -18.20 19.60
C MET B 229 -9.57 -19.20 18.46
N TYR B 230 -9.81 -18.75 17.23
CA TYR B 230 -9.63 -19.68 16.09
C TYR B 230 -8.79 -19.01 15.02
N ALA B 231 -8.07 -19.82 14.25
CA ALA B 231 -7.26 -19.29 13.12
C ALA B 231 -7.47 -20.20 11.92
N TRP B 232 -7.78 -19.61 10.77
CA TRP B 232 -8.01 -20.42 9.56
C TRP B 232 -6.71 -21.09 9.11
N ALA B 233 -6.70 -22.43 9.12
CA ALA B 233 -5.52 -23.23 8.71
C ALA B 233 -5.56 -23.49 7.21
N PRO B 234 -4.40 -23.58 6.54
CA PRO B 234 -4.34 -23.74 5.06
C PRO B 234 -4.61 -25.16 4.60
N LEU B 235 -5.81 -25.68 4.91
CA LEU B 235 -6.15 -27.03 4.40
C LEU B 235 -7.68 -27.18 4.34
N VAL B 236 -8.13 -28.22 3.66
CA VAL B 236 -9.58 -28.52 3.59
C VAL B 236 -9.77 -29.99 3.97
N SER B 237 -9.60 -30.29 5.26
CA SER B 237 -9.76 -31.68 5.73
C SER B 237 -11.22 -32.12 5.66
N VAL B 238 -11.49 -33.21 4.94
CA VAL B 238 -12.86 -33.80 4.99
C VAL B 238 -12.72 -35.14 5.72
N ALA B 239 -11.69 -35.28 6.54
CA ALA B 239 -11.43 -36.55 7.24
C ALA B 239 -12.55 -36.86 8.23
N PRO B 240 -12.88 -38.14 8.44
CA PRO B 240 -13.93 -38.51 9.41
C PRO B 240 -13.54 -38.05 10.81
N THR B 241 -14.54 -37.66 11.59
CA THR B 241 -14.30 -37.23 12.98
C THR B 241 -15.18 -38.07 13.89
N PRO B 242 -14.73 -39.24 14.31
CA PRO B 242 -15.52 -40.08 15.24
C PRO B 242 -15.67 -39.42 16.61
N VAL B 243 -14.62 -38.74 17.08
CA VAL B 243 -14.67 -38.12 18.43
C VAL B 243 -14.96 -36.63 18.28
N ARG B 244 -16.14 -36.20 18.73
CA ARG B 244 -16.50 -34.77 18.70
C ARG B 244 -16.92 -34.37 20.12
N GLU B 245 -16.51 -33.17 20.54
CA GLU B 245 -16.84 -32.73 21.92
C GLU B 245 -17.72 -31.47 21.89
N ARG B 246 -18.75 -31.44 22.73
CA ARG B 246 -19.58 -30.22 22.86
C ARG B 246 -18.70 -29.06 23.35
N ILE B 247 -18.79 -27.92 22.68
CA ILE B 247 -17.92 -26.77 23.03
C ILE B 247 -18.14 -26.35 24.50
N CYS B 248 -19.39 -26.21 24.90
CA CYS B 248 -19.68 -25.84 26.31
C CYS B 248 -18.99 -26.82 27.27
N ASP B 249 -18.75 -28.05 26.84
CA ASP B 249 -18.11 -29.06 27.73
C ASP B 249 -16.61 -29.13 27.51
N ALA B 250 -16.02 -28.17 26.81
CA ALA B 250 -14.58 -28.34 26.50
C ALA B 250 -13.72 -27.66 27.56
N PRO B 251 -12.65 -28.32 28.00
CA PRO B 251 -11.78 -27.76 29.06
C PRO B 251 -10.93 -26.62 28.52
N VAL B 252 -10.29 -25.91 29.44
CA VAL B 252 -9.41 -24.79 29.01
C VAL B 252 -8.14 -25.38 28.39
N GLY B 253 -7.78 -24.87 27.20
CA GLY B 253 -6.61 -25.41 26.49
C GLY B 253 -7.02 -26.41 25.42
N ARG B 254 -8.32 -26.53 25.14
CA ARG B 254 -8.76 -27.57 24.18
C ARG B 254 -8.41 -27.15 22.75
N LEU B 255 -7.83 -28.08 22.01
CA LEU B 255 -7.56 -27.81 20.57
C LEU B 255 -8.67 -28.48 19.76
N ARG B 256 -9.43 -27.67 19.03
CA ARG B 256 -10.50 -28.23 18.15
C ARG B 256 -10.23 -27.84 16.70
N PHE B 257 -10.49 -28.76 15.79
CA PHE B 257 -10.38 -28.42 14.35
C PHE B 257 -11.78 -28.54 13.76
N SER B 258 -12.47 -27.41 13.66
CA SER B 258 -13.84 -27.42 13.07
C SER B 258 -13.71 -27.40 11.55
N GLN B 259 -14.06 -28.50 10.91
CA GLN B 259 -13.98 -28.56 9.44
C GLN B 259 -15.13 -27.77 8.82
N ALA B 260 -16.31 -27.83 9.42
CA ALA B 260 -17.50 -27.21 8.78
C ALA B 260 -17.41 -25.68 8.73
N THR B 261 -16.84 -25.07 9.76
CA THR B 261 -16.82 -23.58 9.83
C THR B 261 -15.55 -23.02 9.20
N GLY B 262 -14.91 -23.75 8.29
CA GLY B 262 -13.76 -23.18 7.56
C GLY B 262 -12.40 -23.76 7.91
N ASN B 263 -12.36 -25.00 8.40
CA ASN B 263 -11.07 -25.71 8.64
C ASN B 263 -10.11 -24.89 9.51
N LYS B 264 -10.59 -24.43 10.66
CA LYS B 264 -9.75 -23.58 11.53
C LYS B 264 -9.42 -24.31 12.84
N VAL B 265 -8.23 -24.03 13.38
CA VAL B 265 -7.81 -24.63 14.68
C VAL B 265 -8.30 -23.71 15.80
N ILE B 266 -9.06 -24.27 16.74
CA ILE B 266 -9.71 -23.45 17.79
C ILE B 266 -9.06 -23.74 19.15
N VAL B 267 -8.69 -22.66 19.85
CA VAL B 267 -8.11 -22.82 21.21
C VAL B 267 -9.06 -22.16 22.20
N GLN B 268 -9.74 -22.98 23.00
CA GLN B 268 -10.62 -22.43 24.06
C GLN B 268 -9.77 -22.19 25.32
N TYR B 269 -9.73 -20.95 25.79
CA TYR B 269 -8.93 -20.64 26.99
C TYR B 269 -9.83 -20.21 28.17
N GLY B 270 -11.14 -20.28 28.00
CA GLY B 270 -12.05 -19.88 29.08
C GLY B 270 -13.45 -20.37 28.86
N PRO B 271 -14.43 -19.84 29.59
CA PRO B 271 -15.82 -20.33 29.47
C PRO B 271 -16.37 -20.07 28.08
N THR B 272 -17.07 -21.08 27.54
CA THR B 272 -17.74 -20.95 26.23
C THR B 272 -19.18 -21.39 26.36
N THR B 273 -20.05 -20.82 25.54
CA THR B 273 -21.51 -21.10 25.64
C THR B 273 -22.02 -21.93 24.47
N GLU B 274 -21.29 -22.00 23.37
CA GLU B 274 -21.79 -22.72 22.17
C GLU B 274 -21.99 -24.20 22.49
N THR B 275 -23.14 -24.74 22.10
CA THR B 275 -23.46 -26.15 22.43
C THR B 275 -23.20 -27.09 21.26
N LEU B 276 -22.47 -26.66 20.24
CA LEU B 276 -22.29 -27.57 19.09
C LEU B 276 -21.06 -28.45 19.34
N SER B 277 -21.08 -29.64 18.77
CA SER B 277 -19.96 -30.59 18.99
C SER B 277 -18.95 -30.48 17.83
N SER B 278 -17.73 -30.05 18.15
CA SER B 278 -16.68 -29.91 17.14
C SER B 278 -15.61 -30.99 17.37
N PRO B 279 -14.95 -31.48 16.32
CA PRO B 279 -13.94 -32.53 16.47
C PRO B 279 -12.82 -32.10 17.42
N VAL B 280 -12.28 -33.08 18.13
CA VAL B 280 -11.17 -32.79 19.09
C VAL B 280 -9.84 -33.05 18.38
N LEU B 281 -8.98 -32.02 18.36
CA LEU B 281 -7.68 -32.15 17.67
C LEU B 281 -6.55 -32.41 18.67
N GLY B 282 -6.68 -31.86 19.88
CA GLY B 282 -5.62 -32.05 20.88
C GLY B 282 -5.86 -31.14 22.07
N LYS B 283 -4.78 -30.81 22.77
CA LYS B 283 -4.94 -29.90 23.91
C LYS B 283 -3.58 -29.34 24.31
N VAL B 284 -3.56 -28.08 24.73
CA VAL B 284 -2.29 -27.51 25.27
C VAL B 284 -2.04 -28.14 26.64
N VAL B 285 -0.79 -28.54 26.88
CA VAL B 285 -0.47 -29.21 28.16
C VAL B 285 -0.79 -28.29 29.34
N ASP B 286 -1.15 -28.90 30.47
CA ASP B 286 -1.57 -28.13 31.66
C ASP B 286 -0.48 -27.14 32.07
N SER B 287 0.77 -27.48 31.82
CA SER B 287 1.90 -26.61 32.26
C SER B 287 1.84 -25.21 31.62
N HIS B 288 1.29 -25.12 30.41
CA HIS B 288 1.32 -23.81 29.70
C HIS B 288 -0.08 -23.21 29.53
N ALA B 289 -1.08 -23.83 30.15
CA ALA B 289 -2.46 -23.29 30.05
C ALA B 289 -2.60 -21.97 30.80
N ASP B 290 -1.69 -21.71 31.76
CA ASP B 290 -1.74 -20.38 32.44
C ASP B 290 -1.40 -19.28 31.44
N ARG B 291 -0.69 -19.61 30.36
CA ARG B 291 -0.25 -18.57 29.39
C ARG B 291 -1.31 -18.30 28.32
N LEU B 292 -2.46 -18.97 28.37
CA LEU B 292 -3.45 -18.81 27.27
C LEU B 292 -4.38 -17.62 27.54
N ALA B 293 -4.69 -17.35 28.81
CA ALA B 293 -5.62 -16.24 29.13
C ALA B 293 -5.06 -14.93 28.58
N GLU B 294 -3.75 -14.72 28.71
CA GLU B 294 -3.15 -13.45 28.24
C GLU B 294 -3.33 -13.32 26.72
N VAL B 295 -3.02 -14.39 25.97
CA VAL B 295 -3.15 -14.32 24.50
C VAL B 295 -4.61 -14.04 24.14
N GLY B 296 -5.54 -14.72 24.80
CA GLY B 296 -6.95 -14.52 24.47
C GLY B 296 -7.41 -13.11 24.79
N LYS B 297 -6.86 -12.52 25.85
CA LYS B 297 -7.22 -11.12 26.15
C LYS B 297 -6.69 -10.20 25.04
N ALA B 298 -5.48 -10.49 24.56
CA ALA B 298 -4.87 -9.64 23.50
C ALA B 298 -5.28 -10.14 22.12
N VAL B 299 -6.27 -11.04 22.05
CA VAL B 299 -6.78 -11.51 20.72
C VAL B 299 -8.25 -11.11 20.57
N TRP B 300 -9.01 -11.12 21.67
CA TRP B 300 -10.42 -10.67 21.61
C TRP B 300 -10.49 -9.26 21.05
N GLU B 301 -9.66 -8.35 21.59
CA GLU B 301 -9.64 -6.94 21.12
C GLU B 301 -8.97 -6.88 19.73
N SER B 302 -8.09 -7.83 19.43
CA SER B 302 -7.44 -7.88 18.09
C SER B 302 -8.48 -8.22 17.02
N THR B 303 -9.52 -8.96 17.41
CA THR B 303 -10.60 -9.34 16.47
C THR B 303 -11.73 -8.35 16.59
N SER B 306 -10.46 -3.74 17.69
CA SER B 306 -9.25 -3.10 17.10
C SER B 306 -8.93 -3.62 15.69
N LYS B 307 -9.34 -4.85 15.35
CA LYS B 307 -8.98 -5.45 14.03
C LYS B 307 -7.46 -5.35 13.81
N GLU B 308 -6.66 -5.53 14.86
CA GLU B 308 -5.18 -5.50 14.72
C GLU B 308 -4.69 -6.94 14.47
N PRO B 309 -3.84 -7.22 13.47
CA PRO B 309 -3.46 -8.64 13.13
C PRO B 309 -2.57 -9.30 14.18
N VAL B 310 -2.78 -10.60 14.42
CA VAL B 310 -1.91 -11.39 15.35
C VAL B 310 -1.63 -12.71 14.64
N TRP B 311 -0.36 -13.15 14.58
CA TRP B 311 -0.08 -14.37 13.79
C TRP B 311 0.16 -15.57 14.69
N LEU B 312 -0.22 -16.73 14.17
CA LEU B 312 -0.03 -17.99 14.93
C LEU B 312 0.86 -18.94 14.11
N THR B 313 1.88 -19.50 14.77
CA THR B 313 2.72 -20.52 14.11
C THR B 313 2.58 -21.83 14.87
N VAL B 314 2.06 -22.85 14.20
CA VAL B 314 2.02 -24.19 14.82
C VAL B 314 3.08 -25.02 14.09
N GLU B 315 3.94 -25.69 14.85
CA GLU B 315 5.04 -26.45 14.22
C GLU B 315 5.21 -27.76 14.98
N ARG B 316 5.84 -28.74 14.32
CA ARG B 316 6.03 -30.05 14.96
C ARG B 316 7.33 -30.00 15.79
N LEU B 317 7.28 -30.54 17.00
CA LEU B 317 8.51 -30.59 17.83
C LEU B 317 9.17 -31.97 17.69
N GLU C 6 33.19 0.69 -44.70
CA GLU C 6 34.15 1.04 -43.62
C GLU C 6 33.57 0.58 -42.27
N LEU C 7 32.36 0.04 -42.28
CA LEU C 7 31.72 -0.45 -41.03
C LEU C 7 32.76 -1.18 -40.16
N ARG C 8 33.34 -2.26 -40.70
CA ARG C 8 34.32 -3.06 -39.91
C ARG C 8 35.45 -2.16 -39.38
N GLU C 9 36.10 -1.40 -40.27
CA GLU C 9 37.18 -0.48 -39.84
C GLU C 9 36.67 0.34 -38.66
N LEU C 10 35.44 0.85 -38.76
CA LEU C 10 34.88 1.71 -37.68
C LEU C 10 34.73 0.88 -36.40
N ILE C 11 34.31 -0.38 -36.52
CA ILE C 11 34.21 -1.22 -35.30
C ILE C 11 35.61 -1.41 -34.70
N ALA C 12 36.62 -1.58 -35.57
CA ALA C 12 38.00 -1.78 -35.09
C ALA C 12 38.51 -0.52 -34.37
N SER C 13 38.13 0.64 -34.88
CA SER C 13 38.55 1.89 -34.21
C SER C 13 37.84 2.04 -32.86
N PHE C 14 36.62 1.53 -32.73
CA PHE C 14 35.83 1.82 -31.51
C PHE C 14 36.01 0.80 -30.39
N VAL C 15 36.73 -0.29 -30.61
CA VAL C 15 36.95 -1.22 -29.45
C VAL C 15 37.82 -0.51 -28.40
N SER C 16 38.68 0.41 -28.83
CA SER C 16 39.57 1.11 -27.88
C SER C 16 39.20 2.59 -27.72
N GLU C 17 38.65 3.23 -28.76
CA GLU C 17 38.38 4.68 -28.68
C GLU C 17 36.88 4.95 -28.54
N GLU C 18 36.55 6.01 -27.84
CA GLU C 18 35.12 6.39 -27.73
C GLU C 18 34.66 7.03 -29.03
N PRO C 19 33.52 6.61 -29.59
CA PRO C 19 33.01 7.21 -30.83
C PRO C 19 32.69 8.68 -30.61
N PRO C 20 32.90 9.53 -31.62
CA PRO C 20 32.60 10.98 -31.50
C PRO C 20 31.11 11.20 -31.27
N GLU C 21 30.26 10.29 -31.72
CA GLU C 21 28.80 10.43 -31.50
C GLU C 21 28.48 10.33 -30.01
N ILE C 22 28.91 9.24 -29.36
CA ILE C 22 28.68 9.11 -27.90
C ILE C 22 29.30 10.32 -27.19
N ARG C 23 30.41 10.81 -27.71
CA ARG C 23 31.05 12.00 -27.11
C ARG C 23 30.16 13.24 -27.23
N ARG C 24 29.66 13.52 -28.43
CA ARG C 24 28.85 14.75 -28.61
C ARG C 24 27.50 14.62 -27.89
N ILE C 25 26.95 13.41 -27.81
CA ILE C 25 25.66 13.24 -27.10
C ILE C 25 25.87 13.48 -25.61
N ARG C 26 26.95 12.95 -25.04
CA ARG C 26 27.18 13.09 -23.59
C ARG C 26 27.55 14.54 -23.23
N THR C 27 27.95 15.35 -24.22
CA THR C 27 28.26 16.77 -23.97
C THR C 27 27.21 17.70 -24.55
N GLY C 28 26.15 17.19 -25.18
CA GLY C 28 25.13 18.12 -25.69
C GLY C 28 25.63 18.90 -26.90
N THR C 29 26.47 18.26 -27.72
CA THR C 29 27.04 18.94 -28.90
C THR C 29 26.36 18.44 -30.17
N VAL C 30 25.23 17.74 -30.04
CA VAL C 30 24.51 17.32 -31.27
C VAL C 30 24.10 18.57 -32.05
N PRO C 31 24.36 18.63 -33.35
CA PRO C 31 24.07 19.85 -34.15
C PRO C 31 22.61 20.29 -34.03
N ASP C 32 21.66 19.36 -34.13
CA ASP C 32 20.23 19.75 -34.09
C ASP C 32 19.78 20.12 -32.68
N LEU C 33 20.67 20.07 -31.68
CA LEU C 33 20.30 20.44 -30.29
C LEU C 33 18.97 19.82 -29.90
N PRO C 34 18.87 18.49 -29.76
CA PRO C 34 17.61 17.87 -29.31
C PRO C 34 17.33 18.20 -27.85
N GLY C 35 16.07 18.08 -27.47
CA GLY C 35 15.68 18.45 -26.10
C GLY C 35 14.72 19.61 -26.09
N SER C 36 14.04 19.79 -24.97
CA SER C 36 13.06 20.89 -24.83
C SER C 36 13.57 21.94 -23.85
N TYR C 37 13.42 23.22 -24.21
CA TYR C 37 13.70 24.35 -23.27
C TYR C 37 15.19 24.49 -22.93
N GLY C 38 16.09 23.96 -23.75
CA GLY C 38 17.54 24.20 -23.50
C GLY C 38 18.17 23.21 -22.54
N GLN C 39 18.00 21.92 -22.79
CA GLN C 39 18.58 20.89 -21.90
C GLN C 39 18.72 19.59 -22.70
N TYR C 40 19.69 18.76 -22.34
CA TYR C 40 19.93 17.54 -23.14
C TYR C 40 19.81 16.24 -22.31
N PHE C 41 19.30 16.30 -21.08
CA PHE C 41 19.14 15.01 -20.37
C PHE C 41 18.09 14.14 -21.06
N THR C 42 16.99 14.75 -21.51
CA THR C 42 15.95 13.97 -22.23
C THR C 42 16.47 13.53 -23.58
N ALA C 43 17.20 14.40 -24.28
CA ALA C 43 17.79 13.95 -25.55
C ALA C 43 18.81 12.84 -25.29
N TRP C 44 19.57 12.97 -24.20
CA TRP C 44 20.56 11.92 -23.83
C TRP C 44 19.85 10.62 -23.49
N ASP C 45 18.79 10.70 -22.70
CA ASP C 45 18.02 9.49 -22.31
C ASP C 45 17.47 8.79 -23.56
N PHE C 46 17.09 9.57 -24.58
CA PHE C 46 16.54 8.97 -25.82
C PHE C 46 17.65 8.40 -26.70
N SER C 47 18.88 8.92 -26.59
CA SER C 47 19.96 8.34 -27.41
C SER C 47 20.39 6.98 -26.86
N ASN C 48 20.71 6.93 -25.57
CA ASN C 48 21.22 5.68 -24.98
C ASN C 48 20.18 4.56 -25.07
N SER C 49 18.93 4.86 -24.71
CA SER C 49 17.92 3.78 -24.65
C SER C 49 17.53 3.31 -26.06
N ILE C 50 17.30 4.25 -26.97
CA ILE C 50 16.81 3.83 -28.32
C ILE C 50 17.93 3.05 -29.02
N VAL C 51 19.19 3.45 -28.83
CA VAL C 51 20.32 2.76 -29.51
C VAL C 51 20.36 1.31 -28.99
N ARG C 52 20.09 1.11 -27.69
CA ARG C 52 20.10 -0.25 -27.10
C ARG C 52 18.98 -1.09 -27.70
N ASP C 53 17.75 -0.55 -27.74
CA ASP C 53 16.59 -1.29 -28.27
C ASP C 53 16.76 -1.49 -29.78
N TYR C 54 17.30 -0.47 -30.48
CA TYR C 54 17.55 -0.60 -31.93
C TYR C 54 18.44 -1.83 -32.16
N ALA C 55 19.47 -1.99 -31.31
CA ALA C 55 20.41 -3.11 -31.52
C ALA C 55 19.70 -4.46 -31.31
N MET C 56 18.76 -4.50 -30.38
CA MET C 56 18.00 -5.75 -30.16
C MET C 56 17.18 -6.09 -31.42
N ASN C 57 16.57 -5.09 -32.04
CA ASN C 57 15.87 -5.35 -33.33
C ASN C 57 16.88 -5.87 -34.36
N LEU C 58 18.00 -5.17 -34.50
CA LEU C 58 18.97 -5.59 -35.56
C LEU C 58 19.41 -7.04 -35.31
N TYR C 59 19.63 -7.41 -34.06
CA TYR C 59 20.11 -8.79 -33.82
C TYR C 59 19.00 -9.81 -34.16
N GLN C 60 17.77 -9.55 -33.75
CA GLN C 60 16.68 -10.51 -34.04
C GLN C 60 16.35 -10.52 -35.53
N LEU C 61 16.57 -9.41 -36.22
CA LEU C 61 16.39 -9.45 -37.69
C LEU C 61 17.55 -10.26 -38.28
N THR C 62 18.74 -10.19 -37.67
CA THR C 62 19.85 -11.04 -38.13
C THR C 62 19.55 -12.51 -37.85
N ARG C 63 19.00 -12.82 -36.67
CA ARG C 63 18.62 -14.22 -36.39
C ARG C 63 17.56 -14.69 -37.39
N LEU C 64 16.72 -13.77 -37.88
CA LEU C 64 15.70 -14.15 -38.88
C LEU C 64 16.35 -14.40 -40.24
N ALA C 65 17.52 -13.80 -40.50
CA ALA C 65 18.25 -14.02 -41.77
C ALA C 65 18.83 -15.43 -41.84
N THR C 66 18.79 -16.19 -40.75
CA THR C 66 19.23 -17.60 -40.80
C THR C 66 18.07 -18.49 -41.20
N ASP C 67 16.84 -18.01 -40.98
CA ASP C 67 15.64 -18.80 -41.36
C ASP C 67 15.49 -18.78 -42.88
N GLU C 68 15.39 -19.97 -43.48
CA GLU C 68 15.31 -20.03 -44.96
C GLU C 68 13.84 -20.01 -45.43
N SER C 69 12.89 -20.17 -44.51
CA SER C 69 11.47 -20.06 -44.91
C SER C 69 11.11 -18.59 -45.17
N VAL C 70 11.64 -17.69 -44.35
CA VAL C 70 11.39 -16.25 -44.60
C VAL C 70 12.34 -15.80 -45.72
N SER C 71 11.79 -15.28 -46.81
CA SER C 71 12.63 -14.96 -47.98
C SER C 71 13.55 -13.76 -47.70
N VAL C 72 14.54 -13.61 -48.57
CA VAL C 72 15.49 -12.47 -48.39
C VAL C 72 14.76 -11.15 -48.66
N GLU C 73 13.79 -11.15 -49.58
CA GLU C 73 13.05 -9.90 -49.86
C GLU C 73 11.94 -9.69 -48.83
N ASN C 74 11.33 -10.77 -48.33
CA ASN C 74 10.37 -10.61 -47.22
C ASN C 74 11.09 -10.06 -46.00
N LEU C 75 12.30 -10.55 -45.74
CA LEU C 75 13.11 -9.98 -44.64
C LEU C 75 13.38 -8.50 -44.95
N LEU C 76 13.56 -8.16 -46.21
CA LEU C 76 13.73 -6.75 -46.57
C LEU C 76 12.42 -5.98 -46.36
N THR C 77 11.27 -6.62 -46.56
CA THR C 77 9.98 -5.92 -46.31
C THR C 77 9.82 -5.61 -44.83
N VAL C 78 10.09 -6.60 -43.97
CA VAL C 78 9.95 -6.35 -42.52
C VAL C 78 11.08 -5.42 -42.07
N PHE C 79 12.23 -5.45 -42.75
CA PHE C 79 13.28 -4.44 -42.46
C PHE C 79 12.80 -3.15 -43.12
N ARG C 80 13.50 -2.03 -42.90
CA ARG C 80 13.00 -0.75 -43.46
C ARG C 80 11.56 -0.51 -42.98
N THR C 81 11.18 -1.08 -41.83
CA THR C 81 9.85 -0.82 -41.24
C THR C 81 10.10 -0.41 -39.81
N LEU C 82 10.63 -1.32 -39.00
CA LEU C 82 11.01 -0.96 -37.61
C LEU C 82 12.39 -0.30 -37.61
N ASP C 83 13.23 -0.62 -38.60
CA ASP C 83 14.61 -0.07 -38.59
C ASP C 83 14.59 1.46 -38.79
N PRO C 84 13.88 2.03 -39.76
CA PRO C 84 13.91 3.51 -39.91
C PRO C 84 13.51 4.20 -38.62
N ILE C 85 12.62 3.58 -37.85
CA ILE C 85 12.14 4.18 -36.57
C ILE C 85 13.37 4.55 -35.71
N TYR C 86 14.26 3.58 -35.46
CA TYR C 86 15.42 3.84 -34.56
C TYR C 86 16.66 4.10 -35.40
N SER C 87 16.52 4.76 -36.55
CA SER C 87 17.70 5.12 -37.36
C SER C 87 17.63 6.62 -37.69
N THR C 88 16.51 7.06 -38.28
CA THR C 88 16.33 8.49 -38.61
C THR C 88 16.38 9.31 -37.33
N PHE C 89 15.56 8.94 -36.35
CA PHE C 89 15.56 9.66 -35.05
C PHE C 89 16.96 9.60 -34.44
N LEU C 90 17.55 8.41 -34.43
CA LEU C 90 18.91 8.25 -33.84
C LEU C 90 19.87 9.21 -34.55
N GLY C 91 19.79 9.29 -35.88
CA GLY C 91 20.63 10.26 -36.62
C GLY C 91 20.45 11.66 -36.07
N TYR C 92 19.20 12.11 -35.95
CA TYR C 92 18.90 13.45 -35.40
C TYR C 92 19.42 13.53 -33.96
N ASN C 93 19.29 12.44 -33.21
CA ASN C 93 19.72 12.44 -31.77
C ASN C 93 21.25 12.35 -31.68
N GLY C 94 21.92 11.93 -32.77
CA GLY C 94 23.39 11.91 -32.77
C GLY C 94 23.95 10.58 -33.27
N PHE C 95 23.35 10.01 -34.32
CA PHE C 95 23.89 8.76 -34.93
C PHE C 95 23.71 8.83 -36.44
N PRO C 96 24.41 9.75 -37.15
CA PRO C 96 24.20 9.93 -38.62
C PRO C 96 24.75 8.74 -39.39
N VAL C 97 26.03 8.42 -39.18
CA VAL C 97 26.66 7.25 -39.87
C VAL C 97 25.73 6.04 -39.71
N LEU C 98 25.24 5.80 -38.49
CA LEU C 98 24.28 4.68 -38.26
C LEU C 98 23.14 4.80 -39.27
N ALA C 99 22.48 5.96 -39.33
CA ALA C 99 21.33 6.16 -40.25
C ALA C 99 21.77 5.93 -41.70
N GLU C 100 22.88 6.53 -42.11
CA GLU C 100 23.41 6.34 -43.48
C GLU C 100 23.52 4.83 -43.77
N TYR C 101 24.19 4.10 -42.89
CA TYR C 101 24.39 2.64 -43.10
C TYR C 101 23.02 1.94 -43.12
N ALA C 102 22.10 2.38 -42.26
CA ALA C 102 20.76 1.76 -42.21
C ALA C 102 20.14 1.75 -43.61
N GLN C 103 20.23 2.87 -44.34
CA GLN C 103 19.69 2.90 -45.71
C GLN C 103 20.46 1.90 -46.60
N ARG C 104 21.77 1.78 -46.36
CA ARG C 104 22.56 0.83 -47.18
C ARG C 104 22.21 -0.62 -46.82
N VAL C 105 21.77 -0.86 -45.58
CA VAL C 105 21.33 -2.24 -45.22
C VAL C 105 20.03 -2.58 -45.94
N GLY C 106 19.16 -1.59 -46.15
CA GLY C 106 17.88 -1.94 -46.78
C GLY C 106 17.93 -2.08 -48.29
N GLN C 107 19.09 -1.93 -48.93
CA GLN C 107 19.07 -2.14 -50.40
C GLN C 107 18.91 -3.63 -50.72
N PRO C 108 18.34 -3.97 -51.87
CA PRO C 108 18.08 -5.38 -52.25
C PRO C 108 19.35 -6.23 -52.21
N ALA C 109 19.31 -7.29 -51.41
CA ALA C 109 20.44 -8.24 -51.38
C ALA C 109 20.25 -9.24 -52.52
N GLU C 110 21.31 -9.44 -53.30
CA GLU C 110 21.20 -10.40 -54.44
C GLU C 110 21.10 -11.82 -53.89
N SER C 111 21.66 -12.08 -52.71
CA SER C 111 21.60 -13.41 -52.06
C SER C 111 21.34 -13.20 -50.57
N ARG C 112 20.77 -14.21 -49.91
CA ARG C 112 20.59 -14.11 -48.45
C ARG C 112 21.96 -13.88 -47.78
N ALA C 113 23.03 -14.36 -48.40
CA ALA C 113 24.38 -14.14 -47.83
C ALA C 113 24.72 -12.65 -47.81
N GLU C 114 24.31 -11.92 -48.84
CA GLU C 114 24.59 -10.47 -48.88
C GLU C 114 23.83 -9.77 -47.75
N LEU C 115 22.56 -10.12 -47.56
CA LEU C 115 21.79 -9.50 -46.45
C LEU C 115 22.37 -9.92 -45.09
N LEU C 116 22.70 -11.20 -44.95
CA LEU C 116 23.24 -11.67 -43.65
C LEU C 116 24.55 -10.91 -43.33
N ASP C 117 25.35 -10.61 -44.36
CA ASP C 117 26.62 -9.91 -44.11
C ASP C 117 26.38 -8.46 -43.68
N ARG C 118 25.43 -7.78 -44.33
CA ARG C 118 25.13 -6.38 -43.91
C ARG C 118 24.57 -6.36 -42.48
N LEU C 119 23.77 -7.36 -42.12
CA LEU C 119 23.16 -7.32 -40.77
C LEU C 119 24.20 -7.63 -39.68
N THR C 120 25.02 -8.67 -39.88
CA THR C 120 25.95 -9.07 -38.80
C THR C 120 26.95 -7.98 -38.48
N THR C 121 27.57 -7.38 -39.49
CA THR C 121 28.59 -6.36 -39.21
C THR C 121 27.93 -5.12 -38.64
N PHE C 122 26.79 -4.73 -39.22
CA PHE C 122 26.10 -3.51 -38.73
C PHE C 122 25.54 -3.74 -37.32
N THR C 123 25.07 -4.96 -37.02
CA THR C 123 24.59 -5.23 -35.65
C THR C 123 25.74 -5.05 -34.67
N GLU C 124 26.93 -5.55 -35.01
CA GLU C 124 28.10 -5.32 -34.14
C GLU C 124 28.41 -3.82 -34.07
N TYR C 125 28.24 -3.11 -35.18
CA TYR C 125 28.54 -1.66 -35.17
C TYR C 125 27.64 -0.96 -34.16
N VAL C 126 26.34 -1.22 -34.21
CA VAL C 126 25.43 -0.62 -33.21
C VAL C 126 25.69 -1.24 -31.83
N ASN C 127 26.16 -2.48 -31.80
CA ASN C 127 26.47 -3.11 -30.49
C ASN C 127 27.65 -2.38 -29.83
N ARG C 128 28.59 -1.90 -30.63
CA ARG C 128 29.73 -1.13 -30.07
C ARG C 128 29.31 0.29 -29.67
N LEU C 129 28.39 0.90 -30.43
CA LEU C 129 27.91 2.23 -29.99
C LEU C 129 27.09 2.07 -28.70
N THR C 130 26.34 0.98 -28.58
CA THR C 130 25.57 0.73 -27.35
C THR C 130 26.52 0.57 -26.16
N ALA C 131 27.67 -0.06 -26.38
CA ALA C 131 28.63 -0.28 -25.27
C ALA C 131 29.10 1.07 -24.71
N TRP C 132 29.52 1.98 -25.59
CA TRP C 132 30.06 3.26 -25.09
C TRP C 132 28.96 4.14 -24.51
N SER C 133 27.75 4.05 -25.05
CA SER C 133 26.62 4.83 -24.49
C SER C 133 26.25 4.30 -23.10
N HIS C 134 26.23 2.98 -22.95
CA HIS C 134 25.89 2.39 -21.63
C HIS C 134 26.90 2.83 -20.57
N HIS C 135 28.16 2.95 -20.96
CA HIS C 135 29.20 3.35 -19.99
C HIS C 135 28.99 4.80 -19.54
N TYR C 136 28.67 5.68 -20.50
CA TYR C 136 28.59 7.14 -20.20
C TYR C 136 27.17 7.62 -20.01
N PHE C 137 26.36 6.90 -19.25
CA PHE C 137 25.02 7.45 -18.93
C PHE C 137 25.00 7.79 -17.45
N PRO C 138 24.54 8.96 -17.04
CA PRO C 138 24.61 9.35 -15.61
C PRO C 138 23.55 8.64 -14.78
N TRP C 139 23.82 7.37 -14.44
CA TRP C 139 22.87 6.64 -13.57
C TRP C 139 22.93 7.14 -12.13
N ASP C 140 23.95 7.91 -11.75
CA ASP C 140 24.02 8.29 -10.31
C ASP C 140 22.92 9.29 -9.97
N LEU C 141 22.28 9.89 -10.98
CA LEU C 141 21.12 10.79 -10.74
C LEU C 141 19.95 9.98 -10.18
N GLY C 142 20.13 8.66 -10.09
CA GLY C 142 19.13 7.80 -9.47
C GLY C 142 19.80 6.81 -8.54
N GLY C 143 20.82 7.25 -7.81
CA GLY C 143 21.43 6.37 -6.80
C GLY C 143 21.13 6.93 -5.42
N GLU C 144 20.75 8.20 -5.38
CA GLU C 144 20.38 8.83 -4.08
C GLU C 144 19.05 9.60 -4.22
N ARG C 145 18.40 9.50 -5.39
CA ARG C 145 17.12 10.21 -5.60
C ARG C 145 15.96 9.21 -5.71
N TYR C 146 16.20 8.02 -6.24
CA TYR C 146 15.15 6.98 -6.35
C TYR C 146 15.71 5.68 -5.79
N ARG C 147 15.95 5.67 -4.48
CA ARG C 147 16.57 4.49 -3.84
C ARG C 147 15.49 3.64 -3.17
N TYR C 148 15.67 2.32 -3.20
CA TYR C 148 14.70 1.41 -2.54
C TYR C 148 14.70 1.65 -1.03
N SER C 169 23.86 -28.83 -11.16
CA SER C 169 23.68 -27.77 -12.18
C SER C 169 24.70 -27.97 -13.32
N VAL C 170 24.59 -27.14 -14.35
CA VAL C 170 25.52 -27.25 -15.50
C VAL C 170 26.97 -27.06 -15.04
N ASP C 171 27.19 -26.58 -13.82
CA ASP C 171 28.57 -26.45 -13.30
C ASP C 171 29.31 -27.79 -13.41
N SER C 172 28.65 -28.88 -13.01
CA SER C 172 29.30 -30.21 -13.01
C SER C 172 28.95 -31.01 -14.26
N LEU C 173 28.05 -30.49 -15.09
CA LEU C 173 27.59 -31.27 -16.26
C LEU C 173 28.49 -31.01 -17.48
N GLY C 174 28.36 -31.88 -18.48
CA GLY C 174 29.26 -31.76 -19.65
C GLY C 174 30.44 -32.72 -19.53
N ASP C 175 31.50 -32.46 -20.27
CA ASP C 175 32.67 -33.36 -20.27
C ASP C 175 33.91 -32.57 -19.86
N PRO C 176 34.71 -33.06 -18.91
CA PRO C 176 35.95 -32.35 -18.52
C PRO C 176 36.95 -32.26 -19.67
N SER C 177 36.76 -33.04 -20.73
CA SER C 177 37.68 -32.94 -21.89
C SER C 177 37.29 -31.76 -22.77
N GLN C 178 36.05 -31.28 -22.64
CA GLN C 178 35.63 -30.07 -23.39
C GLN C 178 35.60 -28.85 -22.48
N ARG C 179 36.39 -28.88 -21.40
CA ARG C 179 36.53 -27.62 -20.62
C ARG C 179 37.73 -26.93 -21.24
N ILE C 180 37.51 -25.73 -21.76
CA ILE C 180 38.60 -25.01 -22.47
C ILE C 180 38.97 -23.82 -21.59
N PRO C 181 40.21 -23.74 -21.11
CA PRO C 181 40.56 -22.71 -20.13
C PRO C 181 40.70 -21.34 -20.76
N VAL C 182 40.30 -20.34 -19.98
CA VAL C 182 40.46 -18.93 -20.41
C VAL C 182 40.83 -18.10 -19.17
N ARG C 183 41.31 -16.89 -19.41
CA ARG C 183 41.71 -15.97 -18.32
C ARG C 183 41.04 -14.62 -18.52
N LEU C 184 40.49 -14.07 -17.43
CA LEU C 184 39.93 -12.71 -17.50
C LEU C 184 40.89 -11.79 -16.73
N THR C 185 41.26 -10.67 -17.34
CA THR C 185 42.20 -9.72 -16.71
C THR C 185 41.61 -8.31 -16.76
N TRP C 186 41.49 -7.69 -15.59
CA TRP C 186 40.93 -6.31 -15.51
C TRP C 186 42.04 -5.31 -15.28
N GLN C 187 42.19 -4.35 -16.21
CA GLN C 187 43.21 -3.28 -16.10
C GLN C 187 42.50 -1.94 -15.87
N PRO C 188 43.13 -0.94 -15.24
CA PRO C 188 44.50 -0.97 -14.65
C PRO C 188 44.48 -1.46 -13.20
N LEU C 189 43.48 -2.26 -12.85
CA LEU C 189 43.38 -2.74 -11.45
C LEU C 189 44.43 -3.81 -11.19
N GLY C 190 44.72 -4.65 -12.19
CA GLY C 190 45.67 -5.75 -11.98
C GLY C 190 45.00 -7.00 -11.40
N VAL C 191 43.70 -7.16 -11.62
CA VAL C 191 42.97 -8.38 -11.12
C VAL C 191 42.85 -9.38 -12.27
N GLN C 192 43.06 -10.67 -11.94
CA GLN C 192 42.99 -11.73 -12.96
C GLN C 192 42.20 -12.91 -12.41
N VAL C 193 41.19 -13.36 -13.13
CA VAL C 193 40.54 -14.63 -12.70
C VAL C 193 40.85 -15.69 -13.76
N ASP C 194 40.80 -16.95 -13.34
CA ASP C 194 41.02 -18.09 -14.28
C ASP C 194 39.68 -18.80 -14.45
N ALA C 195 39.22 -18.93 -15.69
CA ALA C 195 37.90 -19.55 -15.91
C ALA C 195 37.99 -20.75 -16.84
N GLU C 196 36.84 -21.37 -17.07
CA GLU C 196 36.76 -22.53 -17.98
C GLU C 196 35.48 -22.34 -18.81
N ILE C 197 35.62 -22.31 -20.13
CA ILE C 197 34.41 -22.21 -20.96
C ILE C 197 33.79 -23.60 -21.11
N TYR C 198 32.49 -23.67 -20.88
CA TYR C 198 31.79 -24.96 -21.03
C TYR C 198 31.40 -25.07 -22.48
N ALA C 199 32.28 -25.70 -23.27
CA ALA C 199 32.03 -25.79 -24.72
C ALA C 199 31.17 -27.02 -25.04
N ASP C 200 30.84 -27.79 -24.02
CA ASP C 200 29.97 -28.99 -24.21
C ASP C 200 28.51 -28.62 -24.00
N LEU C 201 28.25 -27.46 -23.40
CA LEU C 201 26.85 -27.02 -23.15
C LEU C 201 26.27 -26.38 -24.41
N ASN C 202 26.82 -25.25 -24.83
CA ASN C 202 26.39 -24.58 -26.10
C ASN C 202 27.58 -24.65 -27.05
N PRO C 203 27.74 -25.71 -27.83
CA PRO C 203 28.96 -25.88 -28.66
C PRO C 203 29.15 -24.75 -29.66
N GLN C 204 28.18 -24.53 -30.56
CA GLN C 204 28.38 -23.52 -31.62
C GLN C 204 28.53 -22.12 -31.01
N LEU C 205 27.82 -21.84 -29.92
CA LEU C 205 27.96 -20.53 -29.25
C LEU C 205 29.38 -20.38 -28.68
N ALA C 206 29.85 -21.39 -27.96
CA ALA C 206 31.19 -21.31 -27.35
C ALA C 206 32.26 -21.22 -28.44
N THR C 207 32.13 -22.03 -29.49
CA THR C 207 33.11 -22.00 -30.59
C THR C 207 33.16 -20.61 -31.20
N ASP C 208 32.00 -19.99 -31.37
CA ASP C 208 31.96 -18.61 -31.93
C ASP C 208 32.70 -17.65 -31.01
N VAL C 209 32.66 -17.91 -29.70
CA VAL C 209 33.31 -17.00 -28.73
C VAL C 209 34.82 -17.29 -28.65
N LEU C 210 35.19 -18.56 -28.66
CA LEU C 210 36.63 -18.91 -28.57
C LEU C 210 37.38 -18.38 -29.80
N LYS C 211 36.72 -18.33 -30.95
CA LYS C 211 37.41 -17.80 -32.16
C LYS C 211 37.71 -16.30 -31.97
N ALA C 212 36.95 -15.60 -31.14
CA ALA C 212 37.20 -14.16 -30.95
C ALA C 212 38.35 -13.92 -29.97
N LEU C 213 38.76 -14.96 -29.25
CA LEU C 213 39.84 -14.78 -28.26
C LEU C 213 41.17 -14.64 -29.00
N PRO C 214 42.05 -13.71 -28.59
CA PRO C 214 41.85 -12.78 -27.45
C PRO C 214 41.22 -11.45 -27.88
N PHE C 215 40.57 -10.78 -26.93
CA PHE C 215 40.04 -9.42 -27.21
C PHE C 215 40.13 -8.62 -25.93
N THR C 216 40.35 -7.30 -26.06
CA THR C 216 40.33 -6.42 -24.88
C THR C 216 39.20 -5.42 -25.08
N VAL C 217 38.17 -5.50 -24.23
CA VAL C 217 37.01 -4.60 -24.36
C VAL C 217 36.75 -3.93 -23.02
N LEU C 218 35.99 -2.84 -23.06
CA LEU C 218 35.66 -2.13 -21.81
C LEU C 218 34.69 -2.98 -20.98
N GLN C 219 34.92 -2.99 -19.66
CA GLN C 219 34.03 -3.77 -18.77
C GLN C 219 33.01 -2.82 -18.14
N ASP C 220 31.73 -3.20 -18.22
CA ASP C 220 30.65 -2.33 -17.70
C ASP C 220 29.79 -3.12 -16.72
N HIS C 221 29.04 -2.39 -15.91
CA HIS C 221 28.23 -3.05 -14.85
C HIS C 221 26.77 -3.12 -15.27
N ALA C 222 26.07 -4.13 -14.75
CA ALA C 222 24.61 -4.19 -14.97
C ALA C 222 23.92 -3.10 -14.16
N VAL C 223 22.82 -2.58 -14.68
CA VAL C 223 22.14 -1.46 -13.97
C VAL C 223 20.81 -1.92 -13.38
N VAL C 224 20.20 -2.98 -13.91
CA VAL C 224 18.86 -3.38 -13.41
C VAL C 224 18.91 -4.80 -12.80
N SER C 225 19.87 -5.63 -13.21
CA SER C 225 19.89 -7.05 -12.77
C SER C 225 20.54 -7.25 -11.39
N GLY C 226 21.21 -6.24 -10.85
CA GLY C 226 21.86 -6.50 -9.55
C GLY C 226 23.37 -6.63 -9.68
N GLU C 227 23.96 -7.57 -8.94
CA GLU C 227 25.44 -7.66 -8.92
C GLU C 227 25.91 -8.49 -10.12
N SER C 228 26.12 -7.79 -11.24
CA SER C 228 26.63 -8.47 -12.44
C SER C 228 27.44 -7.47 -13.26
N MET C 229 28.37 -7.99 -14.06
CA MET C 229 29.16 -7.14 -14.97
C MET C 229 29.08 -7.77 -16.37
N TYR C 230 28.85 -6.93 -17.38
CA TYR C 230 28.85 -7.47 -18.76
C TYR C 230 29.75 -6.62 -19.63
N ALA C 231 30.30 -7.24 -20.67
CA ALA C 231 31.18 -6.52 -21.62
C ALA C 231 30.78 -6.93 -23.04
N TRP C 232 30.60 -5.94 -23.90
CA TRP C 232 30.26 -6.25 -25.31
C TRP C 232 31.43 -6.95 -25.96
N ALA C 233 31.23 -8.22 -26.31
CA ALA C 233 32.31 -8.97 -27.00
C ALA C 233 32.21 -8.71 -28.50
N PRO C 234 33.32 -8.70 -29.23
CA PRO C 234 33.31 -8.37 -30.68
C PRO C 234 32.79 -9.54 -31.52
N LEU C 235 31.56 -9.96 -31.25
CA LEU C 235 30.95 -11.02 -32.11
C LEU C 235 29.43 -10.86 -32.02
N VAL C 236 28.73 -11.39 -33.02
CA VAL C 236 27.25 -11.35 -32.99
C VAL C 236 26.75 -12.76 -33.30
N SER C 237 27.17 -13.72 -32.48
CA SER C 237 26.82 -15.13 -32.75
C SER C 237 25.30 -15.32 -32.79
N VAL C 238 24.81 -15.91 -33.87
CA VAL C 238 23.36 -16.23 -33.93
C VAL C 238 23.18 -17.74 -33.75
N ALA C 239 24.17 -18.41 -33.17
CA ALA C 239 24.03 -19.87 -32.99
C ALA C 239 22.95 -20.13 -31.94
N PRO C 240 22.10 -21.14 -32.12
CA PRO C 240 21.11 -21.49 -31.08
C PRO C 240 21.82 -21.83 -29.79
N THR C 241 21.18 -21.52 -28.66
CA THR C 241 21.79 -21.76 -27.34
C THR C 241 20.90 -22.69 -26.54
N PRO C 242 21.11 -24.01 -26.63
CA PRO C 242 20.27 -24.97 -25.89
C PRO C 242 20.41 -24.79 -24.37
N VAL C 243 21.62 -24.99 -23.87
CA VAL C 243 21.81 -24.89 -22.40
C VAL C 243 21.67 -23.42 -21.99
N ARG C 244 20.59 -23.10 -21.28
CA ARG C 244 20.44 -21.71 -20.77
C ARG C 244 20.40 -21.76 -19.23
N GLU C 245 20.31 -20.61 -18.58
CA GLU C 245 20.30 -20.54 -17.09
C GLU C 245 19.67 -19.21 -16.65
N ARG C 246 18.58 -19.28 -15.88
CA ARG C 246 17.94 -18.04 -15.36
C ARG C 246 19.02 -17.13 -14.77
N ILE C 247 19.12 -15.90 -15.27
CA ILE C 247 20.12 -14.92 -14.74
C ILE C 247 20.17 -15.05 -13.21
N CYS C 248 19.01 -15.05 -12.55
CA CYS C 248 18.96 -15.20 -11.08
C CYS C 248 19.63 -16.52 -10.67
N ASP C 249 19.15 -17.65 -11.21
CA ASP C 249 19.69 -18.98 -10.81
C ASP C 249 21.20 -19.05 -11.09
N ALA C 250 21.65 -18.48 -12.21
CA ALA C 250 23.08 -18.55 -12.59
C ALA C 250 23.94 -18.25 -11.35
N PRO C 251 24.88 -19.14 -10.97
CA PRO C 251 25.71 -18.98 -9.73
C PRO C 251 26.69 -17.82 -9.84
N VAL C 252 27.21 -17.37 -8.71
CA VAL C 252 28.23 -16.27 -8.69
C VAL C 252 29.53 -16.81 -9.30
N GLY C 253 30.22 -15.98 -10.09
CA GLY C 253 31.49 -16.42 -10.70
C GLY C 253 31.30 -17.25 -11.96
N ARG C 254 30.15 -17.14 -12.63
CA ARG C 254 29.87 -17.98 -13.81
C ARG C 254 29.93 -17.13 -15.09
N LEU C 255 30.42 -17.73 -16.17
CA LEU C 255 30.48 -17.02 -17.46
C LEU C 255 29.18 -17.27 -18.22
N ARG C 256 28.46 -16.20 -18.54
CA ARG C 256 27.21 -16.32 -19.33
C ARG C 256 27.40 -15.53 -20.63
N PHE C 257 26.85 -16.05 -21.72
CA PHE C 257 26.91 -15.28 -23.00
C PHE C 257 25.52 -14.90 -23.43
N SER C 258 25.19 -13.62 -23.24
CA SER C 258 23.85 -13.15 -23.66
C SER C 258 23.87 -12.88 -25.17
N GLN C 259 23.25 -13.77 -25.94
CA GLN C 259 23.19 -13.53 -27.40
C GLN C 259 22.20 -12.41 -27.73
N ALA C 260 21.15 -12.27 -26.93
CA ALA C 260 20.11 -11.27 -27.27
C ALA C 260 20.71 -9.87 -27.25
N THR C 261 21.72 -9.65 -26.41
CA THR C 261 22.38 -8.33 -26.34
C THR C 261 23.56 -8.32 -27.29
N GLY C 262 23.35 -8.80 -28.52
CA GLY C 262 24.44 -8.76 -29.51
C GLY C 262 25.58 -9.69 -29.15
N ASN C 263 25.28 -10.79 -28.44
CA ASN C 263 26.32 -11.80 -28.13
C ASN C 263 27.47 -11.19 -27.30
N LYS C 264 27.14 -10.68 -26.11
CA LYS C 264 28.20 -10.12 -25.23
C LYS C 264 28.47 -11.08 -24.07
N VAL C 265 29.64 -10.95 -23.47
CA VAL C 265 29.99 -11.80 -22.30
C VAL C 265 29.50 -11.14 -21.01
N ILE C 266 28.64 -11.87 -20.29
CA ILE C 266 28.06 -11.32 -19.02
C ILE C 266 28.40 -12.28 -17.87
N VAL C 267 29.00 -11.73 -16.81
CA VAL C 267 29.34 -12.55 -15.62
C VAL C 267 28.76 -11.89 -14.36
N GLN C 268 27.94 -12.65 -13.62
CA GLN C 268 27.44 -12.13 -12.33
C GLN C 268 28.47 -12.41 -11.24
N TYR C 269 28.92 -11.34 -10.56
CA TYR C 269 29.90 -11.51 -9.47
C TYR C 269 29.19 -11.46 -8.13
N GLY C 270 27.86 -11.50 -8.17
CA GLY C 270 27.06 -11.51 -6.94
C GLY C 270 25.64 -11.94 -7.26
N PRO C 271 24.70 -11.74 -6.33
CA PRO C 271 23.30 -12.15 -6.55
C PRO C 271 22.66 -11.36 -7.67
N THR C 272 21.75 -12.02 -8.39
CA THR C 272 21.00 -11.33 -9.47
C THR C 272 19.51 -11.47 -9.24
N THR C 273 18.76 -10.47 -9.72
CA THR C 273 17.30 -10.46 -9.52
C THR C 273 16.56 -10.76 -10.82
N GLU C 274 17.24 -10.64 -11.95
CA GLU C 274 16.58 -10.86 -13.26
C GLU C 274 16.12 -12.32 -13.36
N THR C 275 14.86 -12.53 -13.73
CA THR C 275 14.30 -13.91 -13.78
C THR C 275 14.28 -14.44 -15.21
N LEU C 276 15.06 -13.82 -16.10
CA LEU C 276 15.07 -14.26 -17.51
C LEU C 276 16.14 -15.35 -17.70
N SER C 277 15.98 -16.16 -18.73
CA SER C 277 16.93 -17.28 -18.99
C SER C 277 18.06 -16.83 -19.92
N SER C 278 19.30 -16.96 -19.45
CA SER C 278 20.47 -16.58 -20.28
C SER C 278 21.33 -17.83 -20.55
N PRO C 279 21.98 -17.92 -21.71
CA PRO C 279 22.84 -19.07 -22.05
C PRO C 279 24.03 -19.21 -21.10
N VAL C 280 24.49 -20.46 -20.94
CA VAL C 280 25.67 -20.73 -20.07
C VAL C 280 26.92 -20.77 -20.95
N LEU C 281 27.93 -19.99 -20.58
CA LEU C 281 29.19 -19.96 -21.36
C LEU C 281 30.28 -20.78 -20.66
N GLY C 282 30.32 -20.71 -19.34
CA GLY C 282 31.35 -21.42 -18.58
C GLY C 282 31.33 -20.92 -17.14
N LYS C 283 32.48 -20.98 -16.48
CA LYS C 283 32.49 -20.54 -15.08
C LYS C 283 33.91 -20.23 -14.61
N VAL C 284 34.03 -19.18 -13.78
CA VAL C 284 35.33 -18.86 -13.16
C VAL C 284 35.57 -19.88 -12.04
N VAL C 285 36.81 -20.35 -11.91
CA VAL C 285 37.10 -21.37 -10.87
C VAL C 285 36.67 -20.84 -9.50
N ASP C 286 36.22 -21.74 -8.64
CA ASP C 286 35.65 -21.33 -7.33
C ASP C 286 36.66 -20.53 -6.50
N SER C 287 37.93 -20.91 -6.53
CA SER C 287 38.92 -20.19 -5.69
C SER C 287 39.08 -18.73 -6.15
N HIS C 288 38.74 -18.44 -7.40
CA HIS C 288 38.92 -17.07 -7.94
C HIS C 288 37.59 -16.37 -8.14
N ALA C 289 36.48 -17.01 -7.77
CA ALA C 289 35.16 -16.34 -7.90
C ALA C 289 35.10 -15.18 -6.90
N ASP C 290 35.88 -15.28 -5.84
CA ASP C 290 35.96 -14.17 -4.85
C ASP C 290 36.73 -12.99 -5.44
N ARG C 291 37.55 -13.21 -6.47
CA ARG C 291 38.34 -12.06 -6.99
C ARG C 291 37.48 -11.20 -7.91
N LEU C 292 36.25 -11.63 -8.18
CA LEU C 292 35.35 -10.88 -9.09
C LEU C 292 34.60 -9.80 -8.29
N ALA C 293 34.35 -10.07 -7.02
CA ALA C 293 33.65 -9.10 -6.16
C ALA C 293 34.40 -7.78 -6.09
N GLU C 294 35.73 -7.84 -5.95
CA GLU C 294 36.50 -6.57 -5.81
C GLU C 294 36.38 -5.76 -7.10
N VAL C 295 36.66 -6.39 -8.25
CA VAL C 295 36.59 -5.63 -9.53
C VAL C 295 35.12 -5.25 -9.78
N GLY C 296 34.17 -6.02 -9.26
CA GLY C 296 32.75 -5.72 -9.52
C GLY C 296 32.33 -4.44 -8.85
N LYS C 297 32.92 -4.16 -7.68
CA LYS C 297 32.66 -2.89 -6.98
C LYS C 297 33.21 -1.73 -7.82
N ALA C 298 34.42 -1.90 -8.34
CA ALA C 298 35.06 -0.84 -9.15
C ALA C 298 34.32 -0.64 -10.47
N VAL C 299 33.85 -1.73 -11.06
CA VAL C 299 33.08 -1.61 -12.32
C VAL C 299 31.70 -1.00 -12.02
N TRP C 300 31.16 -1.25 -10.83
CA TRP C 300 29.87 -0.62 -10.48
C TRP C 300 30.00 0.90 -10.33
N GLU C 301 30.96 1.36 -9.54
CA GLU C 301 31.13 2.82 -9.40
C GLU C 301 31.54 3.46 -10.75
N SER C 302 32.18 2.69 -11.62
CA SER C 302 32.58 3.24 -12.94
C SER C 302 31.34 3.46 -13.82
N THR C 303 30.64 2.37 -14.15
CA THR C 303 29.44 2.48 -15.01
C THR C 303 28.39 3.36 -14.34
N PHE C 304 28.37 3.40 -13.01
CA PHE C 304 27.33 4.18 -12.31
C PHE C 304 27.70 5.66 -12.17
N SER C 305 28.95 5.97 -11.79
CA SER C 305 29.25 7.40 -11.53
C SER C 305 30.58 7.89 -12.11
N SER C 306 31.71 7.30 -11.69
CA SER C 306 33.03 7.86 -12.07
C SER C 306 33.29 7.87 -13.58
N LYS C 307 32.80 6.84 -14.30
CA LYS C 307 33.11 6.71 -15.75
C LYS C 307 34.60 6.45 -15.96
N GLU C 308 35.29 5.88 -14.96
CA GLU C 308 36.72 5.53 -15.15
C GLU C 308 36.80 4.19 -15.87
N PRO C 309 37.60 4.09 -16.94
CA PRO C 309 37.63 2.87 -17.76
C PRO C 309 38.23 1.66 -17.05
N VAL C 310 37.40 0.64 -16.81
CA VAL C 310 37.92 -0.65 -16.29
C VAL C 310 37.90 -1.59 -17.49
N TRP C 311 39.07 -2.01 -17.95
CA TRP C 311 39.12 -2.84 -19.18
C TRP C 311 39.14 -4.32 -18.86
N LEU C 312 38.56 -5.12 -19.77
CA LEU C 312 38.54 -6.59 -19.59
C LEU C 312 39.33 -7.24 -20.72
N THR C 313 40.21 -8.15 -20.36
CA THR C 313 40.96 -8.91 -21.37
C THR C 313 40.65 -10.39 -21.19
N VAL C 314 40.10 -11.01 -22.22
CA VAL C 314 39.88 -12.48 -22.16
C VAL C 314 40.90 -13.15 -23.08
N GLU C 315 41.59 -14.17 -22.55
CA GLU C 315 42.64 -14.86 -23.33
C GLU C 315 42.55 -16.37 -23.07
N ARG C 316 43.08 -17.16 -23.99
CA ARG C 316 43.04 -18.63 -23.82
C ARG C 316 44.29 -19.11 -23.07
N LEU C 317 44.06 -20.02 -22.12
CA LEU C 317 45.20 -20.61 -21.36
C LEU C 317 45.61 -21.92 -22.05
N GLU D 6 -9.93 -9.37 -21.85
CA GLU D 6 -10.12 -8.22 -20.93
C GLU D 6 -9.28 -7.03 -21.41
N LEU D 7 -8.51 -7.20 -22.49
CA LEU D 7 -7.66 -6.10 -22.95
C LEU D 7 -8.51 -4.91 -23.39
N ARG D 8 -9.60 -5.17 -24.12
CA ARG D 8 -10.49 -4.07 -24.56
C ARG D 8 -11.08 -3.35 -23.34
N GLU D 9 -11.42 -4.12 -22.30
CA GLU D 9 -11.97 -3.49 -21.07
C GLU D 9 -10.87 -2.76 -20.30
N LEU D 10 -9.62 -3.22 -20.41
CA LEU D 10 -8.52 -2.60 -19.64
C LEU D 10 -8.18 -1.21 -20.22
N ILE D 11 -8.24 -1.06 -21.55
CA ILE D 11 -7.98 0.28 -22.14
C ILE D 11 -9.04 1.27 -21.66
N ALA D 12 -10.29 0.80 -21.48
CA ALA D 12 -11.37 1.74 -21.13
C ALA D 12 -11.12 2.39 -19.77
N SER D 13 -10.66 1.61 -18.80
CA SER D 13 -10.35 2.24 -17.48
C SER D 13 -9.08 3.09 -17.59
N PHE D 14 -8.13 2.70 -18.44
CA PHE D 14 -6.81 3.38 -18.42
C PHE D 14 -6.72 4.57 -19.38
N VAL D 15 -7.74 4.82 -20.19
CA VAL D 15 -7.67 6.05 -21.04
C VAL D 15 -7.74 7.29 -20.13
N SER D 16 -8.41 7.16 -18.98
CA SER D 16 -8.51 8.31 -18.04
C SER D 16 -7.79 8.01 -16.72
N GLU D 17 -7.73 6.74 -16.30
CA GLU D 17 -7.17 6.41 -14.97
C GLU D 17 -5.76 5.84 -15.11
N GLU D 18 -4.94 6.08 -14.11
CA GLU D 18 -3.55 5.60 -14.17
C GLU D 18 -3.47 4.08 -13.93
N PRO D 19 -2.76 3.34 -14.78
CA PRO D 19 -2.58 1.89 -14.57
C PRO D 19 -1.74 1.64 -13.32
N PRO D 20 -1.98 0.53 -12.61
CA PRO D 20 -1.20 0.19 -11.39
C PRO D 20 0.28 -0.07 -11.68
N GLU D 21 0.62 -0.49 -12.90
CA GLU D 21 2.03 -0.83 -13.22
C GLU D 21 2.91 0.42 -13.12
N ILE D 22 2.54 1.47 -13.84
CA ILE D 22 3.33 2.73 -13.79
C ILE D 22 3.41 3.19 -12.32
N ARG D 23 2.37 2.92 -11.55
CA ARG D 23 2.39 3.36 -10.13
C ARG D 23 3.51 2.64 -9.36
N ARG D 24 3.61 1.32 -9.50
CA ARG D 24 4.62 0.59 -8.70
C ARG D 24 6.05 0.95 -9.15
N ILE D 25 6.28 1.10 -10.46
CA ILE D 25 7.67 1.40 -10.89
C ILE D 25 8.03 2.84 -10.49
N ARG D 26 7.09 3.78 -10.66
CA ARG D 26 7.43 5.19 -10.39
C ARG D 26 7.62 5.43 -8.88
N THR D 27 7.13 4.51 -8.05
CA THR D 27 7.33 4.63 -6.59
C THR D 27 8.34 3.63 -6.07
N GLY D 28 8.88 2.77 -6.93
CA GLY D 28 9.87 1.77 -6.50
C GLY D 28 9.26 0.67 -5.65
N THR D 29 8.02 0.29 -5.94
CA THR D 29 7.35 -0.79 -5.18
C THR D 29 6.82 -1.89 -6.09
N VAL D 30 7.53 -2.17 -7.19
CA VAL D 30 7.11 -3.24 -8.13
C VAL D 30 7.06 -4.59 -7.38
N PRO D 31 6.42 -5.64 -7.92
CA PRO D 31 6.34 -6.92 -7.18
C PRO D 31 7.74 -7.39 -6.79
N ASP D 32 8.64 -7.50 -7.75
CA ASP D 32 10.04 -7.81 -7.40
C ASP D 32 10.74 -6.48 -7.09
N LEU D 33 12.05 -6.50 -6.90
CA LEU D 33 12.81 -5.25 -6.64
C LEU D 33 13.87 -5.10 -7.74
N PRO D 34 13.49 -4.74 -8.97
CA PRO D 34 14.49 -4.52 -10.02
C PRO D 34 15.30 -3.28 -9.73
N GLY D 35 16.52 -3.24 -10.28
CA GLY D 35 17.40 -2.11 -9.95
C GLY D 35 18.61 -2.63 -9.19
N SER D 36 19.75 -1.95 -9.32
CA SER D 36 21.00 -2.43 -8.68
C SER D 36 21.37 -1.57 -7.46
N TYR D 37 21.69 -2.22 -6.34
CA TYR D 37 22.19 -1.48 -5.14
C TYR D 37 21.11 -0.60 -4.52
N GLY D 38 19.97 -1.19 -4.21
CA GLY D 38 18.91 -0.43 -3.50
C GLY D 38 18.51 0.84 -4.23
N GLN D 39 18.36 0.78 -5.55
CA GLN D 39 17.86 1.96 -6.29
C GLN D 39 17.09 1.46 -7.52
N TYR D 40 16.05 2.20 -7.90
CA TYR D 40 15.18 1.74 -9.02
C TYR D 40 15.12 2.78 -10.16
N PHE D 41 15.97 3.80 -10.16
CA PHE D 41 15.95 4.73 -11.31
C PHE D 41 16.40 3.99 -12.57
N THR D 42 17.36 3.09 -12.43
CA THR D 42 17.80 2.30 -13.61
C THR D 42 16.70 1.39 -14.09
N ALA D 43 15.99 0.74 -13.17
CA ALA D 43 14.85 -0.11 -13.58
C ALA D 43 13.74 0.76 -14.18
N TRP D 44 13.52 1.93 -13.58
CA TRP D 44 12.51 2.86 -14.14
C TRP D 44 12.94 3.29 -15.54
N ASP D 45 14.22 3.64 -15.68
CA ASP D 45 14.74 4.07 -17.00
C ASP D 45 14.58 2.94 -18.02
N PHE D 46 14.78 1.70 -17.58
CA PHE D 46 14.59 0.56 -18.50
C PHE D 46 13.11 0.24 -18.71
N SER D 47 12.24 0.67 -17.79
CA SER D 47 10.79 0.42 -17.99
C SER D 47 10.21 1.45 -18.98
N ASN D 48 10.41 2.73 -18.70
CA ASN D 48 9.80 3.80 -19.54
C ASN D 48 10.28 3.71 -20.99
N SER D 49 11.58 3.53 -21.19
CA SER D 49 12.12 3.56 -22.58
C SER D 49 11.75 2.29 -23.33
N ILE D 50 11.92 1.14 -22.70
CA ILE D 50 11.70 -0.13 -23.44
C ILE D 50 10.21 -0.28 -23.77
N VAL D 51 9.32 0.13 -22.87
CA VAL D 51 7.88 0.01 -23.21
C VAL D 51 7.53 0.99 -24.34
N ARG D 52 8.28 2.08 -24.46
CA ARG D 52 8.05 3.01 -25.59
C ARG D 52 8.50 2.34 -26.90
N ASP D 53 9.70 1.76 -26.88
CA ASP D 53 10.23 1.11 -28.10
C ASP D 53 9.40 -0.13 -28.44
N TYR D 54 8.78 -0.73 -27.41
CA TYR D 54 7.97 -1.95 -27.66
C TYR D 54 6.70 -1.60 -28.42
N ALA D 55 6.07 -0.48 -28.06
CA ALA D 55 4.87 -0.05 -28.81
C ALA D 55 5.24 0.24 -30.26
N MET D 56 6.44 0.76 -30.49
CA MET D 56 6.86 1.05 -31.87
C MET D 56 7.01 -0.25 -32.67
N ASN D 57 7.63 -1.27 -32.07
CA ASN D 57 7.70 -2.59 -32.77
C ASN D 57 6.31 -3.13 -33.04
N LEU D 58 5.45 -3.11 -32.03
CA LEU D 58 4.09 -3.69 -32.21
C LEU D 58 3.37 -2.98 -33.35
N TYR D 59 3.54 -1.66 -33.45
CA TYR D 59 2.81 -0.93 -34.51
C TYR D 59 3.33 -1.35 -35.89
N GLN D 60 4.65 -1.47 -36.04
CA GLN D 60 5.19 -1.82 -37.38
C GLN D 60 4.83 -3.27 -37.71
N LEU D 61 4.66 -4.10 -36.68
CA LEU D 61 4.18 -5.48 -36.92
C LEU D 61 2.71 -5.44 -37.34
N THR D 62 1.94 -4.50 -36.79
CA THR D 62 0.54 -4.33 -37.24
C THR D 62 0.51 -3.86 -38.68
N ARG D 63 1.36 -2.91 -39.04
CA ARG D 63 1.40 -2.45 -40.45
C ARG D 63 1.76 -3.61 -41.38
N LEU D 64 2.63 -4.50 -40.92
CA LEU D 64 3.01 -5.64 -41.77
C LEU D 64 1.89 -6.69 -41.83
N ALA D 65 1.01 -6.71 -40.83
CA ALA D 65 -0.13 -7.64 -40.86
C ALA D 65 -1.15 -7.25 -41.94
N THR D 66 -1.04 -6.03 -42.48
CA THR D 66 -1.89 -5.64 -43.62
C THR D 66 -1.20 -6.01 -44.93
N ASP D 67 0.13 -6.13 -44.90
CA ASP D 67 0.88 -6.48 -46.13
C ASP D 67 0.56 -7.91 -46.54
N GLU D 68 0.10 -8.08 -47.78
CA GLU D 68 -0.27 -9.43 -48.26
C GLU D 68 0.90 -10.11 -49.00
N SER D 69 2.00 -9.38 -49.21
CA SER D 69 3.18 -10.04 -49.82
C SER D 69 3.77 -11.02 -48.80
N VAL D 70 3.70 -10.67 -47.51
CA VAL D 70 4.19 -11.59 -46.45
C VAL D 70 3.04 -12.48 -45.97
N SER D 71 3.37 -13.74 -45.66
CA SER D 71 2.37 -14.74 -45.21
C SER D 71 1.91 -14.49 -43.77
N VAL D 72 0.78 -15.09 -43.40
CA VAL D 72 0.26 -14.94 -42.01
C VAL D 72 1.14 -15.77 -41.06
N GLU D 73 1.45 -17.00 -41.43
CA GLU D 73 2.33 -17.83 -40.56
C GLU D 73 3.74 -17.21 -40.52
N ASN D 74 4.19 -16.66 -41.64
CA ASN D 74 5.50 -15.96 -41.63
C ASN D 74 5.44 -14.75 -40.68
N LEU D 75 4.32 -14.04 -40.65
CA LEU D 75 4.20 -12.90 -39.69
C LEU D 75 4.36 -13.40 -38.25
N LEU D 76 3.77 -14.54 -37.92
CA LEU D 76 3.86 -15.00 -36.52
C LEU D 76 5.31 -15.40 -36.19
N THR D 77 6.03 -16.00 -37.14
CA THR D 77 7.44 -16.34 -36.85
C THR D 77 8.25 -15.09 -36.61
N VAL D 78 8.07 -14.06 -37.43
CA VAL D 78 8.79 -12.79 -37.18
C VAL D 78 8.35 -12.23 -35.81
N PHE D 79 7.11 -12.48 -35.43
CA PHE D 79 6.67 -12.04 -34.07
C PHE D 79 7.37 -12.85 -33.00
N ARG D 80 7.37 -14.17 -33.14
CA ARG D 80 7.94 -15.05 -32.08
C ARG D 80 9.47 -14.93 -31.96
N THR D 81 10.09 -14.04 -32.73
CA THR D 81 11.56 -13.84 -32.60
C THR D 81 11.86 -12.51 -31.94
N LEU D 82 11.18 -11.44 -32.38
CA LEU D 82 11.49 -10.09 -31.85
C LEU D 82 10.68 -9.82 -30.57
N ASP D 83 9.56 -10.50 -30.41
CA ASP D 83 8.67 -10.18 -29.25
C ASP D 83 9.24 -10.61 -27.90
N PRO D 84 9.70 -11.86 -27.70
CA PRO D 84 10.03 -12.33 -26.33
C PRO D 84 10.99 -11.42 -25.57
N ILE D 85 12.04 -10.94 -26.23
CA ILE D 85 13.05 -10.13 -25.49
C ILE D 85 12.38 -8.90 -24.87
N TYR D 86 11.39 -8.33 -25.55
CA TYR D 86 10.75 -7.11 -24.98
C TYR D 86 9.67 -7.48 -23.98
N SER D 87 9.00 -8.62 -24.17
CA SER D 87 7.85 -8.93 -23.29
C SER D 87 8.33 -9.53 -21.97
N THR D 88 9.32 -10.42 -22.06
CA THR D 88 9.84 -11.07 -20.83
C THR D 88 10.61 -10.07 -19.97
N PHE D 89 11.37 -9.17 -20.58
CA PHE D 89 12.07 -8.18 -19.73
C PHE D 89 11.08 -7.19 -19.11
N LEU D 90 10.09 -6.75 -19.89
CA LEU D 90 9.11 -5.79 -19.34
C LEU D 90 8.30 -6.47 -18.23
N GLY D 91 7.97 -7.75 -18.40
CA GLY D 91 7.27 -8.47 -17.33
C GLY D 91 8.10 -8.53 -16.06
N TYR D 92 9.42 -8.65 -16.18
CA TYR D 92 10.28 -8.67 -14.98
C TYR D 92 10.44 -7.26 -14.41
N ASN D 93 10.38 -6.24 -15.28
CA ASN D 93 10.47 -4.83 -14.84
C ASN D 93 9.07 -4.23 -14.70
N GLY D 94 8.11 -4.99 -14.17
CA GLY D 94 6.77 -4.42 -13.89
C GLY D 94 5.82 -4.33 -15.06
N PHE D 95 5.76 -5.34 -15.94
CA PHE D 95 4.75 -5.35 -17.01
C PHE D 95 4.26 -6.78 -17.20
N PRO D 96 3.64 -7.41 -16.18
CA PRO D 96 3.24 -8.86 -16.26
C PRO D 96 2.22 -9.05 -17.36
N VAL D 97 1.08 -8.38 -17.26
CA VAL D 97 -0.01 -8.61 -18.25
C VAL D 97 0.56 -8.42 -19.66
N LEU D 98 1.49 -7.49 -19.82
CA LEU D 98 2.12 -7.28 -21.14
C LEU D 98 2.76 -8.58 -21.63
N ALA D 99 3.42 -9.31 -20.73
CA ALA D 99 4.07 -10.58 -21.14
C ALA D 99 3.02 -11.62 -21.52
N GLU D 100 1.97 -11.76 -20.72
CA GLU D 100 0.97 -12.82 -21.03
C GLU D 100 0.21 -12.49 -22.32
N TYR D 101 -0.26 -11.26 -22.49
CA TYR D 101 -1.00 -10.98 -23.75
C TYR D 101 -0.06 -10.98 -24.95
N ALA D 102 1.24 -10.83 -24.71
CA ALA D 102 2.20 -10.95 -25.85
C ALA D 102 2.15 -12.37 -26.37
N GLN D 103 2.08 -13.35 -25.46
CA GLN D 103 1.90 -14.75 -25.88
C GLN D 103 0.54 -14.88 -26.57
N ARG D 104 -0.46 -14.13 -26.10
CA ARG D 104 -1.80 -14.20 -26.72
C ARG D 104 -1.80 -13.60 -28.13
N VAL D 105 -0.90 -12.67 -28.43
CA VAL D 105 -0.87 -12.20 -29.84
C VAL D 105 -0.22 -13.32 -30.67
N GLY D 106 0.68 -14.08 -30.06
CA GLY D 106 1.35 -15.18 -30.78
C GLY D 106 0.54 -16.45 -30.68
N GLN D 107 -0.78 -16.35 -30.81
CA GLN D 107 -1.67 -17.54 -30.77
C GLN D 107 -1.91 -18.01 -32.22
N PRO D 108 -2.71 -19.07 -32.48
CA PRO D 108 -3.04 -19.49 -33.88
C PRO D 108 -3.39 -18.26 -34.71
N ALA D 109 -2.94 -18.25 -35.97
CA ALA D 109 -3.23 -17.11 -36.87
C ALA D 109 -4.74 -16.90 -36.94
N GLU D 110 -5.51 -18.00 -37.06
CA GLU D 110 -6.99 -17.93 -37.16
C GLU D 110 -7.34 -17.28 -38.51
N SER D 111 -6.88 -16.04 -38.73
CA SER D 111 -7.11 -15.35 -40.03
C SER D 111 -6.20 -14.11 -40.09
N ARG D 112 -5.84 -13.68 -41.29
CA ARG D 112 -5.05 -12.42 -41.38
C ARG D 112 -5.81 -11.34 -40.62
N ALA D 113 -7.15 -11.34 -40.73
CA ALA D 113 -7.95 -10.35 -39.99
C ALA D 113 -7.82 -10.58 -38.48
N GLU D 114 -7.82 -11.83 -38.06
CA GLU D 114 -7.72 -12.12 -36.61
C GLU D 114 -6.34 -11.69 -36.09
N LEU D 115 -5.28 -11.99 -36.84
CA LEU D 115 -3.94 -11.59 -36.37
C LEU D 115 -3.84 -10.05 -36.33
N LEU D 116 -4.40 -9.37 -37.33
CA LEU D 116 -4.41 -7.90 -37.28
C LEU D 116 -5.18 -7.44 -36.04
N ASP D 117 -6.24 -8.16 -35.68
CA ASP D 117 -7.04 -7.79 -34.49
C ASP D 117 -6.19 -7.91 -33.22
N ARG D 118 -5.42 -8.99 -33.11
CA ARG D 118 -4.57 -9.16 -31.92
C ARG D 118 -3.53 -8.03 -31.87
N LEU D 119 -2.96 -7.66 -33.02
CA LEU D 119 -1.91 -6.62 -32.99
C LEU D 119 -2.52 -5.24 -32.71
N THR D 120 -3.63 -4.92 -33.36
CA THR D 120 -4.22 -3.58 -33.18
C THR D 120 -4.60 -3.36 -31.73
N THR D 121 -5.22 -4.36 -31.11
CA THR D 121 -5.66 -4.22 -29.71
C THR D 121 -4.45 -4.14 -28.81
N PHE D 122 -3.46 -4.99 -29.06
CA PHE D 122 -2.28 -5.04 -28.16
C PHE D 122 -1.45 -3.77 -28.29
N THR D 123 -1.33 -3.24 -29.50
CA THR D 123 -0.56 -1.99 -29.68
C THR D 123 -1.23 -0.84 -28.94
N GLU D 124 -2.55 -0.75 -29.04
CA GLU D 124 -3.28 0.34 -28.35
C GLU D 124 -3.09 0.20 -26.83
N TYR D 125 -3.04 -1.04 -26.35
CA TYR D 125 -2.83 -1.26 -24.89
C TYR D 125 -1.48 -0.70 -24.46
N VAL D 126 -0.41 -1.06 -25.17
CA VAL D 126 0.95 -0.62 -24.77
C VAL D 126 1.11 0.90 -24.95
N ASN D 127 0.41 1.49 -25.93
CA ASN D 127 0.55 2.95 -26.09
C ASN D 127 -0.06 3.70 -24.90
N ARG D 128 -1.09 3.13 -24.27
CA ARG D 128 -1.62 3.80 -23.06
C ARG D 128 -0.63 3.60 -21.90
N LEU D 129 0.05 2.46 -21.88
CA LEU D 129 1.11 2.27 -20.85
C LEU D 129 2.28 3.23 -21.15
N THR D 130 2.62 3.38 -22.44
CA THR D 130 3.68 4.34 -22.81
C THR D 130 3.22 5.76 -22.52
N ALA D 131 1.93 6.03 -22.72
CA ALA D 131 1.39 7.38 -22.42
C ALA D 131 1.55 7.70 -20.94
N TRP D 132 1.12 6.77 -20.09
CA TRP D 132 1.21 7.04 -18.63
C TRP D 132 2.65 6.95 -18.17
N SER D 133 3.44 6.10 -18.80
CA SER D 133 4.87 6.01 -18.42
C SER D 133 5.57 7.33 -18.78
N HIS D 134 5.30 7.84 -19.98
CA HIS D 134 5.91 9.12 -20.39
C HIS D 134 5.45 10.23 -19.44
N HIS D 135 4.19 10.17 -19.00
CA HIS D 135 3.74 11.19 -18.04
C HIS D 135 4.44 11.00 -16.69
N TYR D 136 4.66 9.75 -16.30
CA TYR D 136 5.30 9.48 -15.00
C TYR D 136 6.73 9.02 -15.22
N PHE D 137 7.62 10.00 -15.42
CA PHE D 137 9.06 9.70 -15.56
C PHE D 137 9.80 10.99 -15.25
N PRO D 138 10.86 10.96 -14.42
CA PRO D 138 11.53 12.22 -14.00
C PRO D 138 12.39 12.82 -15.11
N TRP D 139 11.77 13.56 -16.03
CA TRP D 139 12.57 14.26 -17.05
C TRP D 139 13.33 15.42 -16.43
N ASP D 140 12.96 15.78 -15.20
CA ASP D 140 13.61 16.92 -14.50
C ASP D 140 15.04 16.57 -14.11
N LEU D 141 15.41 15.29 -14.17
CA LEU D 141 16.81 14.88 -13.88
C LEU D 141 17.75 15.44 -14.95
N VAL D 170 2.03 22.82 -47.94
CA VAL D 170 1.21 21.81 -47.21
C VAL D 170 -0.06 22.49 -46.70
N ASP D 171 0.07 23.69 -46.15
CA ASP D 171 -1.14 24.44 -45.73
C ASP D 171 -1.93 24.84 -46.96
N SER D 172 -1.30 25.58 -47.88
CA SER D 172 -1.98 26.01 -49.12
C SER D 172 -1.90 24.88 -50.16
N LEU D 173 -2.49 23.74 -49.82
CA LEU D 173 -2.47 22.58 -50.75
C LEU D 173 -3.88 21.95 -50.76
N GLY D 174 -4.30 21.50 -51.94
CA GLY D 174 -5.62 20.86 -52.02
C GLY D 174 -6.74 21.88 -51.96
N ASP D 175 -7.83 21.52 -51.30
CA ASP D 175 -9.01 22.42 -51.23
C ASP D 175 -9.35 22.72 -49.78
N PRO D 176 -9.34 23.99 -49.36
CA PRO D 176 -9.79 24.35 -48.00
C PRO D 176 -11.28 24.04 -47.80
N SER D 177 -11.97 23.57 -48.84
CA SER D 177 -13.43 23.34 -48.74
C SER D 177 -13.76 22.02 -48.01
N GLN D 178 -12.77 21.14 -47.83
CA GLN D 178 -13.05 19.88 -47.09
C GLN D 178 -12.54 19.94 -45.63
N ARG D 179 -11.91 21.05 -45.22
CA ARG D 179 -11.45 21.11 -43.81
C ARG D 179 -12.66 21.03 -42.87
N ILE D 180 -12.52 20.19 -41.84
CA ILE D 180 -13.62 19.99 -40.87
C ILE D 180 -13.28 20.75 -39.59
N PRO D 181 -14.17 21.59 -39.08
CA PRO D 181 -13.88 22.32 -37.86
C PRO D 181 -13.93 21.38 -36.67
N VAL D 182 -12.98 21.57 -35.76
CA VAL D 182 -12.96 20.78 -34.50
C VAL D 182 -12.55 21.75 -33.39
N ARG D 183 -12.76 21.32 -32.15
CA ARG D 183 -12.44 22.22 -31.02
C ARG D 183 -11.51 21.50 -30.04
N LEU D 184 -10.45 22.20 -29.64
CA LEU D 184 -9.54 21.64 -28.61
C LEU D 184 -9.83 22.37 -27.31
N THR D 185 -10.03 21.61 -26.23
CA THR D 185 -10.31 22.22 -24.92
C THR D 185 -9.35 21.63 -23.92
N TRP D 186 -8.54 22.49 -23.30
CA TRP D 186 -7.59 22.00 -22.29
C TRP D 186 -8.13 22.29 -20.91
N GLN D 187 -8.46 21.21 -20.22
CA GLN D 187 -8.90 21.39 -18.82
C GLN D 187 -7.77 20.85 -17.93
N PRO D 188 -7.60 21.37 -16.71
CA PRO D 188 -8.40 22.48 -16.10
C PRO D 188 -7.83 23.87 -16.36
N LEU D 189 -7.11 24.07 -17.47
CA LEU D 189 -6.48 25.40 -17.69
C LEU D 189 -7.53 26.45 -18.08
N GLY D 190 -8.56 26.05 -18.82
CA GLY D 190 -9.55 27.04 -19.28
C GLY D 190 -9.24 27.63 -20.64
N VAL D 191 -8.48 26.93 -21.48
CA VAL D 191 -8.26 27.41 -22.88
C VAL D 191 -8.99 26.47 -23.84
N GLN D 192 -9.70 27.02 -24.82
CA GLN D 192 -10.49 26.18 -25.76
C GLN D 192 -10.32 26.70 -27.20
N VAL D 193 -9.19 26.36 -27.81
CA VAL D 193 -8.95 26.82 -29.20
C VAL D 193 -9.77 25.98 -30.20
N ASP D 194 -9.91 26.52 -31.41
CA ASP D 194 -10.63 25.84 -32.51
C ASP D 194 -9.60 25.42 -33.58
N ALA D 195 -9.92 24.34 -34.29
CA ALA D 195 -8.97 23.85 -35.32
C ALA D 195 -9.72 23.44 -36.59
N GLU D 196 -8.96 22.97 -37.57
CA GLU D 196 -9.55 22.52 -38.85
C GLU D 196 -8.80 21.27 -39.33
N ILE D 197 -9.52 20.17 -39.48
CA ILE D 197 -8.90 18.91 -39.96
C ILE D 197 -8.77 18.97 -41.49
N TYR D 198 -7.60 18.62 -42.00
CA TYR D 198 -7.43 18.61 -43.48
C TYR D 198 -7.93 17.26 -43.95
N ALA D 199 -9.17 17.22 -44.44
CA ALA D 199 -9.77 15.91 -44.81
C ALA D 199 -9.41 15.46 -46.23
N ASP D 200 -8.80 16.31 -47.04
CA ASP D 200 -8.54 15.87 -48.43
C ASP D 200 -7.07 15.48 -48.60
N LEU D 201 -6.18 15.96 -47.72
CA LEU D 201 -4.74 15.65 -47.85
C LEU D 201 -4.49 14.20 -47.41
N ASN D 202 -4.80 13.89 -46.16
CA ASN D 202 -4.69 12.48 -45.69
C ASN D 202 -6.11 12.05 -45.33
N PRO D 203 -6.92 11.60 -46.30
CA PRO D 203 -8.35 11.28 -46.02
C PRO D 203 -8.52 10.15 -45.02
N GLN D 204 -7.99 8.96 -45.32
CA GLN D 204 -8.23 7.80 -44.43
C GLN D 204 -7.63 8.07 -43.04
N LEU D 205 -6.49 8.74 -42.98
CA LEU D 205 -5.94 9.09 -41.64
C LEU D 205 -6.92 10.01 -40.91
N ALA D 206 -7.40 11.05 -41.60
CA ALA D 206 -8.30 12.02 -40.94
C ALA D 206 -9.60 11.36 -40.51
N THR D 207 -10.17 10.53 -41.39
CA THR D 207 -11.41 9.81 -41.02
C THR D 207 -11.15 8.93 -39.81
N ASP D 208 -10.00 8.25 -39.77
CA ASP D 208 -9.73 7.34 -38.65
C ASP D 208 -9.66 8.11 -37.32
N VAL D 209 -9.19 9.35 -37.34
CA VAL D 209 -9.16 10.11 -36.07
C VAL D 209 -10.55 10.68 -35.77
N LEU D 210 -11.24 11.19 -36.79
CA LEU D 210 -12.58 11.78 -36.57
C LEU D 210 -13.59 10.71 -36.11
N LYS D 211 -13.39 9.45 -36.53
CA LYS D 211 -14.33 8.40 -36.11
C LYS D 211 -14.32 8.25 -34.59
N ALA D 212 -13.18 8.53 -33.95
CA ALA D 212 -13.10 8.38 -32.48
C ALA D 212 -13.60 9.62 -31.76
N LEU D 213 -13.78 10.73 -32.48
CA LEU D 213 -14.19 11.97 -31.80
C LEU D 213 -15.64 11.86 -31.37
N PRO D 214 -16.02 12.42 -30.20
CA PRO D 214 -15.10 13.14 -29.27
C PRO D 214 -14.46 12.20 -28.23
N PHE D 215 -13.30 12.59 -27.72
CA PHE D 215 -12.70 11.79 -26.62
C PHE D 215 -11.84 12.68 -25.74
N THR D 216 -11.70 12.30 -24.47
CA THR D 216 -10.83 13.04 -23.52
C THR D 216 -9.66 12.17 -23.11
N VAL D 217 -8.45 12.60 -23.46
CA VAL D 217 -7.22 11.87 -23.02
C VAL D 217 -6.23 12.91 -22.48
N LEU D 218 -5.26 12.43 -21.70
CA LEU D 218 -4.31 13.36 -21.05
C LEU D 218 -3.37 14.03 -22.07
N GLN D 219 -3.09 15.31 -21.84
CA GLN D 219 -2.19 16.07 -22.75
C GLN D 219 -0.80 16.13 -22.11
N ASP D 220 0.22 15.77 -22.89
CA ASP D 220 1.61 15.79 -22.38
C ASP D 220 2.50 16.58 -23.33
N HIS D 221 3.68 16.96 -22.84
CA HIS D 221 4.61 17.77 -23.65
C HIS D 221 5.74 16.90 -24.21
N ALA D 222 6.25 17.29 -25.38
CA ALA D 222 7.42 16.61 -25.96
C ALA D 222 8.67 16.96 -25.16
N VAL D 223 9.61 16.01 -25.09
CA VAL D 223 10.84 16.26 -24.28
C VAL D 223 12.07 16.39 -25.19
N VAL D 224 12.00 15.91 -26.43
CA VAL D 224 13.21 15.94 -27.30
C VAL D 224 12.98 16.82 -28.54
N SER D 225 11.73 16.99 -28.98
CA SER D 225 11.50 17.71 -30.26
C SER D 225 11.42 19.24 -30.07
N GLY D 226 11.31 19.73 -28.84
CA GLY D 226 11.16 21.18 -28.70
C GLY D 226 9.75 21.58 -28.33
N GLU D 227 9.26 22.69 -28.88
CA GLU D 227 7.93 23.19 -28.44
C GLU D 227 6.81 22.48 -29.20
N SER D 228 6.41 21.33 -28.69
CA SER D 228 5.25 20.60 -29.26
C SER D 228 4.65 19.79 -28.10
N MET D 229 3.35 19.52 -28.20
CA MET D 229 2.66 18.77 -27.13
C MET D 229 1.90 17.60 -27.78
N TYR D 230 2.01 16.42 -27.19
CA TYR D 230 1.28 15.27 -27.78
C TYR D 230 0.47 14.55 -26.72
N ALA D 231 -0.60 13.92 -27.19
CA ALA D 231 -1.48 13.13 -26.30
C ALA D 231 -1.77 11.81 -27.03
N TRP D 232 -1.59 10.70 -26.34
CA TRP D 232 -1.89 9.40 -26.97
C TRP D 232 -3.39 9.31 -27.24
N ALA D 233 -3.74 9.24 -28.52
CA ALA D 233 -5.17 9.19 -28.90
C ALA D 233 -5.68 7.76 -28.85
N PRO D 234 -6.96 7.55 -28.50
CA PRO D 234 -7.54 6.19 -28.36
C PRO D 234 -7.86 5.57 -29.70
N LEU D 235 -6.84 5.39 -30.54
CA LEU D 235 -7.06 4.68 -31.82
C LEU D 235 -5.72 4.09 -32.26
N VAL D 236 -5.78 3.18 -33.22
CA VAL D 236 -4.52 2.58 -33.77
C VAL D 236 -4.59 2.67 -35.30
N SER D 237 -4.47 3.88 -35.82
CA SER D 237 -4.56 4.10 -37.28
C SER D 237 -3.37 3.46 -38.00
N VAL D 238 -3.66 2.65 -39.01
CA VAL D 238 -2.59 2.06 -39.87
C VAL D 238 -2.70 2.70 -41.27
N ALA D 239 -3.27 3.89 -41.35
CA ALA D 239 -3.49 4.55 -42.65
C ALA D 239 -2.18 5.03 -43.26
N PRO D 240 -2.09 5.04 -44.60
CA PRO D 240 -0.88 5.56 -45.29
C PRO D 240 -0.71 7.05 -45.00
N THR D 241 0.53 7.54 -45.21
CA THR D 241 0.84 8.96 -44.97
C THR D 241 1.33 9.58 -46.26
N PRO D 242 0.44 9.95 -47.18
CA PRO D 242 0.86 10.63 -48.42
C PRO D 242 1.40 12.04 -48.16
N VAL D 243 0.78 12.76 -47.23
CA VAL D 243 1.25 14.13 -46.91
C VAL D 243 1.93 14.10 -45.53
N ARG D 244 3.25 14.28 -45.52
CA ARG D 244 4.00 14.38 -44.24
C ARG D 244 4.82 15.67 -44.26
N GLU D 245 4.84 16.36 -43.14
CA GLU D 245 5.59 17.64 -43.06
C GLU D 245 6.74 17.50 -42.05
N ARG D 246 7.91 18.00 -42.43
CA ARG D 246 9.06 17.96 -41.50
C ARG D 246 8.71 18.71 -40.21
N ILE D 247 9.01 18.10 -39.07
CA ILE D 247 8.65 18.70 -37.76
C ILE D 247 9.32 20.08 -37.61
N CYS D 248 10.59 20.19 -37.96
CA CYS D 248 11.24 21.50 -37.78
C CYS D 248 10.64 22.51 -38.78
N ASP D 249 10.17 22.03 -39.92
CA ASP D 249 9.57 22.91 -40.95
C ASP D 249 8.05 22.90 -40.78
N ALA D 250 7.59 23.39 -39.63
CA ALA D 250 6.14 23.33 -39.35
C ALA D 250 5.71 24.64 -38.71
N PRO D 251 4.60 25.24 -39.14
CA PRO D 251 4.15 26.54 -38.61
C PRO D 251 3.59 26.39 -37.20
N VAL D 252 3.40 27.53 -36.53
CA VAL D 252 2.80 27.49 -35.19
C VAL D 252 1.31 27.18 -35.34
N GLY D 253 0.83 26.20 -34.57
CA GLY D 253 -0.58 25.79 -34.72
C GLY D 253 -0.72 24.56 -35.59
N ARG D 254 0.39 23.86 -35.87
CA ARG D 254 0.30 22.69 -36.78
C ARG D 254 -0.23 21.47 -36.01
N LEU D 255 -1.20 20.78 -36.60
CA LEU D 255 -1.71 19.52 -36.01
C LEU D 255 -1.07 18.35 -36.76
N ARG D 256 -0.33 17.51 -36.04
CA ARG D 256 0.26 16.30 -36.67
C ARG D 256 -0.23 15.05 -35.95
N PHE D 257 -0.47 13.98 -36.71
CA PHE D 257 -0.83 12.69 -36.10
C PHE D 257 0.26 11.68 -36.45
N SER D 258 1.18 11.46 -35.50
CA SER D 258 2.26 10.47 -35.72
C SER D 258 1.75 9.08 -35.35
N GLN D 259 1.58 8.23 -36.36
CA GLN D 259 1.08 6.86 -36.13
C GLN D 259 2.20 5.98 -35.56
N ALA D 260 3.42 6.14 -36.07
CA ALA D 260 4.52 5.22 -35.68
C ALA D 260 4.93 5.41 -34.23
N THR D 261 4.88 6.64 -33.72
CA THR D 261 5.36 6.89 -32.34
C THR D 261 4.23 6.77 -31.34
N GLY D 262 3.14 6.08 -31.68
CA GLY D 262 2.08 5.83 -30.68
C GLY D 262 0.74 6.50 -30.90
N ASN D 263 0.36 6.77 -32.17
CA ASN D 263 -0.99 7.29 -32.47
C ASN D 263 -1.30 8.53 -31.63
N LYS D 264 -0.44 9.54 -31.71
CA LYS D 264 -0.64 10.73 -30.86
C LYS D 264 -1.14 11.92 -31.67
N VAL D 265 -1.98 12.74 -31.03
CA VAL D 265 -2.38 14.01 -31.68
C VAL D 265 -1.36 15.05 -31.20
N ILE D 266 -0.63 15.64 -32.14
CA ILE D 266 0.49 16.53 -31.75
C ILE D 266 0.14 17.97 -32.11
N VAL D 267 0.28 18.86 -31.14
CA VAL D 267 0.01 20.29 -31.40
C VAL D 267 1.32 21.06 -31.22
N GLN D 268 1.88 21.54 -32.32
CA GLN D 268 3.12 22.33 -32.24
C GLN D 268 2.75 23.80 -32.01
N TYR D 269 3.26 24.37 -30.91
CA TYR D 269 2.95 25.79 -30.60
C TYR D 269 4.22 26.67 -30.71
N GLY D 270 5.34 26.09 -31.15
CA GLY D 270 6.55 26.90 -31.30
C GLY D 270 7.63 26.21 -32.10
N PRO D 271 8.86 26.71 -32.06
CA PRO D 271 9.97 26.13 -32.83
C PRO D 271 10.27 24.72 -32.33
N THR D 272 10.59 23.83 -33.27
CA THR D 272 10.97 22.45 -32.91
C THR D 272 12.31 22.12 -33.52
N THR D 273 13.04 21.20 -32.90
CA THR D 273 14.40 20.85 -33.37
C THR D 273 14.41 19.53 -34.12
N GLU D 274 13.39 18.69 -33.93
CA GLU D 274 13.37 17.37 -34.59
C GLU D 274 13.31 17.56 -36.10
N THR D 275 14.23 16.93 -36.83
CA THR D 275 14.32 17.14 -38.30
C THR D 275 13.64 16.02 -39.05
N LEU D 276 12.76 15.27 -38.38
CA LEU D 276 12.05 14.15 -39.03
C LEU D 276 10.72 14.65 -39.61
N SER D 277 10.17 13.88 -40.54
CA SER D 277 8.88 14.25 -41.18
C SER D 277 7.74 13.49 -40.50
N SER D 278 6.77 14.25 -39.96
CA SER D 278 5.61 13.62 -39.28
C SER D 278 4.36 13.82 -40.14
N PRO D 279 3.42 12.86 -40.12
CA PRO D 279 2.18 12.97 -40.91
C PRO D 279 1.41 14.22 -40.51
N VAL D 280 0.71 14.80 -41.48
CA VAL D 280 -0.05 16.05 -41.21
C VAL D 280 -1.51 15.68 -40.88
N LEU D 281 -2.01 16.21 -39.76
CA LEU D 281 -3.40 15.94 -39.34
C LEU D 281 -4.30 17.13 -39.65
N GLY D 282 -3.77 18.34 -39.50
CA GLY D 282 -4.61 19.53 -39.72
C GLY D 282 -3.90 20.73 -39.13
N LYS D 283 -4.68 21.69 -38.65
CA LYS D 283 -4.06 22.88 -38.04
C LYS D 283 -5.06 23.61 -37.16
N VAL D 284 -4.54 24.21 -36.09
CA VAL D 284 -5.42 25.07 -35.26
C VAL D 284 -5.69 26.35 -36.07
N VAL D 285 -6.92 26.80 -36.02
CA VAL D 285 -7.28 28.01 -36.80
C VAL D 285 -6.35 29.15 -36.39
N ASP D 286 -5.97 29.97 -37.37
CA ASP D 286 -4.99 31.06 -37.10
C ASP D 286 -5.52 31.99 -36.01
N SER D 287 -6.83 32.22 -35.99
CA SER D 287 -7.41 33.11 -34.97
C SER D 287 -7.13 32.56 -33.56
N HIS D 288 -6.96 31.25 -33.44
CA HIS D 288 -6.75 30.65 -32.10
C HIS D 288 -5.35 30.04 -31.97
N ALA D 289 -4.52 30.15 -33.01
CA ALA D 289 -3.13 29.65 -32.88
C ALA D 289 -2.36 30.57 -31.95
N ASP D 290 -2.78 31.83 -31.84
CA ASP D 290 -2.12 32.76 -30.89
C ASP D 290 -2.45 32.36 -29.44
N ARG D 291 -3.64 31.82 -29.23
CA ARG D 291 -4.02 31.40 -27.86
C ARG D 291 -3.44 30.00 -27.61
N LEU D 292 -3.08 29.33 -28.70
CA LEU D 292 -2.56 27.96 -28.59
C LEU D 292 -1.07 28.03 -28.27
N ALA D 293 -0.41 29.10 -28.72
CA ALA D 293 1.01 29.30 -28.41
C ALA D 293 1.21 29.25 -26.89
N GLU D 294 0.26 29.84 -26.16
CA GLU D 294 0.34 29.79 -24.68
C GLU D 294 0.28 28.33 -24.20
N VAL D 295 -0.69 27.58 -24.72
CA VAL D 295 -0.81 26.16 -24.32
C VAL D 295 0.47 25.42 -24.74
N GLY D 296 1.04 24.69 -23.79
CA GLY D 296 2.30 23.96 -24.07
C GLY D 296 3.38 24.43 -23.13
N LYS D 297 3.38 25.73 -22.81
CA LYS D 297 4.34 26.22 -21.80
C LYS D 297 3.95 25.67 -20.41
N ALA D 298 2.68 25.80 -20.03
CA ALA D 298 2.24 25.27 -18.73
C ALA D 298 2.29 23.75 -18.74
N VAL D 299 1.91 23.15 -19.86
CA VAL D 299 1.92 21.66 -19.97
C VAL D 299 3.38 21.15 -19.98
N TRP D 300 4.34 21.98 -20.37
CA TRP D 300 5.75 21.53 -20.30
C TRP D 300 6.12 21.25 -18.85
N GLU D 301 5.77 22.16 -17.95
CA GLU D 301 6.04 21.88 -16.52
C GLU D 301 5.22 20.67 -16.11
N SER D 302 4.01 20.57 -16.65
CA SER D 302 3.08 19.46 -16.30
C SER D 302 3.63 18.09 -16.73
N THR D 303 4.51 18.08 -17.74
CA THR D 303 5.12 16.81 -18.22
C THR D 303 6.61 16.73 -17.92
N PHE D 304 7.31 17.87 -17.80
CA PHE D 304 8.78 17.81 -17.61
C PHE D 304 9.11 17.68 -16.12
N SER D 305 8.43 18.44 -15.26
CA SER D 305 8.81 18.47 -13.83
C SER D 305 7.60 18.37 -12.91
N SER D 306 6.59 19.22 -13.13
CA SER D 306 5.43 19.31 -12.21
C SER D 306 4.61 18.02 -12.14
N LYS D 307 4.52 17.26 -13.23
CA LYS D 307 3.74 15.98 -13.26
C LYS D 307 2.24 16.20 -12.99
N GLU D 308 1.69 17.32 -13.46
CA GLU D 308 0.23 17.53 -13.29
C GLU D 308 -0.56 16.91 -14.45
N PRO D 309 -1.71 16.29 -14.20
CA PRO D 309 -2.54 15.71 -15.30
C PRO D 309 -3.35 16.77 -16.03
N VAL D 310 -2.75 17.36 -17.07
CA VAL D 310 -3.51 18.32 -17.92
C VAL D 310 -4.29 17.52 -18.95
N TRP D 311 -5.62 17.61 -18.88
CA TRP D 311 -6.46 16.79 -19.78
C TRP D 311 -6.80 17.54 -21.06
N LEU D 312 -6.94 16.78 -22.14
CA LEU D 312 -7.30 17.40 -23.44
C LEU D 312 -8.59 16.74 -23.95
N THR D 313 -9.53 17.58 -24.40
CA THR D 313 -10.78 17.06 -24.99
C THR D 313 -10.81 17.48 -26.45
N VAL D 314 -10.86 16.50 -27.36
CA VAL D 314 -11.02 16.85 -28.79
C VAL D 314 -12.46 16.51 -29.18
N GLU D 315 -13.14 17.47 -29.80
CA GLU D 315 -14.54 17.24 -30.19
C GLU D 315 -14.81 17.91 -31.54
N ARG D 316 -15.84 17.44 -32.22
CA ARG D 316 -16.17 17.99 -33.57
C ARG D 316 -17.12 19.18 -33.42
N LEU D 317 -16.86 20.23 -34.19
CA LEU D 317 -17.76 21.42 -34.15
C LEU D 317 -18.80 21.34 -35.28
N SER E 2 36.22 24.35 8.67
CA SER E 2 35.34 24.72 7.53
C SER E 2 34.07 25.40 8.05
N ALA E 3 32.96 24.67 8.02
CA ALA E 3 31.67 25.23 8.50
C ALA E 3 31.68 25.29 10.02
N LEU E 4 31.49 26.49 10.58
CA LEU E 4 31.53 26.69 12.04
C LEU E 4 32.83 26.12 12.62
N PRO E 5 33.99 26.68 12.26
CA PRO E 5 35.28 26.18 12.79
C PRO E 5 35.40 26.45 14.29
N GLU E 6 34.87 27.58 14.76
CA GLU E 6 34.89 27.85 16.22
C GLU E 6 34.05 26.81 16.96
N LEU E 7 33.11 26.14 16.30
CA LEU E 7 32.38 25.07 17.00
C LEU E 7 33.34 23.90 17.28
N ARG E 8 34.12 23.50 16.28
CA ARG E 8 35.01 22.33 16.48
C ARG E 8 35.98 22.60 17.64
N GLU E 9 36.44 23.85 17.78
CA GLU E 9 37.35 24.15 18.91
C GLU E 9 36.59 24.13 20.24
N LEU E 10 35.33 24.57 20.24
CA LEU E 10 34.52 24.55 21.48
C LEU E 10 34.03 23.12 21.78
N ILE E 11 33.70 22.36 20.75
CA ILE E 11 33.30 20.94 20.99
C ILE E 11 34.50 20.19 21.59
N ALA E 12 35.71 20.49 21.11
CA ALA E 12 36.90 19.83 21.67
C ALA E 12 37.10 20.26 23.13
N SER E 13 36.85 21.54 23.42
CA SER E 13 37.00 22.04 24.81
C SER E 13 35.98 21.36 25.72
N PHE E 14 34.81 21.01 25.18
CA PHE E 14 33.73 20.49 26.05
C PHE E 14 33.77 18.97 26.17
N VAL E 15 34.63 18.29 25.41
CA VAL E 15 34.72 16.82 25.59
C VAL E 15 35.30 16.49 26.98
N SER E 16 36.20 17.35 27.48
CA SER E 16 36.84 17.10 28.80
C SER E 16 36.41 18.13 29.84
N GLU E 17 36.08 19.35 29.42
CA GLU E 17 35.77 20.41 30.41
C GLU E 17 34.27 20.69 30.41
N GLU E 18 33.75 21.10 31.57
CA GLU E 18 32.30 21.43 31.62
C GLU E 18 32.07 22.76 30.90
N PRO E 19 31.11 22.80 29.98
CA PRO E 19 30.81 24.04 29.23
C PRO E 19 30.30 25.13 30.17
N PRO E 20 30.49 26.40 29.84
CA PRO E 20 30.02 27.51 30.70
C PRO E 20 28.51 27.49 30.84
N GLU E 21 27.79 26.93 29.87
CA GLU E 21 26.31 26.91 29.95
C GLU E 21 25.85 25.96 31.06
N ILE E 22 26.27 24.69 31.00
CA ILE E 22 25.73 23.68 31.96
C ILE E 22 25.96 24.12 33.41
N ARG E 23 27.06 24.78 33.72
CA ARG E 23 27.24 25.23 35.11
C ARG E 23 26.18 26.28 35.47
N ARG E 24 25.98 27.27 34.61
CA ARG E 24 25.05 28.36 34.95
C ARG E 24 23.60 27.83 35.04
N ILE E 25 23.25 26.84 34.23
CA ILE E 25 21.87 26.27 34.31
C ILE E 25 21.72 25.46 35.61
N ARG E 26 22.69 24.62 35.92
CA ARG E 26 22.52 23.75 37.12
C ARG E 26 22.61 24.57 38.42
N THR E 27 23.16 25.78 38.37
CA THR E 27 23.30 26.60 39.59
C THR E 27 22.22 27.67 39.64
N GLY E 28 21.35 27.73 38.63
CA GLY E 28 20.25 28.71 38.63
C GLY E 28 20.72 30.14 38.43
N THR E 29 21.82 30.34 37.70
CA THR E 29 22.27 31.71 37.41
C THR E 29 22.04 32.03 35.95
N VAL E 30 21.03 31.40 35.35
CA VAL E 30 20.69 31.79 33.96
C VAL E 30 20.28 33.27 34.00
N PRO E 31 20.79 34.10 33.09
CA PRO E 31 20.54 35.57 33.15
C PRO E 31 19.06 35.94 33.18
N ASP E 32 18.24 35.31 32.35
CA ASP E 32 16.81 35.73 32.23
C ASP E 32 15.98 35.35 33.45
N LEU E 33 16.51 34.50 34.33
CA LEU E 33 15.74 34.02 35.50
C LEU E 33 14.48 33.30 34.99
N PRO E 34 14.64 32.14 34.34
CA PRO E 34 13.47 31.36 33.89
C PRO E 34 12.82 30.62 35.05
N GLY E 35 11.56 30.23 34.86
CA GLY E 35 10.82 29.49 35.89
C GLY E 35 9.67 30.31 36.45
N SER E 36 8.58 29.64 36.77
CA SER E 36 7.39 30.36 37.30
C SER E 36 7.48 30.45 38.82
N TYR E 37 7.08 31.58 39.39
CA TYR E 37 7.02 31.73 40.87
C TYR E 37 8.40 31.52 41.49
N GLY E 38 9.45 31.86 40.75
CA GLY E 38 10.81 31.80 41.33
C GLY E 38 11.34 30.42 41.59
N GLN E 39 11.45 29.58 40.56
CA GLN E 39 12.15 28.28 40.74
C GLN E 39 12.66 27.85 39.35
N TYR E 40 13.82 27.20 39.31
CA TYR E 40 14.40 26.85 37.98
C TYR E 40 14.42 25.34 37.80
N PHE E 41 13.78 24.58 38.68
CA PHE E 41 13.70 23.13 38.42
C PHE E 41 12.82 22.87 37.19
N THR E 42 11.69 23.56 37.08
CA THR E 42 10.85 23.38 35.87
C THR E 42 11.57 23.89 34.65
N ALA E 43 12.24 25.04 34.76
CA ALA E 43 13.04 25.56 33.63
C ALA E 43 14.19 24.59 33.33
N TRP E 44 14.70 23.93 34.35
CA TRP E 44 15.76 22.92 34.16
C TRP E 44 15.21 21.73 33.37
N ASP E 45 14.01 21.28 33.73
CA ASP E 45 13.38 20.14 33.02
C ASP E 45 13.21 20.50 31.54
N PHE E 46 12.92 21.76 31.26
CA PHE E 46 12.76 22.19 29.86
C PHE E 46 14.12 22.40 29.19
N SER E 47 15.19 22.48 29.98
CA SER E 47 16.54 22.64 29.39
C SER E 47 17.10 21.29 28.90
N ASN E 48 17.44 20.40 29.83
CA ASN E 48 18.10 19.12 29.45
C ASN E 48 17.21 18.29 28.53
N SER E 49 15.93 18.18 28.85
CA SER E 49 15.06 17.27 28.05
C SER E 49 14.83 17.86 26.66
N ILE E 50 14.55 19.16 26.58
CA ILE E 50 14.23 19.76 25.25
C ILE E 50 15.50 19.83 24.37
N VAL E 51 16.66 20.17 24.95
CA VAL E 51 17.87 20.21 24.08
C VAL E 51 18.17 18.78 23.64
N ARG E 52 17.71 17.79 24.40
CA ARG E 52 17.87 16.38 23.96
C ARG E 52 16.98 16.11 22.73
N ASP E 53 15.70 16.46 22.81
CA ASP E 53 14.81 16.18 21.66
C ASP E 53 15.20 17.06 20.47
N TYR E 54 15.78 18.21 20.75
CA TYR E 54 16.23 19.09 19.64
C TYR E 54 17.44 18.50 18.93
N ALA E 55 18.37 17.92 19.69
CA ALA E 55 19.56 17.29 19.07
C ALA E 55 19.15 16.12 18.18
N MET E 56 18.10 15.39 18.57
CA MET E 56 17.62 14.25 17.76
C MET E 56 17.19 14.75 16.37
N ASN E 57 16.49 15.88 16.33
CA ASN E 57 16.07 16.46 15.03
C ASN E 57 17.27 16.86 14.19
N LEU E 58 18.25 17.53 14.82
CA LEU E 58 19.40 18.04 14.03
C LEU E 58 20.10 16.89 13.30
N TYR E 59 20.23 15.74 13.96
CA TYR E 59 20.96 14.63 13.31
C TYR E 59 20.16 14.13 12.09
N GLN E 60 18.84 14.08 12.22
CA GLN E 60 18.00 13.63 11.09
C GLN E 60 18.06 14.65 9.94
N LEU E 61 18.29 15.92 10.25
CA LEU E 61 18.44 16.91 9.16
C LEU E 61 19.77 16.70 8.43
N THR E 62 20.82 16.32 9.15
CA THR E 62 22.11 16.03 8.48
C THR E 62 22.00 14.79 7.61
N ARG E 63 21.41 13.72 8.14
CA ARG E 63 21.24 12.52 7.29
C ARG E 63 20.26 12.80 6.14
N LEU E 64 19.37 13.79 6.30
CA LEU E 64 18.49 14.14 5.16
C LEU E 64 19.32 14.86 4.08
N ALA E 65 20.44 15.46 4.47
CA ALA E 65 21.33 16.07 3.46
C ALA E 65 22.07 14.99 2.66
N THR E 66 21.98 13.72 3.06
CA THR E 66 22.59 12.65 2.25
C THR E 66 21.62 12.16 1.19
N ASP E 67 20.33 12.19 1.49
CA ASP E 67 19.32 11.81 0.47
C ASP E 67 19.23 12.96 -0.53
N GLU E 68 19.44 12.67 -1.80
CA GLU E 68 19.46 13.76 -2.82
C GLU E 68 18.07 14.00 -3.41
N SER E 69 17.06 13.25 -2.99
CA SER E 69 15.69 13.53 -3.47
C SER E 69 15.19 14.86 -2.89
N VAL E 70 15.58 15.15 -1.64
CA VAL E 70 15.17 16.44 -1.03
C VAL E 70 16.16 17.53 -1.48
N SER E 71 15.64 18.62 -2.02
CA SER E 71 16.51 19.70 -2.51
C SER E 71 17.11 20.47 -1.34
N VAL E 72 18.21 21.18 -1.59
CA VAL E 72 18.83 21.96 -0.50
C VAL E 72 17.93 23.14 -0.13
N GLU E 73 17.15 23.64 -1.09
CA GLU E 73 16.17 24.70 -0.75
C GLU E 73 15.11 24.10 0.18
N ASN E 74 14.61 22.92 -0.17
CA ASN E 74 13.59 22.25 0.67
C ASN E 74 14.17 21.96 2.06
N LEU E 75 15.42 21.51 2.14
CA LEU E 75 16.02 21.27 3.47
C LEU E 75 16.07 22.58 4.27
N LEU E 76 16.38 23.68 3.60
CA LEU E 76 16.39 24.98 4.30
C LEU E 76 14.95 25.36 4.70
N THR E 77 13.96 24.98 3.90
CA THR E 77 12.55 25.26 4.28
C THR E 77 12.17 24.49 5.53
N VAL E 78 12.57 23.23 5.63
CA VAL E 78 12.26 22.48 6.87
C VAL E 78 12.96 23.17 8.04
N PHE E 79 14.10 23.78 7.78
CA PHE E 79 14.84 24.45 8.87
C PHE E 79 14.08 25.67 9.37
N ARG E 80 13.65 26.54 8.47
CA ARG E 80 13.00 27.81 8.90
C ARG E 80 11.63 27.57 9.54
N THR E 81 11.20 26.31 9.66
CA THR E 81 9.93 26.01 10.38
C THR E 81 10.22 25.24 11.65
N LEU E 82 11.10 24.25 11.59
CA LEU E 82 11.37 23.38 12.76
C LEU E 82 12.39 24.06 13.68
N ASP E 83 13.29 24.87 13.12
CA ASP E 83 14.39 25.43 13.94
C ASP E 83 13.95 26.52 14.90
N PRO E 84 13.27 27.61 14.48
CA PRO E 84 13.05 28.76 15.37
C PRO E 84 12.39 28.38 16.69
N ILE E 85 11.32 27.60 16.65
CA ILE E 85 10.58 27.32 17.91
C ILE E 85 11.51 26.62 18.92
N TYR E 86 12.47 25.84 18.42
CA TYR E 86 13.39 25.13 19.32
C TYR E 86 14.62 25.94 19.68
N SER E 87 15.09 26.81 18.80
CA SER E 87 16.41 27.45 19.06
C SER E 87 16.30 28.66 19.97
N THR E 88 15.39 29.57 19.64
CA THR E 88 15.35 30.83 20.41
C THR E 88 14.83 30.62 21.82
N PHE E 89 14.05 29.58 22.06
CA PHE E 89 13.66 29.32 23.48
C PHE E 89 14.91 28.94 24.26
N LEU E 90 15.79 28.17 23.63
CA LEU E 90 17.08 27.85 24.29
C LEU E 90 17.94 29.11 24.38
N GLY E 91 17.83 30.01 23.39
CA GLY E 91 18.53 31.30 23.49
C GLY E 91 18.11 32.02 24.76
N TYR E 92 16.85 31.87 25.14
CA TYR E 92 16.36 32.43 26.43
C TYR E 92 16.66 31.48 27.59
N ASN E 93 16.76 30.17 27.32
CA ASN E 93 16.93 29.16 28.40
C ASN E 93 18.39 28.89 28.77
N GLY E 94 19.30 29.81 28.46
CA GLY E 94 20.68 29.61 28.93
C GLY E 94 21.57 29.02 27.85
N PHE E 95 21.07 29.00 26.62
CA PHE E 95 21.88 28.51 25.47
C PHE E 95 21.78 29.55 24.38
N PRO E 96 22.22 30.80 24.60
CA PRO E 96 22.04 31.86 23.59
C PRO E 96 22.83 31.51 22.35
N VAL E 97 24.07 31.03 22.53
CA VAL E 97 24.94 30.70 21.37
C VAL E 97 24.30 29.62 20.49
N LEU E 98 23.58 28.68 21.10
CA LEU E 98 22.92 27.62 20.30
C LEU E 98 21.97 28.26 19.27
N ALA E 99 21.21 29.26 19.69
CA ALA E 99 20.23 29.88 18.78
C ALA E 99 20.91 30.62 17.63
N GLU E 100 21.95 31.40 17.94
CA GLU E 100 22.61 32.20 16.87
C GLU E 100 23.22 31.24 15.84
N TYR E 101 23.84 30.15 16.29
CA TYR E 101 24.51 29.24 15.34
C TYR E 101 23.49 28.54 14.45
N ALA E 102 22.26 28.39 14.95
CA ALA E 102 21.20 27.77 14.13
C ALA E 102 20.77 28.71 13.01
N GLN E 103 20.60 29.99 13.32
CA GLN E 103 20.20 30.97 12.28
C GLN E 103 21.23 30.91 11.14
N ARG E 104 22.51 30.81 11.50
CA ARG E 104 23.60 30.80 10.49
C ARG E 104 23.55 29.54 9.62
N VAL E 105 22.91 28.48 10.10
CA VAL E 105 22.74 27.29 9.22
C VAL E 105 21.65 27.58 8.18
N GLY E 106 20.67 28.40 8.55
CA GLY E 106 19.56 28.66 7.59
C GLY E 106 19.91 29.64 6.49
N GLN E 107 21.16 30.05 6.38
CA GLN E 107 21.49 30.95 5.24
C GLN E 107 21.41 30.15 3.95
N PRO E 108 21.15 30.79 2.80
CA PRO E 108 21.18 30.07 1.50
C PRO E 108 22.55 29.47 1.27
N ALA E 109 22.64 28.14 1.28
CA ALA E 109 23.96 27.49 1.09
C ALA E 109 24.37 27.47 -0.38
N GLU E 110 23.41 27.19 -1.28
CA GLU E 110 23.76 27.03 -2.73
C GLU E 110 24.76 25.88 -2.88
N SER E 111 24.92 25.08 -1.83
CA SER E 111 25.90 23.97 -1.84
C SER E 111 25.48 23.00 -0.75
N ARG E 112 24.87 21.88 -1.14
CA ARG E 112 24.51 20.85 -0.14
C ARG E 112 25.78 20.36 0.58
N ALA E 113 26.95 20.51 -0.05
CA ALA E 113 28.20 20.11 0.63
C ALA E 113 28.48 20.98 1.85
N GLU E 114 28.37 22.31 1.71
CA GLU E 114 28.59 23.15 2.89
C GLU E 114 27.42 22.96 3.88
N LEU E 115 26.20 22.88 3.36
CA LEU E 115 25.03 22.68 4.26
C LEU E 115 25.20 21.38 5.04
N LEU E 116 25.73 20.35 4.39
CA LEU E 116 25.99 19.09 5.13
C LEU E 116 26.96 19.40 6.28
N ASP E 117 28.03 20.12 6.00
CA ASP E 117 29.02 20.40 7.06
C ASP E 117 28.43 21.38 8.07
N ARG E 118 27.66 22.35 7.62
CA ARG E 118 27.01 23.29 8.57
C ARG E 118 26.11 22.50 9.53
N LEU E 119 25.39 21.51 9.01
CA LEU E 119 24.51 20.72 9.90
C LEU E 119 25.34 19.73 10.73
N THR E 120 26.29 19.03 10.10
CA THR E 120 27.07 18.01 10.83
C THR E 120 27.84 18.65 11.97
N THR E 121 28.45 19.81 11.72
CA THR E 121 29.28 20.43 12.78
C THR E 121 28.38 20.88 13.91
N PHE E 122 27.24 21.49 13.59
CA PHE E 122 26.36 22.03 14.65
C PHE E 122 25.67 20.90 15.42
N THR E 123 25.32 19.81 14.73
CA THR E 123 24.68 18.68 15.43
C THR E 123 25.61 18.12 16.49
N GLU E 124 26.89 17.98 16.16
CA GLU E 124 27.85 17.46 17.16
C GLU E 124 27.96 18.45 18.34
N TYR E 125 27.86 19.75 18.05
CA TYR E 125 27.92 20.75 19.14
C TYR E 125 26.77 20.53 20.13
N VAL E 126 25.55 20.43 19.61
CA VAL E 126 24.37 20.24 20.51
C VAL E 126 24.41 18.84 21.14
N ASN E 127 24.96 17.86 20.44
CA ASN E 127 25.07 16.51 21.06
C ASN E 127 26.06 16.54 22.23
N ARG E 128 27.06 17.41 22.16
CA ARG E 128 28.01 17.53 23.30
C ARG E 128 27.30 18.23 24.48
N LEU E 129 26.41 19.17 24.19
CA LEU E 129 25.61 19.81 25.27
C LEU E 129 24.63 18.80 25.87
N THR E 130 24.03 17.96 25.03
CA THR E 130 23.08 16.95 25.53
C THR E 130 23.80 15.98 26.46
N ALA E 131 25.07 15.67 26.17
CA ALA E 131 25.84 14.74 27.02
C ALA E 131 25.98 15.30 28.44
N TRP E 132 26.44 16.55 28.55
CA TRP E 132 26.71 17.11 29.89
C TRP E 132 25.43 17.40 30.66
N SER E 133 24.37 17.77 29.96
CA SER E 133 23.09 18.05 30.64
C SER E 133 22.53 16.76 31.24
N HIS E 134 22.67 15.64 30.53
CA HIS E 134 22.23 14.35 31.10
C HIS E 134 23.03 14.04 32.36
N HIS E 135 24.32 14.42 32.36
CA HIS E 135 25.19 14.12 33.53
C HIS E 135 24.78 14.95 34.75
N TYR E 136 24.50 16.23 34.56
CA TYR E 136 24.22 17.12 35.72
C TYR E 136 22.72 17.37 35.88
N PHE E 137 21.91 16.33 35.67
CA PHE E 137 20.44 16.46 35.85
C PHE E 137 20.00 15.66 37.07
N PRO E 138 19.11 16.20 37.90
CA PRO E 138 18.62 15.46 39.09
C PRO E 138 17.59 14.41 38.73
N TRP E 139 18.02 13.20 38.37
CA TRP E 139 17.05 12.10 38.11
C TRP E 139 16.62 11.42 39.41
N ASP E 140 17.33 11.65 40.52
CA ASP E 140 17.07 10.90 41.79
C ASP E 140 15.78 11.30 42.52
N LEU E 141 15.06 12.33 42.08
CA LEU E 141 13.88 12.78 42.88
C LEU E 141 12.88 11.62 43.06
N GLY E 142 12.68 10.82 42.03
CA GLY E 142 11.69 9.74 42.14
C GLY E 142 12.23 8.54 42.90
N LEU E 173 26.68 -14.43 13.03
CA LEU E 173 27.22 -13.58 11.94
C LEU E 173 28.63 -13.06 12.27
N GLY E 174 29.56 -13.24 11.33
CA GLY E 174 30.89 -12.66 11.54
C GLY E 174 31.98 -13.45 10.86
N ASP E 175 33.13 -12.82 10.67
CA ASP E 175 34.31 -13.56 10.15
C ASP E 175 35.32 -13.67 11.29
N PRO E 176 35.47 -14.83 11.93
CA PRO E 176 36.50 -14.99 12.98
C PRO E 176 37.92 -14.97 12.41
N SER E 177 38.08 -15.14 11.10
CA SER E 177 39.44 -15.20 10.53
C SER E 177 39.95 -13.78 10.26
N GLN E 178 39.03 -12.83 10.13
CA GLN E 178 39.40 -11.41 9.91
C GLN E 178 38.91 -10.68 11.17
N ARG E 179 39.75 -10.64 12.21
CA ARG E 179 39.29 -10.08 13.51
C ARG E 179 40.31 -9.15 14.17
N ILE E 180 39.83 -7.97 14.60
CA ILE E 180 40.69 -7.00 15.34
C ILE E 180 39.95 -6.58 16.62
N PRO E 181 40.55 -6.77 17.80
CA PRO E 181 39.89 -6.42 19.07
C PRO E 181 40.02 -4.95 19.41
N VAL E 182 39.41 -4.55 20.54
CA VAL E 182 39.53 -3.16 21.05
C VAL E 182 39.60 -3.20 22.59
N ARG E 183 39.95 -2.06 23.19
CA ARG E 183 40.09 -1.98 24.67
C ARG E 183 39.32 -0.79 25.23
N LEU E 184 38.52 -1.04 26.28
CA LEU E 184 37.82 0.05 26.98
C LEU E 184 38.40 0.19 28.39
N THR E 185 38.69 1.43 28.81
CA THR E 185 39.25 1.69 30.15
C THR E 185 38.46 2.77 30.84
N TRP E 186 37.98 2.48 32.06
CA TRP E 186 37.17 3.45 32.83
C TRP E 186 38.00 4.08 33.93
N GLN E 187 38.13 5.42 33.90
CA GLN E 187 38.82 6.15 34.98
C GLN E 187 37.77 7.04 35.66
N PRO E 188 37.80 7.30 36.96
CA PRO E 188 38.72 6.69 37.96
C PRO E 188 38.24 5.32 38.42
N LEU E 189 37.51 4.57 37.60
CA LEU E 189 37.13 3.22 38.09
C LEU E 189 38.37 2.32 38.13
N GLY E 190 39.29 2.51 37.19
CA GLY E 190 40.47 1.65 37.13
C GLY E 190 40.15 0.30 36.51
N VAL E 191 38.99 0.19 35.86
CA VAL E 191 38.57 -1.10 35.25
C VAL E 191 38.78 -1.02 33.74
N GLN E 192 39.31 -2.10 33.17
CA GLN E 192 39.54 -2.12 31.70
C GLN E 192 39.10 -3.47 31.14
N VAL E 193 38.10 -3.43 30.27
CA VAL E 193 37.65 -4.69 29.60
C VAL E 193 38.11 -4.66 28.14
N ASP E 194 38.12 -5.86 27.53
CA ASP E 194 38.53 -6.02 26.11
C ASP E 194 37.29 -6.32 25.28
N ALA E 195 37.08 -5.56 24.19
CA ALA E 195 35.89 -5.74 23.35
C ALA E 195 36.27 -6.10 21.91
N GLU E 196 35.26 -6.12 21.03
CA GLU E 196 35.46 -6.54 19.62
C GLU E 196 34.67 -5.63 18.68
N ILE E 197 35.37 -5.03 17.71
CA ILE E 197 34.64 -4.24 16.67
C ILE E 197 34.36 -5.18 15.49
N TYR E 198 33.10 -5.21 15.02
CA TYR E 198 32.76 -6.04 13.84
C TYR E 198 32.49 -5.10 12.66
N ALA E 199 32.97 -5.48 11.47
CA ALA E 199 32.71 -4.66 10.26
C ALA E 199 31.88 -5.48 9.25
N ASP E 200 31.55 -6.72 9.61
CA ASP E 200 30.68 -7.56 8.73
C ASP E 200 29.23 -7.12 8.92
N LEU E 201 28.87 -6.73 10.15
CA LEU E 201 27.47 -6.35 10.46
C LEU E 201 27.18 -4.93 9.94
N ASN E 202 27.89 -3.95 10.49
CA ASN E 202 27.70 -2.53 10.06
C ASN E 202 29.05 -2.03 9.53
N PRO E 203 29.34 -2.23 8.25
CA PRO E 203 30.66 -1.85 7.67
C PRO E 203 30.94 -0.35 7.84
N GLN E 204 30.09 0.50 7.29
CA GLN E 204 30.39 1.95 7.33
C GLN E 204 30.36 2.46 8.78
N LEU E 205 29.49 1.90 9.63
CA LEU E 205 29.51 2.35 11.04
C LEU E 205 30.85 1.99 11.70
N ALA E 206 31.32 0.76 11.52
CA ALA E 206 32.58 0.36 12.17
C ALA E 206 33.70 1.29 11.69
N THR E 207 33.71 1.61 10.38
CA THR E 207 34.72 2.56 9.89
C THR E 207 34.57 3.91 10.55
N ASP E 208 33.33 4.38 10.71
CA ASP E 208 33.11 5.73 11.29
C ASP E 208 33.63 5.79 12.73
N VAL E 209 33.48 4.70 13.48
CA VAL E 209 33.89 4.75 14.91
C VAL E 209 35.41 4.51 15.03
N LEU E 210 35.98 3.64 14.19
CA LEU E 210 37.44 3.44 14.25
C LEU E 210 38.16 4.76 13.91
N LYS E 211 37.55 5.58 13.06
CA LYS E 211 38.15 6.91 12.76
C LYS E 211 38.15 7.77 14.02
N ALA E 212 37.20 7.53 14.93
CA ALA E 212 37.09 8.36 16.15
C ALA E 212 37.98 7.85 17.29
N LEU E 213 38.45 6.60 17.20
CA LEU E 213 39.31 6.08 18.28
C LEU E 213 40.69 6.75 18.20
N PRO E 214 41.33 7.12 19.31
CA PRO E 214 40.81 7.03 20.71
C PRO E 214 40.11 8.31 21.15
N PHE E 215 39.29 8.23 22.21
CA PHE E 215 38.70 9.49 22.74
C PHE E 215 38.50 9.35 24.24
N THR E 216 38.62 10.47 24.97
CA THR E 216 38.35 10.47 26.42
C THR E 216 37.05 11.22 26.60
N VAL E 217 35.98 10.49 26.94
CA VAL E 217 34.65 11.14 27.04
C VAL E 217 33.95 10.76 28.35
N LEU E 218 32.94 11.56 28.68
CA LEU E 218 32.14 11.27 29.90
C LEU E 218 31.19 10.09 29.65
N GLN E 219 31.06 9.24 30.66
CA GLN E 219 30.15 8.08 30.56
C GLN E 219 28.89 8.37 31.38
N ASP E 220 27.74 8.08 30.80
CA ASP E 220 26.48 8.25 31.56
C ASP E 220 25.72 6.93 31.59
N HIS E 221 24.88 6.74 32.60
CA HIS E 221 24.09 5.49 32.72
C HIS E 221 22.80 5.62 31.91
N ALA E 222 22.22 4.50 31.48
CA ALA E 222 20.94 4.54 30.74
C ALA E 222 19.79 4.80 31.72
N VAL E 223 19.64 6.04 32.19
CA VAL E 223 18.59 6.38 33.19
C VAL E 223 17.20 6.10 32.60
N VAL E 224 17.10 6.04 31.27
CA VAL E 224 15.80 5.73 30.59
C VAL E 224 15.28 4.40 31.17
N SER E 225 15.99 3.29 30.96
CA SER E 225 15.60 1.96 31.50
C SER E 225 16.65 0.92 31.09
N GLY E 226 16.76 -0.18 31.82
CA GLY E 226 17.70 -1.25 31.48
C GLY E 226 19.09 -0.96 31.99
N GLU E 227 19.86 -2.02 32.29
CA GLU E 227 21.26 -1.84 32.77
C GLU E 227 22.16 -1.59 31.56
N SER E 228 22.26 -0.33 31.12
CA SER E 228 23.15 0.02 29.99
C SER E 228 23.94 1.29 30.34
N MET E 229 24.94 1.64 29.52
CA MET E 229 25.78 2.82 29.81
C MET E 229 26.20 3.47 28.48
N TYR E 230 25.75 4.70 28.24
CA TYR E 230 26.09 5.33 26.94
C TYR E 230 26.99 6.53 27.15
N ALA E 231 27.86 6.77 26.16
CA ALA E 231 28.76 7.94 26.20
C ALA E 231 28.73 8.56 24.80
N TRP E 232 28.51 9.87 24.74
CA TRP E 232 28.48 10.56 23.44
C TRP E 232 29.87 10.50 22.81
N ALA E 233 29.96 9.82 21.67
CA ALA E 233 31.25 9.73 20.99
C ALA E 233 31.47 11.00 20.16
N PRO E 234 32.71 11.46 20.05
CA PRO E 234 33.02 12.70 19.30
C PRO E 234 33.02 12.43 17.80
N LEU E 235 31.85 12.05 17.28
CA LEU E 235 31.71 11.84 15.82
C LEU E 235 30.24 12.03 15.45
N VAL E 236 29.99 12.16 14.15
CA VAL E 236 28.58 12.30 13.67
C VAL E 236 28.37 11.31 12.51
N SER E 237 28.35 10.03 12.83
CA SER E 237 28.14 8.99 11.80
C SER E 237 26.72 9.06 11.23
N VAL E 238 26.61 9.24 9.92
CA VAL E 238 25.28 9.13 9.25
C VAL E 238 25.31 7.87 8.40
N ALA E 239 26.17 6.91 8.77
CA ALA E 239 26.36 5.69 7.96
C ALA E 239 25.13 4.80 7.99
N PRO E 240 24.89 4.03 6.92
CA PRO E 240 23.77 3.06 6.89
C PRO E 240 23.94 2.04 8.00
N THR E 241 22.81 1.45 8.42
CA THR E 241 22.82 0.45 9.51
C THR E 241 22.30 -0.87 8.96
N PRO E 242 23.15 -1.71 8.37
CA PRO E 242 22.70 -2.99 7.78
C PRO E 242 22.23 -3.98 8.85
N VAL E 243 23.01 -4.14 9.90
CA VAL E 243 22.65 -5.09 10.99
C VAL E 243 22.31 -4.29 12.25
N ARG E 244 21.05 -4.36 12.67
CA ARG E 244 20.64 -3.70 13.93
C ARG E 244 20.03 -4.76 14.86
N GLU E 245 20.31 -4.62 16.15
CA GLU E 245 19.76 -5.61 17.09
C GLU E 245 18.81 -4.90 18.05
N ARG E 246 17.64 -5.51 18.28
CA ARG E 246 16.67 -4.94 19.23
C ARG E 246 17.33 -4.84 20.61
N ILE E 247 17.17 -3.71 21.28
CA ILE E 247 17.90 -3.53 22.57
C ILE E 247 17.45 -4.61 23.59
N CYS E 248 16.16 -4.80 23.79
CA CYS E 248 15.74 -5.90 24.71
C CYS E 248 16.20 -7.27 24.16
N ASP E 249 16.43 -7.38 22.85
CA ASP E 249 16.98 -8.64 22.30
C ASP E 249 18.48 -8.69 22.54
N ALA E 250 19.13 -7.53 22.51
CA ALA E 250 20.60 -7.48 22.68
C ALA E 250 20.96 -8.06 24.04
N PRO E 251 21.85 -9.06 24.10
CA PRO E 251 22.17 -9.69 25.40
C PRO E 251 23.09 -8.82 26.23
N VAL E 252 23.49 -9.37 27.37
CA VAL E 252 24.43 -8.65 28.27
C VAL E 252 25.82 -8.60 27.63
N GLY E 253 26.45 -7.42 27.69
CA GLY E 253 27.80 -7.26 27.12
C GLY E 253 27.79 -6.71 25.70
N ARG E 254 26.63 -6.29 25.21
CA ARG E 254 26.53 -5.87 23.79
C ARG E 254 26.97 -4.42 23.62
N LEU E 255 27.74 -4.17 22.56
CA LEU E 255 28.11 -2.78 22.22
C LEU E 255 27.13 -2.29 21.15
N ARG E 256 26.39 -1.24 21.47
CA ARG E 256 25.48 -0.66 20.47
C ARG E 256 25.91 0.78 20.20
N PHE E 257 26.05 1.12 18.92
CA PHE E 257 26.34 2.53 18.58
C PHE E 257 25.08 3.08 17.97
N SER E 258 24.31 3.77 18.80
CA SER E 258 23.03 4.35 18.33
C SER E 258 23.35 5.68 17.65
N GLN E 259 23.18 5.73 16.34
CA GLN E 259 23.38 6.99 15.59
C GLN E 259 22.26 7.97 15.92
N ALA E 260 21.05 7.46 16.18
CA ALA E 260 19.88 8.32 16.41
C ALA E 260 19.98 9.06 17.76
N THR E 261 20.64 8.46 18.74
CA THR E 261 20.68 9.08 20.09
C THR E 261 21.85 10.04 20.25
N GLY E 262 22.48 10.47 19.16
CA GLY E 262 23.55 11.45 19.31
C GLY E 262 24.92 10.79 19.25
N ASN E 263 25.04 9.73 18.46
CA ASN E 263 26.34 9.02 18.30
C ASN E 263 26.83 8.54 19.67
N LYS E 264 25.99 7.78 20.36
CA LYS E 264 26.42 7.29 21.68
C LYS E 264 26.90 5.84 21.57
N VAL E 265 27.97 5.54 22.28
CA VAL E 265 28.43 4.13 22.36
C VAL E 265 27.76 3.54 23.60
N ILE E 266 26.98 2.48 23.36
CA ILE E 266 26.16 1.92 24.47
C ILE E 266 26.75 0.59 24.90
N VAL E 267 27.01 0.46 26.19
CA VAL E 267 27.54 -0.82 26.71
C VAL E 267 26.44 -1.38 27.63
N GLN E 268 25.81 -2.47 27.19
CA GLN E 268 24.82 -3.11 28.07
C GLN E 268 25.56 -4.04 29.02
N TYR E 269 25.40 -3.82 30.32
CA TYR E 269 26.09 -4.67 31.31
C TYR E 269 25.08 -5.49 32.12
N GLY E 270 23.80 -5.39 31.77
CA GLY E 270 22.77 -6.16 32.49
C GLY E 270 21.47 -6.18 31.73
N PRO E 271 20.38 -6.57 32.38
CA PRO E 271 19.08 -6.69 31.68
C PRO E 271 18.57 -5.34 31.21
N THR E 272 17.99 -5.32 29.99
CA THR E 272 17.39 -4.09 29.45
C THR E 272 16.00 -4.39 28.92
N THR E 273 15.10 -3.41 28.98
CA THR E 273 13.68 -3.62 28.57
C THR E 273 13.32 -2.84 27.31
N GLU E 274 14.15 -1.89 26.87
CA GLU E 274 13.81 -1.03 25.72
C GLU E 274 13.43 -1.85 24.48
N THR E 275 12.31 -1.51 23.85
CA THR E 275 11.81 -2.30 22.70
C THR E 275 12.26 -1.71 21.37
N LEU E 276 13.22 -0.80 21.40
CA LEU E 276 13.75 -0.19 20.15
C LEU E 276 15.01 -0.95 19.71
N SER E 277 15.35 -0.83 18.43
CA SER E 277 16.53 -1.52 17.89
C SER E 277 17.71 -0.55 17.73
N SER E 278 18.85 -0.89 18.33
CA SER E 278 20.06 -0.04 18.15
C SER E 278 21.09 -0.83 17.33
N PRO E 279 21.86 -0.15 16.48
CA PRO E 279 22.87 -0.84 15.63
C PRO E 279 23.87 -1.61 16.48
N VAL E 280 24.45 -2.64 15.88
CA VAL E 280 25.43 -3.49 16.61
C VAL E 280 26.83 -2.98 16.31
N LEU E 281 27.58 -2.67 17.37
CA LEU E 281 28.99 -2.24 17.16
C LEU E 281 29.96 -3.35 17.55
N GLY E 282 29.61 -4.15 18.55
CA GLY E 282 30.53 -5.21 18.99
C GLY E 282 30.12 -5.84 20.29
N LYS E 283 31.10 -6.34 21.03
CA LYS E 283 30.81 -7.00 22.32
C LYS E 283 32.08 -7.05 23.16
N VAL E 284 31.92 -6.86 24.47
CA VAL E 284 33.07 -7.06 25.39
C VAL E 284 33.25 -8.58 25.52
N VAL E 285 34.50 -9.03 25.43
CA VAL E 285 34.72 -10.49 25.58
C VAL E 285 34.21 -10.91 26.96
N ASP E 286 33.58 -12.08 27.02
CA ASP E 286 32.95 -12.52 28.29
C ASP E 286 34.00 -12.63 29.40
N SER E 287 35.22 -13.01 29.06
CA SER E 287 36.27 -13.13 30.09
C SER E 287 36.53 -11.78 30.78
N HIS E 288 36.26 -10.67 30.07
CA HIS E 288 36.47 -9.33 30.65
C HIS E 288 35.14 -8.67 30.98
N ALA E 289 34.03 -9.30 30.58
CA ALA E 289 32.68 -8.79 30.89
C ALA E 289 32.36 -9.01 32.37
N ASP E 290 33.17 -9.81 33.06
CA ASP E 290 32.93 -10.09 34.49
C ASP E 290 33.02 -8.80 35.31
N ARG E 291 33.85 -7.85 34.86
CA ARG E 291 33.93 -6.54 35.56
C ARG E 291 33.15 -5.50 34.75
N LEU E 292 31.85 -5.71 34.63
CA LEU E 292 31.03 -4.76 33.86
C LEU E 292 29.76 -4.38 34.63
N ALA E 293 29.24 -5.29 35.45
CA ALA E 293 28.10 -4.93 36.33
C ALA E 293 28.56 -3.88 37.33
N GLU E 294 29.77 -4.04 37.87
CA GLU E 294 30.26 -3.09 38.91
C GLU E 294 30.37 -1.67 38.36
N VAL E 295 30.92 -1.49 37.15
CA VAL E 295 31.00 -0.11 36.61
C VAL E 295 29.57 0.44 36.46
N GLY E 296 28.62 -0.42 36.12
CA GLY E 296 27.27 0.12 35.89
C GLY E 296 26.51 0.39 37.18
N LYS E 297 26.76 -0.40 38.22
CA LYS E 297 26.10 -0.10 39.50
C LYS E 297 26.61 1.25 40.03
N ALA E 298 27.91 1.49 39.90
CA ALA E 298 28.46 2.80 40.35
C ALA E 298 27.96 3.92 39.46
N VAL E 299 27.86 3.65 38.15
CA VAL E 299 27.41 4.69 37.19
C VAL E 299 25.90 4.98 37.38
N TRP E 300 25.13 4.03 37.91
CA TRP E 300 23.71 4.35 38.18
C TRP E 300 23.55 5.47 39.23
N GLU E 301 24.14 5.31 40.42
CA GLU E 301 24.04 6.45 41.37
C GLU E 301 24.96 7.63 40.96
N SER E 302 26.00 7.40 40.17
CA SER E 302 26.81 8.56 39.71
C SER E 302 25.96 9.47 38.83
N THR E 303 24.98 8.89 38.14
CA THR E 303 24.06 9.72 37.33
C THR E 303 22.86 10.12 38.16
N PHE E 304 22.59 9.41 39.24
CA PHE E 304 21.42 9.72 40.09
C PHE E 304 21.75 10.84 41.06
N SER E 305 22.86 10.72 41.79
CA SER E 305 23.15 11.69 42.88
C SER E 305 24.60 12.13 42.92
N SER E 306 25.53 11.19 42.93
CA SER E 306 26.96 11.53 43.16
C SER E 306 27.47 12.54 42.13
N LYS E 307 27.06 12.39 40.86
CA LYS E 307 27.53 13.31 39.78
C LYS E 307 29.05 13.26 39.65
N GLU E 308 29.72 12.26 40.20
CA GLU E 308 31.19 12.26 39.99
C GLU E 308 31.47 11.57 38.66
N PRO E 309 32.29 12.16 37.79
CA PRO E 309 32.44 11.63 36.43
C PRO E 309 33.17 10.31 36.36
N VAL E 310 32.85 9.55 35.32
CA VAL E 310 33.63 8.33 34.99
C VAL E 310 34.10 8.56 33.55
N TRP E 311 35.40 8.81 33.39
CA TRP E 311 35.93 9.12 32.05
C TRP E 311 36.36 7.83 31.37
N LEU E 312 36.15 7.76 30.06
CA LEU E 312 36.51 6.54 29.33
C LEU E 312 37.37 6.84 28.11
N THR E 313 38.46 6.07 27.97
CA THR E 313 39.28 6.15 26.75
C THR E 313 39.23 4.78 26.10
N VAL E 314 38.76 4.72 24.87
CA VAL E 314 38.73 3.43 24.12
C VAL E 314 39.95 3.39 23.20
N GLU E 315 40.57 2.22 23.11
CA GLU E 315 41.78 2.12 22.26
C GLU E 315 41.58 0.98 21.26
N ARG E 316 42.27 1.09 20.13
CA ARG E 316 42.18 0.02 19.11
C ARG E 316 43.29 -0.99 19.37
N LEU E 317 42.92 -2.26 19.43
CA LEU E 317 43.96 -3.30 19.58
C LEU E 317 44.16 -4.00 18.23
N GLU F 6 -11.36 7.18 13.51
CA GLU F 6 -11.26 6.48 14.81
C GLU F 6 -10.38 7.33 15.73
N LEU F 7 -9.49 8.12 15.13
CA LEU F 7 -8.67 9.05 15.95
C LEU F 7 -9.55 10.21 16.39
N ARG F 8 -10.44 10.68 15.50
CA ARG F 8 -11.36 11.78 15.86
C ARG F 8 -12.23 11.36 17.05
N GLU F 9 -12.59 10.09 17.11
CA GLU F 9 -13.39 9.59 18.25
C GLU F 9 -12.57 9.70 19.54
N LEU F 10 -11.26 9.49 19.45
CA LEU F 10 -10.42 9.50 20.66
C LEU F 10 -10.20 10.92 21.18
N ILE F 11 -9.87 11.85 20.28
CA ILE F 11 -9.55 13.23 20.74
C ILE F 11 -10.80 13.90 21.34
N ALA F 12 -11.97 13.68 20.73
CA ALA F 12 -13.19 14.32 21.25
C ALA F 12 -13.47 13.80 22.67
N SER F 13 -13.19 12.53 22.91
CA SER F 13 -13.38 11.95 24.25
C SER F 13 -12.37 12.55 25.25
N PHE F 14 -11.22 13.00 24.76
CA PHE F 14 -10.13 13.44 25.68
C PHE F 14 -10.28 14.87 26.16
N VAL F 15 -11.24 15.63 25.62
CA VAL F 15 -11.44 17.00 26.18
C VAL F 15 -12.04 16.90 27.60
N SER F 16 -12.71 15.78 27.90
CA SER F 16 -13.38 15.62 29.22
C SER F 16 -12.66 14.57 30.08
N GLU F 17 -12.12 13.52 29.47
CA GLU F 17 -11.51 12.43 30.27
C GLU F 17 -9.98 12.43 30.13
N GLU F 18 -9.31 12.04 31.21
CA GLU F 18 -7.85 11.87 31.13
C GLU F 18 -7.58 10.58 30.36
N PRO F 19 -6.68 10.60 29.37
CA PRO F 19 -6.37 9.39 28.59
C PRO F 19 -5.77 8.34 29.50
N PRO F 20 -6.10 7.05 29.28
CA PRO F 20 -5.56 5.97 30.12
C PRO F 20 -4.05 5.86 29.98
N GLU F 21 -3.47 6.34 28.87
CA GLU F 21 -2.02 6.21 28.67
C GLU F 21 -1.25 7.01 29.73
N ILE F 22 -1.45 8.33 29.75
CA ILE F 22 -0.70 9.18 30.72
C ILE F 22 -1.03 8.73 32.15
N ARG F 23 -2.21 8.14 32.35
CA ARG F 23 -2.56 7.63 33.69
C ARG F 23 -1.52 6.58 34.09
N ARG F 24 -1.24 5.64 33.20
CA ARG F 24 -0.23 4.59 33.48
C ARG F 24 1.16 5.21 33.64
N ILE F 25 1.43 6.27 32.88
CA ILE F 25 2.74 6.96 33.03
C ILE F 25 2.79 7.61 34.42
N ARG F 26 1.70 8.21 34.84
CA ARG F 26 1.68 8.90 36.16
C ARG F 26 1.61 7.88 37.30
N THR F 27 1.08 6.68 37.03
CA THR F 27 0.92 5.67 38.11
C THR F 27 1.80 4.47 37.83
N GLY F 28 2.95 4.67 37.19
CA GLY F 28 3.91 3.56 36.98
C GLY F 28 3.27 2.33 36.38
N THR F 29 2.05 2.45 35.85
CA THR F 29 1.42 1.31 35.16
C THR F 29 1.87 1.33 33.72
N VAL F 30 2.88 2.14 33.42
CA VAL F 30 3.39 2.27 32.02
C VAL F 30 3.57 0.87 31.43
N PRO F 31 3.10 0.61 30.18
CA PRO F 31 3.30 -0.70 29.49
C PRO F 31 4.79 -0.93 29.22
N ASP F 32 5.13 -2.02 28.53
CA ASP F 32 6.57 -2.37 28.33
C ASP F 32 7.19 -2.43 29.73
N LEU F 33 8.27 -1.67 29.97
CA LEU F 33 8.89 -1.62 31.31
C LEU F 33 9.89 -0.46 31.38
N PRO F 34 9.45 0.82 31.30
CA PRO F 34 10.35 2.01 31.40
C PRO F 34 10.79 2.23 32.83
N GLY F 35 11.84 3.02 33.03
CA GLY F 35 12.31 3.35 34.39
C GLY F 35 13.46 2.46 34.80
N SER F 36 14.70 2.95 34.64
CA SER F 36 15.88 2.16 35.07
C SER F 36 15.72 1.79 36.54
N TYR F 37 15.75 0.48 36.86
CA TYR F 37 15.65 0.00 38.26
C TYR F 37 14.21 0.18 38.77
N GLY F 38 13.26 0.46 37.88
CA GLY F 38 11.84 0.53 38.28
C GLY F 38 11.38 1.91 38.70
N GLN F 39 12.26 2.92 38.68
CA GLN F 39 11.79 4.30 38.99
C GLN F 39 11.19 4.91 37.71
N TYR F 40 9.85 4.96 37.64
CA TYR F 40 9.19 5.47 36.41
C TYR F 40 9.29 6.99 36.35
N PHE F 41 9.92 7.62 37.36
CA PHE F 41 10.13 9.09 37.36
C PHE F 41 10.88 9.51 36.10
N THR F 42 12.08 8.96 35.89
CA THR F 42 12.86 9.24 34.68
C THR F 42 11.99 8.92 33.49
N ALA F 43 11.46 7.69 33.45
CA ALA F 43 10.57 7.28 32.34
C ALA F 43 9.44 8.31 32.21
N TRP F 44 8.88 8.74 33.34
CA TRP F 44 7.84 9.79 33.28
C TRP F 44 8.34 11.02 32.53
N ASP F 45 9.51 11.53 32.90
CA ASP F 45 10.00 12.75 32.24
C ASP F 45 10.22 12.52 30.73
N PHE F 46 10.60 11.31 30.35
CA PHE F 46 10.80 11.04 28.91
C PHE F 46 9.46 11.02 28.19
N SER F 47 8.40 10.64 28.90
CA SER F 47 7.06 10.67 28.28
C SER F 47 6.55 12.12 28.21
N ASN F 48 6.66 12.84 29.33
CA ASN F 48 6.14 14.23 29.37
C ASN F 48 6.89 15.12 28.38
N SER F 49 8.22 15.02 28.36
CA SER F 49 8.99 15.96 27.52
C SER F 49 8.91 15.61 26.04
N ILE F 50 9.05 14.33 25.70
CA ILE F 50 9.12 13.97 24.26
C ILE F 50 7.77 14.25 23.58
N VAL F 51 6.65 13.99 24.24
CA VAL F 51 5.37 14.29 23.54
C VAL F 51 5.17 15.80 23.44
N ARG F 52 5.76 16.57 24.35
CA ARG F 52 5.67 18.04 24.17
C ARG F 52 6.47 18.45 22.94
N ASP F 53 7.68 17.93 22.82
CA ASP F 53 8.52 18.30 21.65
C ASP F 53 8.02 17.61 20.37
N TYR F 54 7.42 16.43 20.50
CA TYR F 54 6.92 15.72 19.31
C TYR F 54 5.73 16.46 18.71
N ALA F 55 4.83 16.94 19.57
CA ALA F 55 3.69 17.74 19.07
C ALA F 55 4.21 19.00 18.38
N MET F 56 5.30 19.55 18.91
CA MET F 56 5.90 20.76 18.30
C MET F 56 6.47 20.43 16.91
N ASN F 57 7.17 19.30 16.78
CA ASN F 57 7.68 18.89 15.44
C ASN F 57 6.54 18.65 14.47
N LEU F 58 5.55 17.87 14.88
CA LEU F 58 4.45 17.53 13.94
C LEU F 58 3.78 18.82 13.47
N TYR F 59 3.67 19.81 14.35
CA TYR F 59 2.94 21.03 13.96
C TYR F 59 3.66 21.76 12.83
N GLN F 60 4.98 21.95 12.95
CA GLN F 60 5.69 22.62 11.84
C GLN F 60 5.80 21.69 10.62
N LEU F 61 5.73 20.38 10.81
CA LEU F 61 5.69 19.51 9.61
C LEU F 61 4.34 19.70 8.92
N THR F 62 3.27 19.93 9.69
CA THR F 62 1.97 20.27 9.06
C THR F 62 2.07 21.65 8.43
N ARG F 63 2.75 22.59 9.09
CA ARG F 63 2.94 23.91 8.45
C ARG F 63 3.81 23.75 7.19
N LEU F 64 4.65 22.73 7.14
CA LEU F 64 5.37 22.48 5.88
C LEU F 64 4.40 21.81 4.90
N ALA F 65 3.39 21.12 5.42
CA ALA F 65 2.34 20.54 4.55
C ALA F 65 1.44 21.62 3.98
N THR F 66 1.55 22.85 4.47
CA THR F 66 0.80 23.95 3.83
C THR F 66 1.68 24.58 2.78
N ASP F 67 2.98 24.40 2.92
CA ASP F 67 3.95 24.91 1.92
C ASP F 67 3.96 23.96 0.73
N GLU F 68 4.02 24.54 -0.47
CA GLU F 68 4.05 23.71 -1.70
C GLU F 68 5.47 23.58 -2.28
N SER F 69 6.44 24.34 -1.76
CA SER F 69 7.84 24.22 -2.23
C SER F 69 8.40 22.84 -1.88
N VAL F 70 8.12 22.38 -0.67
CA VAL F 70 8.55 20.99 -0.31
C VAL F 70 7.43 20.07 -0.77
N SER F 71 7.76 19.06 -1.56
CA SER F 71 6.70 18.19 -2.13
C SER F 71 6.09 17.29 -1.04
N VAL F 72 4.88 16.80 -1.29
CA VAL F 72 4.22 15.90 -0.30
C VAL F 72 5.05 14.61 -0.24
N GLU F 73 5.66 14.20 -1.36
CA GLU F 73 6.54 13.00 -1.34
C GLU F 73 7.76 13.35 -0.49
N ASN F 74 8.35 14.52 -0.72
CA ASN F 74 9.44 15.00 0.17
C ASN F 74 8.91 14.98 1.61
N LEU F 75 7.75 15.59 1.85
CA LEU F 75 7.16 15.60 3.21
C LEU F 75 7.02 14.17 3.73
N LEU F 76 6.62 13.26 2.86
CA LEU F 76 6.51 11.84 3.29
C LEU F 76 7.90 11.29 3.60
N THR F 77 8.91 11.68 2.81
CA THR F 77 10.28 11.21 3.07
C THR F 77 10.82 11.80 4.36
N VAL F 78 10.65 13.12 4.54
CA VAL F 78 11.10 13.75 5.82
C VAL F 78 10.31 13.09 6.96
N PHE F 79 9.20 12.44 6.65
CA PHE F 79 8.46 11.67 7.68
C PHE F 79 9.01 10.24 7.64
N ARG F 80 8.90 9.49 8.74
CA ARG F 80 9.50 8.13 8.78
C ARG F 80 11.04 8.25 8.77
N THR F 81 11.59 9.47 8.85
CA THR F 81 13.06 9.63 8.99
C THR F 81 13.28 10.15 10.39
N LEU F 82 12.67 11.29 10.72
CA LEU F 82 12.74 11.80 12.12
C LEU F 82 11.58 11.24 12.97
N ASP F 83 10.44 10.93 12.36
CA ASP F 83 9.25 10.56 13.17
C ASP F 83 9.43 9.24 13.93
N PRO F 84 9.89 8.13 13.33
CA PRO F 84 9.90 6.83 14.05
C PRO F 84 10.60 6.93 15.41
N ILE F 85 11.72 7.64 15.47
CA ILE F 85 12.49 7.70 16.74
C ILE F 85 11.59 8.29 17.83
N TYR F 86 10.71 9.22 17.48
CA TYR F 86 9.79 9.75 18.52
C TYR F 86 8.58 8.86 18.70
N SER F 87 8.13 8.19 17.64
CA SER F 87 6.82 7.48 17.76
C SER F 87 6.97 6.13 18.44
N THR F 88 7.95 5.33 18.01
CA THR F 88 8.10 3.99 18.60
C THR F 88 8.65 4.09 20.01
N PHE F 89 9.48 5.09 20.29
CA PHE F 89 9.95 5.25 21.69
C PHE F 89 8.79 5.64 22.59
N LEU F 90 7.90 6.49 22.09
CA LEU F 90 6.70 6.84 22.89
C LEU F 90 5.81 5.59 23.04
N GLY F 91 5.75 4.75 22.01
CA GLY F 91 5.02 3.47 22.14
C GLY F 91 5.61 2.64 23.26
N TYR F 92 6.92 2.76 23.47
CA TYR F 92 7.57 2.07 24.61
C TYR F 92 7.26 2.81 25.90
N ASN F 93 7.06 4.12 25.81
CA ASN F 93 6.83 4.96 27.01
C ASN F 93 5.34 5.08 27.36
N GLY F 94 4.49 4.22 26.80
CA GLY F 94 3.08 4.23 27.22
C GLY F 94 2.13 4.92 26.27
N PHE F 95 2.52 5.09 25.00
CA PHE F 95 1.59 5.68 24.01
C PHE F 95 1.57 4.77 22.79
N PRO F 96 1.02 3.55 22.93
CA PRO F 96 1.03 2.57 21.82
C PRO F 96 0.21 3.07 20.64
N VAL F 97 -0.99 3.58 20.91
CA VAL F 97 -1.86 4.07 19.80
C VAL F 97 -1.14 5.23 19.10
N LEU F 98 -0.40 6.03 19.85
CA LEU F 98 0.39 7.10 19.21
C LEU F 98 1.41 6.48 18.24
N ALA F 99 2.07 5.39 18.65
CA ALA F 99 3.09 4.77 17.77
C ALA F 99 2.44 4.09 16.56
N GLU F 100 1.38 3.32 16.80
CA GLU F 100 0.76 2.59 15.65
C GLU F 100 0.13 3.60 14.69
N TYR F 101 -0.58 4.59 15.22
CA TYR F 101 -1.24 5.55 14.29
C TYR F 101 -0.19 6.47 13.65
N ALA F 102 1.01 6.54 14.22
CA ALA F 102 2.08 7.36 13.62
C ALA F 102 2.58 6.76 12.30
N GLN F 103 2.73 5.43 12.24
CA GLN F 103 3.12 4.81 10.96
C GLN F 103 2.07 5.09 9.89
N ARG F 104 0.80 5.22 10.29
CA ARG F 104 -0.27 5.43 9.30
C ARG F 104 -0.15 6.81 8.63
N VAL F 105 0.49 7.77 9.30
CA VAL F 105 0.68 9.09 8.65
C VAL F 105 1.67 8.98 7.48
N GLY F 106 2.66 8.10 7.56
CA GLY F 106 3.68 7.95 6.50
C GLY F 106 3.25 7.04 5.36
N GLN F 107 1.97 6.70 5.27
CA GLN F 107 1.48 5.89 4.13
C GLN F 107 1.41 6.79 2.89
N PRO F 108 1.37 6.24 1.66
CA PRO F 108 1.25 7.05 0.41
C PRO F 108 0.10 8.04 0.50
N ALA F 109 0.41 9.34 0.53
CA ALA F 109 -0.65 10.37 0.52
C ALA F 109 -0.92 10.75 -0.93
N GLU F 110 -2.15 10.55 -1.40
CA GLU F 110 -2.45 10.79 -2.84
C GLU F 110 -2.64 12.29 -3.10
N SER F 111 -2.62 13.12 -2.06
CA SER F 111 -2.85 14.58 -2.24
C SER F 111 -2.25 15.39 -1.07
N ARG F 112 -1.84 16.62 -1.34
CA ARG F 112 -1.31 17.50 -0.25
C ARG F 112 -2.38 17.63 0.85
N ALA F 113 -3.65 17.60 0.46
CA ALA F 113 -4.74 17.66 1.46
C ALA F 113 -4.78 16.39 2.29
N GLU F 114 -4.56 15.24 1.66
CA GLU F 114 -4.66 13.96 2.39
C GLU F 114 -3.58 13.90 3.49
N LEU F 115 -2.34 14.26 3.16
CA LEU F 115 -1.29 14.27 4.20
C LEU F 115 -1.60 15.34 5.25
N LEU F 116 -2.02 16.52 4.79
CA LEU F 116 -2.32 17.61 5.75
C LEU F 116 -3.45 17.17 6.69
N ASP F 117 -4.43 16.45 6.15
CA ASP F 117 -5.58 16.03 6.99
C ASP F 117 -5.11 15.01 8.03
N ARG F 118 -4.20 14.12 7.64
CA ARG F 118 -3.63 13.15 8.60
C ARG F 118 -2.87 13.91 9.70
N LEU F 119 -2.12 14.94 9.32
CA LEU F 119 -1.26 15.64 10.31
C LEU F 119 -2.07 16.49 11.29
N THR F 120 -3.09 17.21 10.82
CA THR F 120 -3.82 18.11 11.73
C THR F 120 -4.45 17.32 12.87
N THR F 121 -5.11 16.22 12.56
CA THR F 121 -5.77 15.43 13.62
C THR F 121 -4.73 14.78 14.51
N PHE F 122 -3.65 14.26 13.94
CA PHE F 122 -2.65 13.57 14.78
C PHE F 122 -1.92 14.59 15.64
N THR F 123 -1.66 15.78 15.09
CA THR F 123 -1.03 16.84 15.90
C THR F 123 -1.97 17.27 17.01
N GLU F 124 -3.25 17.43 16.69
CA GLU F 124 -4.23 17.79 17.75
C GLU F 124 -4.31 16.65 18.76
N TYR F 125 -4.20 15.41 18.28
CA TYR F 125 -4.24 14.24 19.19
C TYR F 125 -3.08 14.28 20.17
N VAL F 126 -1.87 14.44 19.65
CA VAL F 126 -0.69 14.48 20.55
C VAL F 126 -0.72 15.77 21.37
N ASN F 127 -1.33 16.83 20.84
CA ASN F 127 -1.41 18.09 21.62
C ASN F 127 -2.34 17.92 22.83
N ARG F 128 -3.41 17.13 22.70
CA ARG F 128 -4.29 16.88 23.86
C ARG F 128 -3.58 15.96 24.85
N LEU F 129 -2.77 15.02 24.35
CA LEU F 129 -1.96 14.16 25.25
C LEU F 129 -0.89 15.00 25.94
N THR F 130 -0.26 15.93 25.20
CA THR F 130 0.74 16.83 25.81
C THR F 130 0.05 17.72 26.82
N ALA F 131 -1.17 18.16 26.52
CA ALA F 131 -1.92 19.00 27.46
C ALA F 131 -2.13 18.27 28.78
N TRP F 132 -2.62 17.04 28.69
CA TRP F 132 -2.95 16.30 29.93
C TRP F 132 -1.71 15.86 30.70
N SER F 133 -0.62 15.57 29.99
CA SER F 133 0.62 15.17 30.70
C SER F 133 1.19 16.36 31.49
N HIS F 134 1.11 17.56 30.92
CA HIS F 134 1.69 18.75 31.60
C HIS F 134 1.02 18.98 32.95
N HIS F 135 -0.29 18.72 33.04
CA HIS F 135 -0.99 19.00 34.32
C HIS F 135 -0.54 18.02 35.40
N TYR F 136 -0.34 16.74 35.04
CA TYR F 136 -0.10 15.71 36.08
C TYR F 136 1.38 15.42 36.33
N PHE F 137 2.28 15.97 35.53
CA PHE F 137 3.72 15.75 35.85
C PHE F 137 4.03 16.44 37.17
N PRO F 138 4.70 15.76 38.11
CA PRO F 138 4.97 16.33 39.45
C PRO F 138 6.10 17.35 39.43
N TRP F 139 5.75 18.60 39.11
CA TRP F 139 6.76 19.68 39.15
C TRP F 139 7.09 20.05 40.60
N ASP F 140 6.35 19.50 41.56
CA ASP F 140 6.51 19.90 42.99
C ASP F 140 7.85 19.46 43.59
N LEU F 141 8.58 18.56 42.93
CA LEU F 141 9.88 18.13 43.47
C LEU F 141 10.86 19.32 43.49
N ASP F 175 -8.45 48.61 14.59
CA ASP F 175 -9.64 49.48 14.58
C ASP F 175 -10.53 49.11 15.77
N PRO F 176 -10.77 50.06 16.68
CA PRO F 176 -11.62 49.81 17.86
C PRO F 176 -13.06 49.48 17.47
N SER F 177 -13.47 49.82 16.25
CA SER F 177 -14.87 49.55 15.85
C SER F 177 -14.99 48.06 15.48
N GLN F 178 -13.84 47.38 15.33
CA GLN F 178 -13.81 45.95 14.96
C GLN F 178 -13.45 45.09 16.19
N ARG F 179 -14.08 45.38 17.33
CA ARG F 179 -13.79 44.61 18.56
C ARG F 179 -14.77 43.44 18.65
N ILE F 180 -14.24 42.26 18.91
CA ILE F 180 -15.13 41.06 19.01
C ILE F 180 -15.01 40.52 20.44
N PRO F 181 -16.05 40.69 21.27
CA PRO F 181 -15.97 40.27 22.69
C PRO F 181 -16.20 38.78 22.91
N VAL F 182 -15.61 38.28 24.01
CA VAL F 182 -15.83 36.86 24.41
C VAL F 182 -15.93 36.80 25.94
N ARG F 183 -16.38 35.65 26.45
CA ARG F 183 -16.51 35.47 27.92
C ARG F 183 -15.72 34.22 28.32
N LEU F 184 -14.92 34.34 29.37
CA LEU F 184 -14.18 33.17 29.92
C LEU F 184 -14.84 32.78 31.25
N THR F 185 -15.02 31.47 31.44
CA THR F 185 -15.63 30.99 32.69
C THR F 185 -14.73 29.93 33.29
N TRP F 186 -14.28 30.17 34.51
CA TRP F 186 -13.38 29.21 35.20
C TRP F 186 -14.21 28.35 36.14
N GLN F 187 -14.24 27.06 35.85
CA GLN F 187 -14.99 26.13 36.72
C GLN F 187 -14.00 25.23 37.46
N PRO F 188 -14.40 24.73 38.64
CA PRO F 188 -15.59 25.19 39.40
C PRO F 188 -15.31 26.47 40.21
N LEU F 189 -14.48 27.35 39.67
CA LEU F 189 -14.12 28.57 40.44
C LEU F 189 -15.30 29.56 40.45
N GLY F 190 -16.02 29.64 39.33
CA GLY F 190 -17.14 30.60 39.24
C GLY F 190 -16.69 32.01 38.86
N VAL F 191 -15.51 32.15 38.26
CA VAL F 191 -15.08 33.50 37.80
C VAL F 191 -15.40 33.64 36.31
N GLN F 192 -15.92 34.80 35.88
CA GLN F 192 -16.34 35.00 34.47
C GLN F 192 -15.76 36.30 33.87
N VAL F 193 -14.81 36.17 32.96
CA VAL F 193 -14.22 37.41 32.38
C VAL F 193 -14.85 37.76 31.05
N ASP F 194 -14.75 39.05 30.71
CA ASP F 194 -15.24 39.63 29.44
C ASP F 194 -14.03 40.10 28.63
N ALA F 195 -13.45 39.20 27.82
CA ALA F 195 -12.24 39.53 27.04
C ALA F 195 -12.62 40.12 25.69
N GLU F 196 -11.62 40.44 24.87
CA GLU F 196 -11.91 41.07 23.57
C GLU F 196 -10.93 40.56 22.49
N ILE F 197 -11.49 40.00 21.41
CA ILE F 197 -10.67 39.43 20.30
C ILE F 197 -10.41 40.49 19.22
N TYR F 198 -9.16 40.53 18.73
CA TYR F 198 -8.77 41.49 17.66
C TYR F 198 -8.72 40.77 16.31
N ALA F 199 -9.71 41.00 15.45
CA ALA F 199 -9.79 40.25 14.17
C ALA F 199 -8.95 40.93 13.07
N ASP F 200 -8.87 42.26 13.05
CA ASP F 200 -8.13 42.93 11.94
C ASP F 200 -6.64 42.59 12.01
N LEU F 201 -6.14 42.25 13.20
CA LEU F 201 -4.69 42.00 13.32
C LEU F 201 -4.35 40.67 12.62
N ASN F 202 -4.91 39.57 13.11
CA ASN F 202 -4.66 38.25 12.47
C ASN F 202 -6.00 37.67 11.99
N PRO F 203 -6.36 37.81 10.71
CA PRO F 203 -7.70 37.39 10.24
C PRO F 203 -7.94 35.91 10.48
N GLN F 204 -7.15 35.05 9.84
CA GLN F 204 -7.38 33.60 9.96
C GLN F 204 -7.12 33.13 11.40
N LEU F 205 -6.11 33.71 12.05
CA LEU F 205 -5.81 33.31 13.45
C LEU F 205 -7.06 33.56 14.30
N ALA F 206 -7.69 34.72 14.10
CA ALA F 206 -8.92 35.00 14.85
C ALA F 206 -10.05 34.08 14.39
N THR F 207 -10.38 34.13 13.09
CA THR F 207 -11.53 33.36 12.57
C THR F 207 -11.43 31.89 12.91
N ASP F 208 -10.25 31.28 12.74
CA ASP F 208 -10.13 29.83 13.00
C ASP F 208 -10.35 29.53 14.49
N VAL F 209 -9.97 30.46 15.37
CA VAL F 209 -10.21 30.22 16.81
C VAL F 209 -11.68 30.48 17.15
N LEU F 210 -12.26 31.53 16.55
CA LEU F 210 -13.70 31.81 16.79
C LEU F 210 -14.55 30.63 16.29
N LYS F 211 -14.07 29.90 15.28
CA LYS F 211 -14.83 28.73 14.77
C LYS F 211 -14.97 27.65 15.86
N ALA F 212 -14.08 27.66 16.86
CA ALA F 212 -14.13 26.63 17.92
C ALA F 212 -15.06 27.05 19.06
N LEU F 213 -15.30 28.36 19.20
CA LEU F 213 -16.21 28.87 20.27
C LEU F 213 -17.57 28.18 20.15
N PRO F 214 -18.26 27.84 21.27
CA PRO F 214 -17.64 27.78 22.63
C PRO F 214 -16.96 26.44 22.89
N PHE F 215 -16.15 26.36 23.96
CA PHE F 215 -15.42 25.10 24.26
C PHE F 215 -14.95 25.09 25.71
N THR F 216 -14.99 23.92 26.35
CA THR F 216 -14.45 23.78 27.73
C THR F 216 -13.23 22.91 27.67
N VAL F 217 -12.08 23.48 28.00
CA VAL F 217 -10.83 22.69 28.05
C VAL F 217 -10.17 22.98 29.40
N LEU F 218 -9.35 22.06 29.88
CA LEU F 218 -8.77 22.28 31.22
C LEU F 218 -7.70 23.38 31.14
N GLN F 219 -7.71 24.26 32.14
CA GLN F 219 -6.75 25.39 32.15
C GLN F 219 -5.58 25.05 33.08
N ASP F 220 -4.37 25.25 32.57
CA ASP F 220 -3.16 24.94 33.36
C ASP F 220 -2.23 26.15 33.38
N HIS F 221 -1.26 26.11 34.28
CA HIS F 221 -0.30 27.22 34.44
C HIS F 221 0.99 26.92 33.68
N ALA F 222 1.70 27.98 33.34
CA ALA F 222 3.05 27.81 32.73
C ALA F 222 4.00 27.28 33.81
N VAL F 223 5.22 27.00 33.40
CA VAL F 223 6.20 26.52 34.41
C VAL F 223 7.50 27.30 34.26
N VAL F 224 7.72 27.89 33.10
CA VAL F 224 9.01 28.60 32.88
C VAL F 224 8.72 30.07 32.57
N SER F 225 7.60 30.35 31.88
CA SER F 225 7.33 31.73 31.42
C SER F 225 6.56 32.54 32.47
N GLY F 226 7.01 32.51 33.73
CA GLY F 226 6.37 33.37 34.75
C GLY F 226 4.88 33.20 34.91
N GLU F 227 4.20 34.28 35.31
CA GLU F 227 2.77 34.20 35.65
C GLU F 227 1.90 34.23 34.39
N SER F 228 1.67 33.05 33.83
CA SER F 228 0.78 32.93 32.65
C SER F 228 0.11 31.55 32.70
N MET F 229 -1.10 31.47 32.12
CA MET F 229 -1.82 30.18 32.07
C MET F 229 -2.29 29.94 30.63
N TYR F 230 -2.14 28.70 30.17
CA TYR F 230 -2.54 28.38 28.77
C TYR F 230 -3.45 27.16 28.73
N ALA F 231 -4.28 27.10 27.68
CA ALA F 231 -5.22 25.97 27.51
C ALA F 231 -5.23 25.50 26.06
N TRP F 232 -5.09 24.20 25.86
CA TRP F 232 -5.15 23.64 24.50
C TRP F 232 -6.56 23.81 23.94
N ALA F 233 -6.68 24.62 22.90
CA ALA F 233 -8.00 24.81 22.28
C ALA F 233 -8.20 23.72 21.21
N PRO F 234 -9.44 23.29 20.96
CA PRO F 234 -9.71 22.17 20.01
C PRO F 234 -9.55 22.63 18.56
N LEU F 235 -8.34 23.09 18.21
CA LEU F 235 -8.06 23.45 16.81
C LEU F 235 -6.55 23.42 16.60
N VAL F 236 -6.13 23.41 15.34
CA VAL F 236 -4.68 23.46 15.01
C VAL F 236 -4.51 24.57 13.97
N SER F 237 -4.55 25.82 14.42
CA SER F 237 -4.43 26.97 13.50
C SER F 237 -3.07 26.94 12.81
N VAL F 238 -3.11 26.92 11.48
CA VAL F 238 -1.84 26.95 10.69
C VAL F 238 -1.76 28.31 9.99
N ALA F 239 -2.49 29.31 10.48
CA ALA F 239 -2.47 30.64 9.85
C ALA F 239 -1.15 31.35 10.15
N PRO F 240 -0.60 32.11 9.20
CA PRO F 240 0.59 32.95 9.48
C PRO F 240 0.22 34.01 10.49
N THR F 241 1.22 34.51 11.23
CA THR F 241 0.96 35.54 12.27
C THR F 241 1.77 36.77 11.93
N PRO F 242 1.23 37.72 11.16
CA PRO F 242 1.94 38.99 10.88
C PRO F 242 2.18 39.79 12.17
N VAL F 243 1.23 39.72 13.10
CA VAL F 243 1.35 40.50 14.36
C VAL F 243 1.76 39.54 15.48
N ARG F 244 2.98 39.67 15.99
CA ARG F 244 3.37 38.88 17.18
C ARG F 244 3.88 39.86 18.24
N GLU F 245 3.38 39.70 19.46
CA GLU F 245 3.77 40.62 20.55
C GLU F 245 4.76 39.85 21.42
N ARG F 246 5.90 40.46 21.68
CA ARG F 246 6.94 39.73 22.45
C ARG F 246 6.49 39.47 23.88
N ILE F 247 6.58 38.19 24.26
CA ILE F 247 6.30 37.86 25.68
C ILE F 247 7.36 38.58 26.52
N CYS F 248 7.14 38.68 27.83
CA CYS F 248 8.06 39.39 28.78
C CYS F 248 7.78 40.90 28.69
N ASP F 249 6.86 41.32 27.81
CA ASP F 249 6.44 42.74 27.69
C ASP F 249 4.93 42.74 27.38
N ALA F 250 4.14 42.20 28.29
CA ALA F 250 2.69 42.09 28.00
C ALA F 250 1.90 42.47 29.24
N PRO F 251 0.76 43.13 29.05
CA PRO F 251 -0.04 43.63 30.18
C PRO F 251 -0.80 42.53 30.91
N VAL F 252 -1.37 42.89 32.05
CA VAL F 252 -2.22 41.92 32.77
C VAL F 252 -3.53 41.77 31.98
N GLY F 253 -3.90 40.52 31.69
CA GLY F 253 -5.08 40.29 30.85
C GLY F 253 -4.74 40.03 29.40
N ARG F 254 -3.48 39.75 29.09
CA ARG F 254 -3.10 39.61 27.67
C ARG F 254 -3.51 38.23 27.13
N LEU F 255 -4.16 38.24 25.96
CA LEU F 255 -4.53 36.98 25.28
C LEU F 255 -3.54 36.74 24.13
N ARG F 256 -2.79 35.65 24.21
CA ARG F 256 -1.86 35.26 23.12
C ARG F 256 -2.25 33.84 22.70
N PHE F 257 -2.20 33.56 21.40
CA PHE F 257 -2.52 32.19 20.92
C PHE F 257 -1.31 31.65 20.16
N SER F 258 -0.39 30.99 20.88
CA SER F 258 0.77 30.36 20.22
C SER F 258 0.33 29.06 19.55
N GLN F 259 0.84 28.78 18.35
CA GLN F 259 0.48 27.52 17.64
C GLN F 259 1.76 26.72 17.38
N ALA F 260 2.89 27.40 17.19
CA ALA F 260 4.17 26.71 16.91
C ALA F 260 4.49 25.70 18.02
N THR F 261 4.46 26.15 19.28
CA THR F 261 4.79 25.26 20.41
C THR F 261 3.58 24.41 20.76
N GLY F 262 2.50 24.53 19.97
CA GLY F 262 1.26 23.79 20.26
C GLY F 262 0.10 24.76 20.36
N ASN F 263 -0.87 24.66 19.44
CA ASN F 263 -2.03 25.58 19.43
C ASN F 263 -2.55 25.73 20.87
N LYS F 264 -2.52 26.95 21.41
CA LYS F 264 -2.92 27.11 22.83
C LYS F 264 -3.32 28.55 23.16
N VAL F 265 -4.48 28.73 23.79
CA VAL F 265 -4.88 30.09 24.27
C VAL F 265 -3.97 30.40 25.46
N ILE F 266 -3.57 31.66 25.63
CA ILE F 266 -2.61 31.99 26.72
C ILE F 266 -3.07 33.29 27.37
N VAL F 267 -3.32 33.23 28.67
CA VAL F 267 -3.79 34.43 29.40
C VAL F 267 -2.72 34.80 30.43
N GLN F 268 -2.09 35.95 30.22
CA GLN F 268 -1.08 36.41 31.19
C GLN F 268 -1.74 37.29 32.25
N TYR F 269 -1.54 36.95 33.51
CA TYR F 269 -2.14 37.73 34.63
C TYR F 269 -1.05 38.39 35.48
N GLY F 270 0.22 38.23 35.12
CA GLY F 270 1.29 38.81 35.94
C GLY F 270 2.62 38.83 35.21
N PRO F 271 3.73 39.06 35.91
CA PRO F 271 5.05 39.17 35.25
C PRO F 271 5.41 37.88 34.53
N THR F 272 5.96 38.01 33.31
CA THR F 272 6.41 36.83 32.53
C THR F 272 7.84 37.07 32.07
N THR F 273 8.60 35.98 31.88
CA THR F 273 10.03 36.14 31.55
C THR F 273 10.38 35.67 30.14
N GLU F 274 9.55 34.88 29.48
CA GLU F 274 9.94 34.37 28.14
C GLU F 274 10.16 35.56 27.21
N THR F 275 11.31 35.62 26.54
CA THR F 275 11.64 36.81 25.72
C THR F 275 11.29 36.61 24.26
N LEU F 276 10.41 35.66 23.96
CA LEU F 276 10.03 35.39 22.56
C LEU F 276 8.76 36.11 22.16
N SER F 277 8.59 36.29 20.85
CA SER F 277 7.37 36.98 20.34
C SER F 277 6.35 35.90 19.95
N SER F 278 5.15 35.98 20.53
CA SER F 278 4.05 35.01 20.28
C SER F 278 2.89 35.71 19.58
N PRO F 279 2.07 34.99 18.80
CA PRO F 279 0.95 35.61 18.08
C PRO F 279 -0.01 36.32 19.02
N VAL F 280 -0.63 37.38 18.50
CA VAL F 280 -1.57 38.21 19.32
C VAL F 280 -3.01 37.77 19.08
N LEU F 281 -3.73 37.51 20.18
CA LEU F 281 -5.17 37.15 20.06
C LEU F 281 -6.06 38.29 20.58
N GLY F 282 -5.68 38.93 21.68
CA GLY F 282 -6.56 39.98 22.24
C GLY F 282 -6.15 40.38 23.64
N LYS F 283 -7.13 40.80 24.45
CA LYS F 283 -6.84 41.21 25.85
C LYS F 283 -8.13 41.16 26.69
N VAL F 284 -8.03 40.78 27.96
CA VAL F 284 -9.21 40.79 28.88
C VAL F 284 -9.39 42.23 29.39
N VAL F 285 -10.62 42.73 29.41
CA VAL F 285 -10.86 44.10 29.97
C VAL F 285 -10.18 44.18 31.35
N ASP F 286 -9.47 45.28 31.62
CA ASP F 286 -8.77 45.44 32.93
C ASP F 286 -9.75 45.19 34.06
N SER F 287 -11.02 45.59 33.89
CA SER F 287 -12.06 45.40 34.94
C SER F 287 -12.14 43.92 35.34
N HIS F 288 -11.77 43.01 34.42
CA HIS F 288 -11.83 41.55 34.72
C HIS F 288 -10.41 40.97 34.69
N ALA F 289 -9.45 41.74 34.18
CA ALA F 289 -8.04 41.27 34.14
C ALA F 289 -7.48 41.21 35.56
N ASP F 290 -8.10 41.91 36.50
CA ASP F 290 -7.67 41.86 37.92
C ASP F 290 -7.98 40.48 38.49
N ARG F 291 -9.16 39.93 38.20
CA ARG F 291 -9.57 38.61 38.73
C ARG F 291 -8.57 37.54 38.27
N LEU F 292 -7.91 37.76 37.13
CA LEU F 292 -6.95 36.77 36.58
C LEU F 292 -5.86 36.45 37.62
N ALA F 293 -5.51 37.42 38.46
CA ALA F 293 -4.52 37.16 39.54
C ALA F 293 -5.04 36.05 40.45
N GLU F 294 -6.24 36.25 41.03
CA GLU F 294 -6.82 35.23 41.93
C GLU F 294 -6.83 33.86 41.25
N VAL F 295 -7.42 33.75 40.07
CA VAL F 295 -7.51 32.44 39.39
C VAL F 295 -6.13 31.98 38.90
N GLY F 296 -5.12 32.85 38.98
CA GLY F 296 -3.79 32.47 38.48
C GLY F 296 -3.05 31.68 39.53
N LYS F 297 -3.26 32.03 40.80
CA LYS F 297 -2.68 31.20 41.87
C LYS F 297 -3.38 29.84 41.88
N ALA F 298 -4.68 29.80 41.58
CA ALA F 298 -5.41 28.52 41.64
C ALA F 298 -4.93 27.56 40.53
N VAL F 299 -4.74 28.06 39.32
CA VAL F 299 -4.25 27.15 38.25
C VAL F 299 -2.77 26.79 38.55
N TRP F 300 -2.04 27.67 39.20
CA TRP F 300 -0.65 27.35 39.57
C TRP F 300 -0.60 26.24 40.60
N GLU F 301 -1.37 26.40 41.68
CA GLU F 301 -1.34 25.37 42.75
C GLU F 301 -1.85 24.03 42.21
N SER F 302 -2.72 24.07 41.21
CA SER F 302 -3.20 22.81 40.60
C SER F 302 -2.13 22.21 39.70
N THR F 303 -1.64 22.96 38.72
CA THR F 303 -0.64 22.44 37.78
C THR F 303 0.65 22.06 38.48
N PHE F 304 1.03 22.80 39.51
CA PHE F 304 2.36 22.52 40.13
C PHE F 304 2.28 21.41 41.17
N SER F 305 1.26 21.40 42.02
CA SER F 305 1.30 20.44 43.16
C SER F 305 -0.02 19.71 43.37
N SER F 306 -1.10 20.45 43.60
CA SER F 306 -2.38 19.82 44.01
C SER F 306 -2.95 18.89 42.93
N LYS F 307 -2.75 19.23 41.65
CA LYS F 307 -3.30 18.41 40.54
C LYS F 307 -4.84 18.41 40.59
N GLU F 308 -5.43 19.50 41.06
CA GLU F 308 -6.90 19.57 41.20
C GLU F 308 -7.53 20.00 39.87
N PRO F 309 -8.68 19.46 39.45
CA PRO F 309 -9.24 19.77 38.12
C PRO F 309 -9.79 21.19 38.04
N VAL F 310 -9.10 22.06 37.29
CA VAL F 310 -9.63 23.43 37.06
C VAL F 310 -9.94 23.55 35.56
N TRP F 311 -11.23 23.64 35.23
CA TRP F 311 -11.65 23.73 33.81
C TRP F 311 -11.90 25.16 33.39
N LEU F 312 -11.68 25.44 32.10
CA LEU F 312 -11.95 26.79 31.56
C LEU F 312 -12.92 26.64 30.38
N THR F 313 -13.96 27.47 30.36
CA THR F 313 -14.92 27.48 29.24
C THR F 313 -14.86 28.83 28.56
N VAL F 314 -14.50 28.84 27.28
CA VAL F 314 -14.48 30.12 26.52
C VAL F 314 -15.68 30.11 25.54
N GLU F 315 -16.40 31.22 25.50
CA GLU F 315 -17.58 31.28 24.61
C GLU F 315 -17.66 32.66 23.96
N ARG F 316 -18.48 32.75 22.91
CA ARG F 316 -18.55 34.00 22.12
C ARG F 316 -19.72 34.90 22.53
N LEU F 317 -19.45 36.21 22.67
CA LEU F 317 -20.52 37.20 22.95
C LEU F 317 -20.82 38.08 21.71
#